data_4ET7
# 
_entry.id   4ET7 
# 
_audit_conform.dict_name       mmcif_pdbx.dic 
_audit_conform.dict_version    5.397 
_audit_conform.dict_location   http://mmcif.pdb.org/dictionaries/ascii/mmcif_pdbx.dic 
# 
loop_
_database_2.database_id 
_database_2.database_code 
_database_2.pdbx_database_accession 
_database_2.pdbx_DOI 
PDB   4ET7         pdb_00004et7 10.2210/pdb4et7/pdb 
RCSB  RCSB072038   ?            ?                   
WWPDB D_1000072038 ?            ?                   
# 
loop_
_pdbx_audit_revision_history.ordinal 
_pdbx_audit_revision_history.data_content_type 
_pdbx_audit_revision_history.major_revision 
_pdbx_audit_revision_history.minor_revision 
_pdbx_audit_revision_history.revision_date 
1 'Structure model' 1 0 2013-05-22 
2 'Structure model' 1 1 2023-11-08 
3 'Structure model' 1 2 2024-10-16 
# 
_pdbx_audit_revision_details.ordinal             1 
_pdbx_audit_revision_details.revision_ordinal    1 
_pdbx_audit_revision_details.data_content_type   'Structure model' 
_pdbx_audit_revision_details.provider            repository 
_pdbx_audit_revision_details.type                'Initial release' 
_pdbx_audit_revision_details.description         ? 
_pdbx_audit_revision_details.details             ? 
# 
loop_
_pdbx_audit_revision_group.ordinal 
_pdbx_audit_revision_group.revision_ordinal 
_pdbx_audit_revision_group.data_content_type 
_pdbx_audit_revision_group.group 
1 2 'Structure model' 'Data collection'        
2 2 'Structure model' 'Database references'    
3 2 'Structure model' 'Refinement description' 
4 3 'Structure model' 'Structure summary'      
# 
loop_
_pdbx_audit_revision_category.ordinal 
_pdbx_audit_revision_category.revision_ordinal 
_pdbx_audit_revision_category.data_content_type 
_pdbx_audit_revision_category.category 
1 2 'Structure model' chem_comp_atom                
2 2 'Structure model' chem_comp_bond                
3 2 'Structure model' database_2                    
4 2 'Structure model' pdbx_initial_refinement_model 
5 2 'Structure model' struct_ref_seq_dif            
6 3 'Structure model' pdbx_entry_details            
7 3 'Structure model' pdbx_modification_feature     
# 
loop_
_pdbx_audit_revision_item.ordinal 
_pdbx_audit_revision_item.revision_ordinal 
_pdbx_audit_revision_item.data_content_type 
_pdbx_audit_revision_item.item 
1 2 'Structure model' '_database_2.pdbx_DOI'                         
2 2 'Structure model' '_database_2.pdbx_database_accession'          
3 2 'Structure model' '_struct_ref_seq_dif.details'                  
4 3 'Structure model' '_pdbx_entry_details.has_protein_modification' 
# 
_pdbx_database_status.status_code                     REL 
_pdbx_database_status.entry_id                        4ET7 
_pdbx_database_status.deposit_site                    RCSB 
_pdbx_database_status.process_site                    PDBJ 
_pdbx_database_status.SG_entry                        ? 
_pdbx_database_status.methods_development_category    ? 
_pdbx_database_status.recvd_initial_deposition_date   2012-04-24 
_pdbx_database_status.status_code_sf                  REL 
_pdbx_database_status.status_code_mr                  ? 
_pdbx_database_status.status_code_cs                  ? 
_pdbx_database_status.pdb_format_compatible           Y 
_pdbx_database_status.status_code_nmr_data            ? 
# 
_pdbx_database_related.db_name        PDB 
_pdbx_database_related.db_id          3CKH 
_pdbx_database_related.details        'The same sub-class protein' 
_pdbx_database_related.content_type   unspecified 
# 
loop_
_audit_author.name 
_audit_author.pdbx_ordinal 
'Shi, J.H.'  1 
'Zhu, W.L.'  2 
'Song, J.X.' 3 
# 
_citation.id                        primary 
_citation.title                     'Crystal structure of Eph receptor 5' 
_citation.journal_abbrev            'To be Published' 
_citation.journal_volume            ? 
_citation.page_first                ? 
_citation.page_last                 ? 
_citation.year                      ? 
_citation.journal_id_ASTM           ? 
_citation.country                   ? 
_citation.journal_id_ISSN           ? 
_citation.journal_id_CSD            0353 
_citation.book_publisher            ? 
_citation.pdbx_database_id_PubMed   ? 
_citation.pdbx_database_id_DOI      ? 
# 
loop_
_citation_author.citation_id 
_citation_author.name 
_citation_author.ordinal 
_citation_author.identifier_ORCID 
primary 'Shi, J.H.'  1 ? 
primary 'Zhu, W.L.'  2 ? 
primary 'Song, J.X.' 3 ? 
# 
loop_
_entity.id 
_entity.type 
_entity.src_method 
_entity.pdbx_description 
_entity.formula_weight 
_entity.pdbx_number_of_molecules 
_entity.pdbx_ec 
_entity.pdbx_mutation 
_entity.pdbx_fragment 
_entity.details 
1 polymer man 'Ephrin type-A receptor 5' 20320.748 1  2.7.10.1 C233A 'UNP residues 59-235' ? 
2 water   nat water                      18.015    36 ?        ?     ?                     ? 
# 
_entity_name_com.entity_id   1 
_entity_name_com.name        'Brain-specific kinase, EPH homology kinase 1, EHK-1, EPH-like kinase 7, EK7, hEK7' 
# 
_entity_poly.entity_id                      1 
_entity_poly.type                           'polypeptide(L)' 
_entity_poly.nstd_linkage                   no 
_entity_poly.nstd_monomer                   no 
_entity_poly.pdbx_seq_one_letter_code       
;GSNEVNLLDSRTVMGDLGWIAFPKNGWEEIGEVDENYAPIHTYQVCKVMEQNQNNWLLTSWISNEGASRIFIELKFTLRD
CNSLPGGLGTCKETFNMYYFESDDQNGRNIKENQYIKIDTIAADESFTELDLGDRVMKLNTEVRDVGPLSKKGFYLAFQD
VGACIALVSVRVYYKEAPS
;
_entity_poly.pdbx_seq_one_letter_code_can   
;GSNEVNLLDSRTVMGDLGWIAFPKNGWEEIGEVDENYAPIHTYQVCKVMEQNQNNWLLTSWISNEGASRIFIELKFTLRD
CNSLPGGLGTCKETFNMYYFESDDQNGRNIKENQYIKIDTIAADESFTELDLGDRVMKLNTEVRDVGPLSKKGFYLAFQD
VGACIALVSVRVYYKEAPS
;
_entity_poly.pdbx_strand_id                 A 
_entity_poly.pdbx_target_identifier         ? 
# 
_pdbx_entity_nonpoly.entity_id   2 
_pdbx_entity_nonpoly.name        water 
_pdbx_entity_nonpoly.comp_id     HOH 
# 
loop_
_entity_poly_seq.entity_id 
_entity_poly_seq.num 
_entity_poly_seq.mon_id 
_entity_poly_seq.hetero 
1 1   GLY n 
1 2   SER n 
1 3   ASN n 
1 4   GLU n 
1 5   VAL n 
1 6   ASN n 
1 7   LEU n 
1 8   LEU n 
1 9   ASP n 
1 10  SER n 
1 11  ARG n 
1 12  THR n 
1 13  VAL n 
1 14  MET n 
1 15  GLY n 
1 16  ASP n 
1 17  LEU n 
1 18  GLY n 
1 19  TRP n 
1 20  ILE n 
1 21  ALA n 
1 22  PHE n 
1 23  PRO n 
1 24  LYS n 
1 25  ASN n 
1 26  GLY n 
1 27  TRP n 
1 28  GLU n 
1 29  GLU n 
1 30  ILE n 
1 31  GLY n 
1 32  GLU n 
1 33  VAL n 
1 34  ASP n 
1 35  GLU n 
1 36  ASN n 
1 37  TYR n 
1 38  ALA n 
1 39  PRO n 
1 40  ILE n 
1 41  HIS n 
1 42  THR n 
1 43  TYR n 
1 44  GLN n 
1 45  VAL n 
1 46  CYS n 
1 47  LYS n 
1 48  VAL n 
1 49  MET n 
1 50  GLU n 
1 51  GLN n 
1 52  ASN n 
1 53  GLN n 
1 54  ASN n 
1 55  ASN n 
1 56  TRP n 
1 57  LEU n 
1 58  LEU n 
1 59  THR n 
1 60  SER n 
1 61  TRP n 
1 62  ILE n 
1 63  SER n 
1 64  ASN n 
1 65  GLU n 
1 66  GLY n 
1 67  ALA n 
1 68  SER n 
1 69  ARG n 
1 70  ILE n 
1 71  PHE n 
1 72  ILE n 
1 73  GLU n 
1 74  LEU n 
1 75  LYS n 
1 76  PHE n 
1 77  THR n 
1 78  LEU n 
1 79  ARG n 
1 80  ASP n 
1 81  CYS n 
1 82  ASN n 
1 83  SER n 
1 84  LEU n 
1 85  PRO n 
1 86  GLY n 
1 87  GLY n 
1 88  LEU n 
1 89  GLY n 
1 90  THR n 
1 91  CYS n 
1 92  LYS n 
1 93  GLU n 
1 94  THR n 
1 95  PHE n 
1 96  ASN n 
1 97  MET n 
1 98  TYR n 
1 99  TYR n 
1 100 PHE n 
1 101 GLU n 
1 102 SER n 
1 103 ASP n 
1 104 ASP n 
1 105 GLN n 
1 106 ASN n 
1 107 GLY n 
1 108 ARG n 
1 109 ASN n 
1 110 ILE n 
1 111 LYS n 
1 112 GLU n 
1 113 ASN n 
1 114 GLN n 
1 115 TYR n 
1 116 ILE n 
1 117 LYS n 
1 118 ILE n 
1 119 ASP n 
1 120 THR n 
1 121 ILE n 
1 122 ALA n 
1 123 ALA n 
1 124 ASP n 
1 125 GLU n 
1 126 SER n 
1 127 PHE n 
1 128 THR n 
1 129 GLU n 
1 130 LEU n 
1 131 ASP n 
1 132 LEU n 
1 133 GLY n 
1 134 ASP n 
1 135 ARG n 
1 136 VAL n 
1 137 MET n 
1 138 LYS n 
1 139 LEU n 
1 140 ASN n 
1 141 THR n 
1 142 GLU n 
1 143 VAL n 
1 144 ARG n 
1 145 ASP n 
1 146 VAL n 
1 147 GLY n 
1 148 PRO n 
1 149 LEU n 
1 150 SER n 
1 151 LYS n 
1 152 LYS n 
1 153 GLY n 
1 154 PHE n 
1 155 TYR n 
1 156 LEU n 
1 157 ALA n 
1 158 PHE n 
1 159 GLN n 
1 160 ASP n 
1 161 VAL n 
1 162 GLY n 
1 163 ALA n 
1 164 CYS n 
1 165 ILE n 
1 166 ALA n 
1 167 LEU n 
1 168 VAL n 
1 169 SER n 
1 170 VAL n 
1 171 ARG n 
1 172 VAL n 
1 173 TYR n 
1 174 TYR n 
1 175 LYS n 
1 176 GLU n 
1 177 ALA n 
1 178 PRO n 
1 179 SER n 
# 
_entity_src_gen.entity_id                          1 
_entity_src_gen.pdbx_src_id                        1 
_entity_src_gen.pdbx_alt_source_flag               sample 
_entity_src_gen.pdbx_seq_type                      ? 
_entity_src_gen.pdbx_beg_seq_num                   ? 
_entity_src_gen.pdbx_end_seq_num                   ? 
_entity_src_gen.gene_src_common_name               human 
_entity_src_gen.gene_src_genus                     ? 
_entity_src_gen.pdbx_gene_src_gene                 'BSK, EHK1, EPHA5, HEK7, TYRO4' 
_entity_src_gen.gene_src_species                   ? 
_entity_src_gen.gene_src_strain                    ? 
_entity_src_gen.gene_src_tissue                    ? 
_entity_src_gen.gene_src_tissue_fraction           ? 
_entity_src_gen.gene_src_details                   ? 
_entity_src_gen.pdbx_gene_src_fragment             ? 
_entity_src_gen.pdbx_gene_src_scientific_name      'Homo sapiens' 
_entity_src_gen.pdbx_gene_src_ncbi_taxonomy_id     9606 
_entity_src_gen.pdbx_gene_src_variant              ? 
_entity_src_gen.pdbx_gene_src_cell_line            ? 
_entity_src_gen.pdbx_gene_src_atcc                 ? 
_entity_src_gen.pdbx_gene_src_organ                ? 
_entity_src_gen.pdbx_gene_src_organelle            ? 
_entity_src_gen.pdbx_gene_src_cell                 ? 
_entity_src_gen.pdbx_gene_src_cellular_location    ? 
_entity_src_gen.host_org_common_name               ? 
_entity_src_gen.pdbx_host_org_scientific_name      'Escherichia coli' 
_entity_src_gen.pdbx_host_org_ncbi_taxonomy_id     562 
_entity_src_gen.host_org_genus                     ? 
_entity_src_gen.pdbx_host_org_gene                 ? 
_entity_src_gen.pdbx_host_org_organ                ? 
_entity_src_gen.host_org_species                   ? 
_entity_src_gen.pdbx_host_org_tissue               ? 
_entity_src_gen.pdbx_host_org_tissue_fraction      ? 
_entity_src_gen.pdbx_host_org_strain               'Rosetta-gami (DE3)' 
_entity_src_gen.pdbx_host_org_variant              ? 
_entity_src_gen.pdbx_host_org_cell_line            ? 
_entity_src_gen.pdbx_host_org_atcc                 ? 
_entity_src_gen.pdbx_host_org_culture_collection   ? 
_entity_src_gen.pdbx_host_org_cell                 ? 
_entity_src_gen.pdbx_host_org_organelle            ? 
_entity_src_gen.pdbx_host_org_cellular_location    ? 
_entity_src_gen.pdbx_host_org_vector_type          plasmid 
_entity_src_gen.pdbx_host_org_vector               ? 
_entity_src_gen.host_org_details                   ? 
_entity_src_gen.expression_system_id               ? 
_entity_src_gen.plasmid_name                       pET32a 
_entity_src_gen.plasmid_details                    ? 
_entity_src_gen.pdbx_description                   ? 
# 
loop_
_chem_comp.id 
_chem_comp.type 
_chem_comp.mon_nstd_flag 
_chem_comp.name 
_chem_comp.pdbx_synonyms 
_chem_comp.formula 
_chem_comp.formula_weight 
ALA 'L-peptide linking' y ALANINE         ? 'C3 H7 N O2'     89.093  
ARG 'L-peptide linking' y ARGININE        ? 'C6 H15 N4 O2 1' 175.209 
ASN 'L-peptide linking' y ASPARAGINE      ? 'C4 H8 N2 O3'    132.118 
ASP 'L-peptide linking' y 'ASPARTIC ACID' ? 'C4 H7 N O4'     133.103 
CYS 'L-peptide linking' y CYSTEINE        ? 'C3 H7 N O2 S'   121.158 
GLN 'L-peptide linking' y GLUTAMINE       ? 'C5 H10 N2 O3'   146.144 
GLU 'L-peptide linking' y 'GLUTAMIC ACID' ? 'C5 H9 N O4'     147.129 
GLY 'peptide linking'   y GLYCINE         ? 'C2 H5 N O2'     75.067  
HIS 'L-peptide linking' y HISTIDINE       ? 'C6 H10 N3 O2 1' 156.162 
HOH non-polymer         . WATER           ? 'H2 O'           18.015  
ILE 'L-peptide linking' y ISOLEUCINE      ? 'C6 H13 N O2'    131.173 
LEU 'L-peptide linking' y LEUCINE         ? 'C6 H13 N O2'    131.173 
LYS 'L-peptide linking' y LYSINE          ? 'C6 H15 N2 O2 1' 147.195 
MET 'L-peptide linking' y METHIONINE      ? 'C5 H11 N O2 S'  149.211 
PHE 'L-peptide linking' y PHENYLALANINE   ? 'C9 H11 N O2'    165.189 
PRO 'L-peptide linking' y PROLINE         ? 'C5 H9 N O2'     115.130 
SER 'L-peptide linking' y SERINE          ? 'C3 H7 N O3'     105.093 
THR 'L-peptide linking' y THREONINE       ? 'C4 H9 N O3'     119.119 
TRP 'L-peptide linking' y TRYPTOPHAN      ? 'C11 H12 N2 O2'  204.225 
TYR 'L-peptide linking' y TYROSINE        ? 'C9 H11 N O3'    181.189 
VAL 'L-peptide linking' y VALINE          ? 'C5 H11 N O2'    117.146 
# 
loop_
_pdbx_poly_seq_scheme.asym_id 
_pdbx_poly_seq_scheme.entity_id 
_pdbx_poly_seq_scheme.seq_id 
_pdbx_poly_seq_scheme.mon_id 
_pdbx_poly_seq_scheme.ndb_seq_num 
_pdbx_poly_seq_scheme.pdb_seq_num 
_pdbx_poly_seq_scheme.auth_seq_num 
_pdbx_poly_seq_scheme.pdb_mon_id 
_pdbx_poly_seq_scheme.auth_mon_id 
_pdbx_poly_seq_scheme.pdb_strand_id 
_pdbx_poly_seq_scheme.pdb_ins_code 
_pdbx_poly_seq_scheme.hetero 
A 1 1   GLY 1   57  ?   ?   ?   A . n 
A 1 2   SER 2   58  ?   ?   ?   A . n 
A 1 3   ASN 3   59  59  ASN ASN A . n 
A 1 4   GLU 4   60  60  GLU GLU A . n 
A 1 5   VAL 5   61  61  VAL VAL A . n 
A 1 6   ASN 6   62  62  ASN ASN A . n 
A 1 7   LEU 7   63  63  LEU LEU A . n 
A 1 8   LEU 8   64  64  LEU LEU A . n 
A 1 9   ASP 9   65  65  ASP ASP A . n 
A 1 10  SER 10  66  66  SER SER A . n 
A 1 11  ARG 11  67  67  ARG ARG A . n 
A 1 12  THR 12  68  68  THR THR A . n 
A 1 13  VAL 13  69  69  VAL VAL A . n 
A 1 14  MET 14  70  70  MET MET A . n 
A 1 15  GLY 15  71  71  GLY GLY A . n 
A 1 16  ASP 16  72  72  ASP ASP A . n 
A 1 17  LEU 17  73  73  LEU LEU A . n 
A 1 18  GLY 18  74  74  GLY GLY A . n 
A 1 19  TRP 19  75  75  TRP TRP A . n 
A 1 20  ILE 20  76  76  ILE ILE A . n 
A 1 21  ALA 21  77  77  ALA ALA A . n 
A 1 22  PHE 22  78  78  PHE PHE A . n 
A 1 23  PRO 23  79  79  PRO PRO A . n 
A 1 24  LYS 24  80  80  LYS LYS A . n 
A 1 25  ASN 25  81  81  ASN ASN A . n 
A 1 26  GLY 26  82  82  GLY GLY A . n 
A 1 27  TRP 27  83  83  TRP TRP A . n 
A 1 28  GLU 28  84  84  GLU GLU A . n 
A 1 29  GLU 29  85  85  GLU GLU A . n 
A 1 30  ILE 30  86  86  ILE ILE A . n 
A 1 31  GLY 31  87  87  GLY GLY A . n 
A 1 32  GLU 32  88  88  GLU GLU A . n 
A 1 33  VAL 33  89  89  VAL VAL A . n 
A 1 34  ASP 34  90  90  ASP ASP A . n 
A 1 35  GLU 35  91  91  GLU GLU A . n 
A 1 36  ASN 36  92  92  ASN ASN A . n 
A 1 37  TYR 37  93  93  TYR TYR A . n 
A 1 38  ALA 38  94  94  ALA ALA A . n 
A 1 39  PRO 39  95  95  PRO PRO A . n 
A 1 40  ILE 40  96  96  ILE ILE A . n 
A 1 41  HIS 41  97  97  HIS HIS A . n 
A 1 42  THR 42  98  98  THR THR A . n 
A 1 43  TYR 43  99  99  TYR TYR A . n 
A 1 44  GLN 44  100 100 GLN GLN A . n 
A 1 45  VAL 45  101 101 VAL VAL A . n 
A 1 46  CYS 46  102 102 CYS CYS A . n 
A 1 47  LYS 47  103 103 LYS LYS A . n 
A 1 48  VAL 48  104 104 VAL VAL A . n 
A 1 49  MET 49  105 105 MET MET A . n 
A 1 50  GLU 50  106 106 GLU GLU A . n 
A 1 51  GLN 51  107 107 GLN GLN A . n 
A 1 52  ASN 52  108 108 ASN ASN A . n 
A 1 53  GLN 53  109 109 GLN GLN A . n 
A 1 54  ASN 54  110 110 ASN ASN A . n 
A 1 55  ASN 55  111 111 ASN ASN A . n 
A 1 56  TRP 56  112 112 TRP TRP A . n 
A 1 57  LEU 57  113 113 LEU LEU A . n 
A 1 58  LEU 58  114 114 LEU LEU A . n 
A 1 59  THR 59  115 115 THR THR A . n 
A 1 60  SER 60  116 116 SER SER A . n 
A 1 61  TRP 61  117 117 TRP TRP A . n 
A 1 62  ILE 62  118 118 ILE ILE A . n 
A 1 63  SER 63  119 119 SER SER A . n 
A 1 64  ASN 64  120 120 ASN ASN A . n 
A 1 65  GLU 65  121 121 GLU GLU A . n 
A 1 66  GLY 66  122 122 GLY GLY A . n 
A 1 67  ALA 67  123 123 ALA ALA A . n 
A 1 68  SER 68  124 124 SER SER A . n 
A 1 69  ARG 69  125 125 ARG ARG A . n 
A 1 70  ILE 70  126 126 ILE ILE A . n 
A 1 71  PHE 71  127 127 PHE PHE A . n 
A 1 72  ILE 72  128 128 ILE ILE A . n 
A 1 73  GLU 73  129 129 GLU GLU A . n 
A 1 74  LEU 74  130 130 LEU LEU A . n 
A 1 75  LYS 75  131 131 LYS LYS A . n 
A 1 76  PHE 76  132 132 PHE PHE A . n 
A 1 77  THR 77  133 133 THR THR A . n 
A 1 78  LEU 78  134 134 LEU LEU A . n 
A 1 79  ARG 79  135 135 ARG ARG A . n 
A 1 80  ASP 80  136 136 ASP ASP A . n 
A 1 81  CYS 81  137 137 CYS CYS A . n 
A 1 82  ASN 82  138 138 ASN ASN A . n 
A 1 83  SER 83  139 139 SER SER A . n 
A 1 84  LEU 84  140 140 LEU LEU A . n 
A 1 85  PRO 85  141 141 PRO PRO A . n 
A 1 86  GLY 86  142 142 GLY GLY A . n 
A 1 87  GLY 87  143 143 GLY GLY A . n 
A 1 88  LEU 88  144 144 LEU LEU A . n 
A 1 89  GLY 89  145 145 GLY GLY A . n 
A 1 90  THR 90  146 146 THR THR A . n 
A 1 91  CYS 91  147 147 CYS CYS A . n 
A 1 92  LYS 92  148 148 LYS LYS A . n 
A 1 93  GLU 93  149 149 GLU GLU A . n 
A 1 94  THR 94  150 150 THR THR A . n 
A 1 95  PHE 95  151 151 PHE PHE A . n 
A 1 96  ASN 96  152 152 ASN ASN A . n 
A 1 97  MET 97  153 153 MET MET A . n 
A 1 98  TYR 98  154 154 TYR TYR A . n 
A 1 99  TYR 99  155 155 TYR TYR A . n 
A 1 100 PHE 100 156 156 PHE PHE A . n 
A 1 101 GLU 101 157 157 GLU GLU A . n 
A 1 102 SER 102 158 158 SER SER A . n 
A 1 103 ASP 103 159 159 ASP ASP A . n 
A 1 104 ASP 104 160 160 ASP ASP A . n 
A 1 105 GLN 105 161 161 GLN GLN A . n 
A 1 106 ASN 106 162 162 ASN ASN A . n 
A 1 107 GLY 107 163 163 GLY GLY A . n 
A 1 108 ARG 108 164 164 ARG ARG A . n 
A 1 109 ASN 109 165 165 ASN ASN A . n 
A 1 110 ILE 110 166 166 ILE ILE A . n 
A 1 111 LYS 111 167 167 LYS LYS A . n 
A 1 112 GLU 112 168 168 GLU GLU A . n 
A 1 113 ASN 113 169 169 ASN ASN A . n 
A 1 114 GLN 114 170 170 GLN GLN A . n 
A 1 115 TYR 115 171 171 TYR TYR A . n 
A 1 116 ILE 116 172 172 ILE ILE A . n 
A 1 117 LYS 117 173 173 LYS LYS A . n 
A 1 118 ILE 118 174 174 ILE ILE A . n 
A 1 119 ASP 119 175 175 ASP ASP A . n 
A 1 120 THR 120 176 176 THR THR A . n 
A 1 121 ILE 121 177 177 ILE ILE A . n 
A 1 122 ALA 122 178 178 ALA ALA A . n 
A 1 123 ALA 123 179 179 ALA ALA A . n 
A 1 124 ASP 124 180 180 ASP ASP A . n 
A 1 125 GLU 125 181 181 GLU GLU A . n 
A 1 126 SER 126 182 182 SER SER A . n 
A 1 127 PHE 127 183 183 PHE PHE A . n 
A 1 128 THR 128 184 184 THR THR A . n 
A 1 129 GLU 129 185 185 GLU GLU A . n 
A 1 130 LEU 130 186 186 LEU LEU A . n 
A 1 131 ASP 131 187 187 ASP ASP A . n 
A 1 132 LEU 132 188 188 LEU LEU A . n 
A 1 133 GLY 133 189 189 GLY GLY A . n 
A 1 134 ASP 134 190 190 ASP ASP A . n 
A 1 135 ARG 135 191 191 ARG ARG A . n 
A 1 136 VAL 136 192 192 VAL VAL A . n 
A 1 137 MET 137 193 193 MET MET A . n 
A 1 138 LYS 138 194 194 LYS LYS A . n 
A 1 139 LEU 139 195 195 LEU LEU A . n 
A 1 140 ASN 140 196 196 ASN ASN A . n 
A 1 141 THR 141 197 197 THR THR A . n 
A 1 142 GLU 142 198 198 GLU GLU A . n 
A 1 143 VAL 143 199 199 VAL VAL A . n 
A 1 144 ARG 144 200 200 ARG ARG A . n 
A 1 145 ASP 145 201 201 ASP ASP A . n 
A 1 146 VAL 146 202 202 VAL VAL A . n 
A 1 147 GLY 147 203 203 GLY GLY A . n 
A 1 148 PRO 148 204 204 PRO PRO A . n 
A 1 149 LEU 149 205 205 LEU LEU A . n 
A 1 150 SER 150 206 206 SER SER A . n 
A 1 151 LYS 151 207 207 LYS LYS A . n 
A 1 152 LYS 152 208 208 LYS LYS A . n 
A 1 153 GLY 153 209 209 GLY GLY A . n 
A 1 154 PHE 154 210 210 PHE PHE A . n 
A 1 155 TYR 155 211 211 TYR TYR A . n 
A 1 156 LEU 156 212 212 LEU LEU A . n 
A 1 157 ALA 157 213 213 ALA ALA A . n 
A 1 158 PHE 158 214 214 PHE PHE A . n 
A 1 159 GLN 159 215 215 GLN GLN A . n 
A 1 160 ASP 160 216 216 ASP ASP A . n 
A 1 161 VAL 161 217 217 VAL VAL A . n 
A 1 162 GLY 162 218 218 GLY GLY A . n 
A 1 163 ALA 163 219 219 ALA ALA A . n 
A 1 164 CYS 164 220 220 CYS CYS A . n 
A 1 165 ILE 165 221 221 ILE ILE A . n 
A 1 166 ALA 166 222 222 ALA ALA A . n 
A 1 167 LEU 167 223 223 LEU LEU A . n 
A 1 168 VAL 168 224 224 VAL VAL A . n 
A 1 169 SER 169 225 225 SER SER A . n 
A 1 170 VAL 170 226 226 VAL VAL A . n 
A 1 171 ARG 171 227 227 ARG ARG A . n 
A 1 172 VAL 172 228 228 VAL VAL A . n 
A 1 173 TYR 173 229 229 TYR TYR A . n 
A 1 174 TYR 174 230 230 TYR TYR A . n 
A 1 175 LYS 175 231 231 LYS LYS A . n 
A 1 176 GLU 176 232 232 GLU GLU A . n 
A 1 177 ALA 177 233 ?   ?   ?   A . n 
A 1 178 PRO 178 234 ?   ?   ?   A . n 
A 1 179 SER 179 235 ?   ?   ?   A . n 
# 
loop_
_pdbx_nonpoly_scheme.asym_id 
_pdbx_nonpoly_scheme.entity_id 
_pdbx_nonpoly_scheme.mon_id 
_pdbx_nonpoly_scheme.ndb_seq_num 
_pdbx_nonpoly_scheme.pdb_seq_num 
_pdbx_nonpoly_scheme.auth_seq_num 
_pdbx_nonpoly_scheme.pdb_mon_id 
_pdbx_nonpoly_scheme.auth_mon_id 
_pdbx_nonpoly_scheme.pdb_strand_id 
_pdbx_nonpoly_scheme.pdb_ins_code 
B 2 HOH 1  301 1  HOH HOH A . 
B 2 HOH 2  302 2  HOH HOH A . 
B 2 HOH 3  303 3  HOH HOH A . 
B 2 HOH 4  304 4  HOH HOH A . 
B 2 HOH 5  305 5  HOH HOH A . 
B 2 HOH 6  306 6  HOH HOH A . 
B 2 HOH 7  307 7  HOH HOH A . 
B 2 HOH 8  308 8  HOH HOH A . 
B 2 HOH 9  309 9  HOH HOH A . 
B 2 HOH 10 310 10 HOH HOH A . 
B 2 HOH 11 311 11 HOH HOH A . 
B 2 HOH 12 312 12 HOH HOH A . 
B 2 HOH 13 313 13 HOH HOH A . 
B 2 HOH 14 314 14 HOH HOH A . 
B 2 HOH 15 315 15 HOH HOH A . 
B 2 HOH 16 316 16 HOH HOH A . 
B 2 HOH 17 317 17 HOH HOH A . 
B 2 HOH 18 318 18 HOH HOH A . 
B 2 HOH 19 319 19 HOH HOH A . 
B 2 HOH 20 320 20 HOH HOH A . 
B 2 HOH 21 321 21 HOH HOH A . 
B 2 HOH 22 322 22 HOH HOH A . 
B 2 HOH 23 323 23 HOH HOH A . 
B 2 HOH 24 324 24 HOH HOH A . 
B 2 HOH 25 325 25 HOH HOH A . 
B 2 HOH 26 326 26 HOH HOH A . 
B 2 HOH 27 327 27 HOH HOH A . 
B 2 HOH 28 328 28 HOH HOH A . 
B 2 HOH 29 329 29 HOH HOH A . 
B 2 HOH 30 330 30 HOH HOH A . 
B 2 HOH 31 331 31 HOH HOH A . 
B 2 HOH 32 332 32 HOH HOH A . 
B 2 HOH 33 333 33 HOH HOH A . 
B 2 HOH 34 334 34 HOH HOH A . 
B 2 HOH 35 335 35 HOH HOH A . 
B 2 HOH 36 336 36 HOH HOH A . 
# 
loop_
_software.name 
_software.classification 
_software.version 
_software.citation_id 
_software.pdbx_ordinal 
PHENIX         refinement        '(phenix.refine)' ? 1 
'PROTEUM PLUS' 'data collection' PLUS              ? 2 
SAINT          'data reduction'  .                 ? 3 
'PROTEUM PLUS' 'data scaling'    PLUS              ? 4 
PHASES         phasing           .                 ? 5 
# 
_cell.entry_id           4ET7 
_cell.length_a           55.040 
_cell.length_b           82.721 
_cell.length_c           81.166 
_cell.angle_alpha        90.00 
_cell.angle_beta         90.00 
_cell.angle_gamma        90.00 
_cell.Z_PDB              8 
_cell.pdbx_unique_axis   ? 
_cell.length_a_esd       ? 
_cell.length_b_esd       ? 
_cell.length_c_esd       ? 
_cell.angle_alpha_esd    ? 
_cell.angle_beta_esd     ? 
_cell.angle_gamma_esd    ? 
# 
_symmetry.entry_id                         4ET7 
_symmetry.space_group_name_H-M             'C 2 2 21' 
_symmetry.pdbx_full_space_group_name_H-M   ? 
_symmetry.cell_setting                     ? 
_symmetry.Int_Tables_number                20 
_symmetry.space_group_name_Hall            ? 
# 
_exptl.entry_id          4ET7 
_exptl.method            'X-RAY DIFFRACTION' 
_exptl.crystals_number   1 
# 
_exptl_crystal.id                    1 
_exptl_crystal.density_meas          ? 
_exptl_crystal.density_Matthews      2.27 
_exptl_crystal.density_percent_sol   45.89 
_exptl_crystal.description           ? 
_exptl_crystal.F_000                 ? 
_exptl_crystal.preparation           ? 
# 
_exptl_crystal_grow.crystal_id      1 
_exptl_crystal_grow.method          'VAPOR DIFFUSION, HANGING DROP' 
_exptl_crystal_grow.temp            298 
_exptl_crystal_grow.temp_details    ? 
_exptl_crystal_grow.pH              7.5 
_exptl_crystal_grow.pdbx_details    '2M ammonium sulfate, 0.1M Tris-HCl pH 8.5, VAPOR DIFFUSION, HANGING DROP, temperature 298K' 
_exptl_crystal_grow.pdbx_pH_range   . 
# 
_diffrn.id                     1 
_diffrn.ambient_temp           110 
_diffrn.ambient_temp_details   ? 
_diffrn.crystal_id             1 
# 
_diffrn_detector.diffrn_id              1 
_diffrn_detector.detector               CCD 
_diffrn_detector.type                   'Bruker Platinum 135' 
_diffrn_detector.pdbx_collection_date   2008-06-26 
_diffrn_detector.details                ? 
# 
_diffrn_radiation.diffrn_id                        1 
_diffrn_radiation.wavelength_id                    1 
_diffrn_radiation.pdbx_monochromatic_or_laue_m_l   M 
_diffrn_radiation.monochromator                    ? 
_diffrn_radiation.pdbx_diffrn_protocol             'SINGLE WAVELENGTH' 
_diffrn_radiation.pdbx_scattering_type             x-ray 
# 
_diffrn_radiation_wavelength.id           1 
_diffrn_radiation_wavelength.wavelength   1.5418 
_diffrn_radiation_wavelength.wt           1.0 
# 
_diffrn_source.diffrn_id                   1 
_diffrn_source.source                      'ROTATING ANODE' 
_diffrn_source.type                        'BRUKER AXS MICROSTAR' 
_diffrn_source.pdbx_synchrotron_site       ? 
_diffrn_source.pdbx_synchrotron_beamline   ? 
_diffrn_source.pdbx_wavelength             ? 
_diffrn_source.pdbx_wavelength_list        1.5418 
# 
_reflns.entry_id                     4ET7 
_reflns.observed_criterion_sigma_F   2.0 
_reflns.observed_criterion_sigma_I   0 
_reflns.d_resolution_high            2.6 
_reflns.d_resolution_low             41.361 
_reflns.number_all                   5833 
_reflns.number_obs                   5385 
_reflns.percent_possible_obs         99.98 
_reflns.pdbx_Rmerge_I_obs            ? 
_reflns.pdbx_Rsym_value              0.134 
_reflns.pdbx_netI_over_sigmaI        1.60 
_reflns.B_iso_Wilson_estimate        ? 
_reflns.pdbx_redundancy              23.12 
_reflns.R_free_details               ? 
_reflns.limit_h_max                  ? 
_reflns.limit_h_min                  ? 
_reflns.limit_k_max                  ? 
_reflns.limit_k_min                  ? 
_reflns.limit_l_max                  ? 
_reflns.limit_l_min                  ? 
_reflns.observed_criterion_F_max     ? 
_reflns.observed_criterion_F_min     ? 
_reflns.pdbx_chi_squared             ? 
_reflns.pdbx_scaling_rejects         ? 
_reflns.pdbx_ordinal                 1 
_reflns.pdbx_diffrn_id               1 
# 
_refine.entry_id                                 4ET7 
_refine.ls_number_reflns_obs                     5385 
_refine.ls_number_reflns_all                     5559 
_refine.pdbx_ls_sigma_I                          ? 
_refine.pdbx_ls_sigma_F                          2.01 
_refine.pdbx_data_cutoff_high_absF               ? 
_refine.pdbx_data_cutoff_low_absF                ? 
_refine.pdbx_data_cutoff_high_rms_absF           ? 
_refine.ls_d_res_low                             20.68 
_refine.ls_d_res_high                            2.6 
_refine.ls_percent_reflns_obs                    90.63 
_refine.ls_R_factor_obs                          0.212 
_refine.ls_R_factor_all                          0.2194 
_refine.ls_R_factor_R_work                       0.2049 
_refine.ls_R_factor_R_free                       0.2824 
_refine.ls_R_factor_R_free_error                 ? 
_refine.ls_R_factor_R_free_error_details         ? 
_refine.ls_percent_reflns_R_free                 9.99 
_refine.ls_number_reflns_R_free                  538 
_refine.ls_number_parameters                     ? 
_refine.ls_number_restraints                     ? 
_refine.occupancy_min                            1.00 
_refine.occupancy_max                            1.00 
_refine.correlation_coeff_Fo_to_Fc               ? 
_refine.correlation_coeff_Fo_to_Fc_free          ? 
_refine.B_iso_mean                               31.347 
_refine.solvent_model_param_bsol                 28.606 
_refine.solvent_model_param_ksol                 0.362 
_refine.aniso_B[1][1]                            -5.191 
_refine.aniso_B[2][2]                            15.266 
_refine.aniso_B[3][3]                            -10.075 
_refine.aniso_B[1][2]                            0.000 
_refine.aniso_B[1][3]                            -0.000 
_refine.aniso_B[2][3]                            0.000 
_refine.overall_SU_ML                            0.430 
_refine.solvent_model_details                    'FLAT BULK SOLVENT MODEL' 
_refine.pdbx_solvent_vdw_probe_radii             1.000 
_refine.pdbx_solvent_ion_probe_radii             ? 
_refine.pdbx_solvent_shrinkage_radii             0.800 
_refine.pdbx_ls_cross_valid_method               THROUGHOUT 
_refine.details                                  
;THE STRUCTURE FACTOR FILE INCLUDES THE REFLECTIONS UNTIL 2.08 A BUT AUTHOR DID NOT USE THE DATA FOR RESOLUTION 2.6-2.08A, THAT IS NOT GOOD FOR REFINEMENT.
;
_refine.pdbx_starting_model                      'PDB ENTRY 3CKH' 
_refine.pdbx_method_to_determine_struct          'MOLECULAR REPLACEMENT' 
_refine.pdbx_isotropic_thermal_model             ? 
_refine.pdbx_stereochemistry_target_values       ML 
_refine.pdbx_stereochem_target_val_spec_case     ? 
_refine.pdbx_R_Free_selection_details            RANDOM 
_refine.pdbx_overall_ESU_R                       ? 
_refine.pdbx_overall_ESU_R_Free                  ? 
_refine.overall_SU_B                             ? 
_refine.ls_redundancy_reflns_obs                 ? 
_refine.B_iso_max                                139.26 
_refine.B_iso_min                                9.38 
_refine.overall_SU_R_Cruickshank_DPI             ? 
_refine.overall_SU_R_free                        ? 
_refine.ls_wR_factor_R_free                      ? 
_refine.ls_wR_factor_R_work                      ? 
_refine.overall_FOM_free_R_set                   ? 
_refine.overall_FOM_work_R_set                   ? 
_refine.pdbx_overall_phase_error                 28.210 
_refine.pdbx_diffrn_id                           1 
_refine.pdbx_refine_id                           'X-RAY DIFFRACTION' 
_refine.pdbx_TLS_residual_ADP_flag               ? 
_refine.pdbx_overall_SU_R_free_Cruickshank_DPI   ? 
_refine.pdbx_overall_SU_R_Blow_DPI               ? 
_refine.pdbx_overall_SU_R_free_Blow_DPI          ? 
# 
_refine_hist.pdbx_refine_id                   'X-RAY DIFFRACTION' 
_refine_hist.cycle_id                         LAST 
_refine_hist.pdbx_number_atoms_protein        1399 
_refine_hist.pdbx_number_atoms_nucleic_acid   0 
_refine_hist.pdbx_number_atoms_ligand         0 
_refine_hist.number_atoms_solvent             36 
_refine_hist.number_atoms_total               1435 
_refine_hist.d_res_high                       2.6 
_refine_hist.d_res_low                        20.68 
# 
loop_
_refine_ls_restr.type 
_refine_ls_restr.number 
_refine_ls_restr.dev_ideal 
_refine_ls_restr.dev_ideal_target 
_refine_ls_restr.weight 
_refine_ls_restr.pdbx_restraint_function 
_refine_ls_restr.pdbx_refine_id 
f_bond_d           1429 0.007  ? ? ? 'X-RAY DIFFRACTION' 
f_angle_d          1931 1.141  ? ? ? 'X-RAY DIFFRACTION' 
f_chiral_restr     208  0.081  ? ? ? 'X-RAY DIFFRACTION' 
f_plane_restr      252  0.003  ? ? ? 'X-RAY DIFFRACTION' 
f_dihedral_angle_d 515  19.319 ? ? ? 'X-RAY DIFFRACTION' 
# 
loop_
_refine_ls_shell.d_res_high 
_refine_ls_shell.d_res_low 
_refine_ls_shell.pdbx_total_number_of_bins_used 
_refine_ls_shell.percent_reflns_obs 
_refine_ls_shell.number_reflns_R_work 
_refine_ls_shell.R_factor_all 
_refine_ls_shell.R_factor_R_work 
_refine_ls_shell.R_factor_R_free 
_refine_ls_shell.percent_reflns_R_free 
_refine_ls_shell.number_reflns_R_free 
_refine_ls_shell.R_factor_R_free_error 
_refine_ls_shell.number_reflns_all 
_refine_ls_shell.number_reflns_obs 
_refine_ls_shell.redundancy_reflns_obs 
_refine_ls_shell.pdbx_refine_id 
2.600 2.861  4 83.000 1085 . 0.221 0.324 . 124 . 1209 . . 'X-RAY DIFFRACTION' 
2.861 3.274  4 88.000 1171 . 0.222 0.334 . 128 . 1299 . . 'X-RAY DIFFRACTION' 
3.274 4.119  4 94.000 1248 . 0.200 0.276 . 137 . 1385 . . 'X-RAY DIFFRACTION' 
4.119 20.681 4 97.000 1343 . 0.187 0.233 . 149 . 1492 . . 'X-RAY DIFFRACTION' 
# 
_struct.entry_id                  4ET7 
_struct.title                     'Crystal structure of Eph receptor 5' 
_struct.pdbx_model_details        ? 
_struct.pdbx_CASP_flag            ? 
_struct.pdbx_model_type_details   ? 
# 
_struct_keywords.entry_id        4ET7 
_struct_keywords.pdbx_keywords   TRANSFERASE 
_struct_keywords.text            
'eph receptor, ATP-binding, Glycoprotein, Nucleotide-binding, Phosphoprotein, Transferase, Transmembrane, Tyrosine-protein kinase' 
# 
loop_
_struct_asym.id 
_struct_asym.pdbx_blank_PDB_chainid_flag 
_struct_asym.pdbx_modified 
_struct_asym.entity_id 
_struct_asym.details 
A N N 1 ? 
B N N 2 ? 
# 
_struct_ref.id                         1 
_struct_ref.db_name                    UNP 
_struct_ref.db_code                    EPHA5_HUMAN 
_struct_ref.pdbx_db_accession          P54756 
_struct_ref.entity_id                  1 
_struct_ref.pdbx_seq_one_letter_code   
;NEVNLLDSRTVMGDLGWIAFPKNGWEEIGEVDENYAPIHTYQVCKVMEQNQNNWLLTSWISNEGASRIFIELKFTLRDCN
SLPGGLGTCKETFNMYYFESDDQNGRNIKENQYIKIDTIAADESFTELDLGDRVMKLNTEVRDVGPLSKKGFYLAFQDVG
ACIALVSVRVYYKKCPS
;
_struct_ref.pdbx_align_begin           59 
_struct_ref.pdbx_db_isoform            ? 
# 
_struct_ref_seq.align_id                      1 
_struct_ref_seq.ref_id                        1 
_struct_ref_seq.pdbx_PDB_id_code              4ET7 
_struct_ref_seq.pdbx_strand_id                A 
_struct_ref_seq.seq_align_beg                 3 
_struct_ref_seq.pdbx_seq_align_beg_ins_code   ? 
_struct_ref_seq.seq_align_end                 179 
_struct_ref_seq.pdbx_seq_align_end_ins_code   ? 
_struct_ref_seq.pdbx_db_accession             P54756 
_struct_ref_seq.db_align_beg                  59 
_struct_ref_seq.pdbx_db_align_beg_ins_code    ? 
_struct_ref_seq.db_align_end                  235 
_struct_ref_seq.pdbx_db_align_end_ins_code    ? 
_struct_ref_seq.pdbx_auth_seq_align_beg       59 
_struct_ref_seq.pdbx_auth_seq_align_end       235 
# 
loop_
_struct_ref_seq_dif.align_id 
_struct_ref_seq_dif.pdbx_pdb_id_code 
_struct_ref_seq_dif.mon_id 
_struct_ref_seq_dif.pdbx_pdb_strand_id 
_struct_ref_seq_dif.seq_num 
_struct_ref_seq_dif.pdbx_pdb_ins_code 
_struct_ref_seq_dif.pdbx_seq_db_name 
_struct_ref_seq_dif.pdbx_seq_db_accession_code 
_struct_ref_seq_dif.db_mon_id 
_struct_ref_seq_dif.pdbx_seq_db_seq_num 
_struct_ref_seq_dif.details 
_struct_ref_seq_dif.pdbx_auth_seq_num 
_struct_ref_seq_dif.pdbx_ordinal 
1 4ET7 GLY A 1   ? UNP P54756 ?   ?   'expression tag'      57  1 
1 4ET7 SER A 2   ? UNP P54756 ?   ?   'expression tag'      58  2 
1 4ET7 GLU A 176 ? UNP P54756 LYS 232 'SEE REMARK 999'      232 3 
1 4ET7 ALA A 177 ? UNP P54756 CYS 233 'engineered mutation' 233 4 
# 
_pdbx_struct_assembly.id                   1 
_pdbx_struct_assembly.details              author_and_software_defined_assembly 
_pdbx_struct_assembly.method_details       PISA 
_pdbx_struct_assembly.oligomeric_details   monomeric 
_pdbx_struct_assembly.oligomeric_count     1 
# 
_pdbx_struct_assembly_gen.assembly_id       1 
_pdbx_struct_assembly_gen.oper_expression   1 
_pdbx_struct_assembly_gen.asym_id_list      A,B 
# 
_pdbx_struct_oper_list.id                   1 
_pdbx_struct_oper_list.type                 'identity operation' 
_pdbx_struct_oper_list.name                 1_555 
_pdbx_struct_oper_list.symmetry_operation   x,y,z 
_pdbx_struct_oper_list.matrix[1][1]         1.0000000000 
_pdbx_struct_oper_list.matrix[1][2]         0.0000000000 
_pdbx_struct_oper_list.matrix[1][3]         0.0000000000 
_pdbx_struct_oper_list.vector[1]            0.0000000000 
_pdbx_struct_oper_list.matrix[2][1]         0.0000000000 
_pdbx_struct_oper_list.matrix[2][2]         1.0000000000 
_pdbx_struct_oper_list.matrix[2][3]         0.0000000000 
_pdbx_struct_oper_list.vector[2]            0.0000000000 
_pdbx_struct_oper_list.matrix[3][1]         0.0000000000 
_pdbx_struct_oper_list.matrix[3][2]         0.0000000000 
_pdbx_struct_oper_list.matrix[3][3]         1.0000000000 
_pdbx_struct_oper_list.vector[3]            0.0000000000 
# 
_struct_biol.id        1 
_struct_biol.details   ? 
# 
loop_
_struct_conf.conf_type_id 
_struct_conf.id 
_struct_conf.pdbx_PDB_helix_id 
_struct_conf.beg_label_comp_id 
_struct_conf.beg_label_asym_id 
_struct_conf.beg_label_seq_id 
_struct_conf.pdbx_beg_PDB_ins_code 
_struct_conf.end_label_comp_id 
_struct_conf.end_label_asym_id 
_struct_conf.end_label_seq_id 
_struct_conf.pdbx_end_PDB_ins_code 
_struct_conf.beg_auth_comp_id 
_struct_conf.beg_auth_asym_id 
_struct_conf.beg_auth_seq_id 
_struct_conf.end_auth_comp_id 
_struct_conf.end_auth_asym_id 
_struct_conf.end_auth_seq_id 
_struct_conf.pdbx_PDB_helix_class 
_struct_conf.details 
_struct_conf.pdbx_PDB_helix_length 
HELX_P HELX_P1 1 ASP A 80  ? LEU A 84  ? ASP A 136 LEU A 140 5 ? 5 
HELX_P HELX_P2 2 ASN A 109 ? ASN A 113 ? ASN A 165 ASN A 169 5 ? 5 
# 
_struct_conf_type.id          HELX_P 
_struct_conf_type.criteria    ? 
_struct_conf_type.reference   ? 
# 
loop_
_struct_conn.id 
_struct_conn.conn_type_id 
_struct_conn.pdbx_leaving_atom_flag 
_struct_conn.pdbx_PDB_id 
_struct_conn.ptnr1_label_asym_id 
_struct_conn.ptnr1_label_comp_id 
_struct_conn.ptnr1_label_seq_id 
_struct_conn.ptnr1_label_atom_id 
_struct_conn.pdbx_ptnr1_label_alt_id 
_struct_conn.pdbx_ptnr1_PDB_ins_code 
_struct_conn.pdbx_ptnr1_standard_comp_id 
_struct_conn.ptnr1_symmetry 
_struct_conn.ptnr2_label_asym_id 
_struct_conn.ptnr2_label_comp_id 
_struct_conn.ptnr2_label_seq_id 
_struct_conn.ptnr2_label_atom_id 
_struct_conn.pdbx_ptnr2_label_alt_id 
_struct_conn.pdbx_ptnr2_PDB_ins_code 
_struct_conn.ptnr1_auth_asym_id 
_struct_conn.ptnr1_auth_comp_id 
_struct_conn.ptnr1_auth_seq_id 
_struct_conn.ptnr2_auth_asym_id 
_struct_conn.ptnr2_auth_comp_id 
_struct_conn.ptnr2_auth_seq_id 
_struct_conn.ptnr2_symmetry 
_struct_conn.pdbx_ptnr3_label_atom_id 
_struct_conn.pdbx_ptnr3_label_seq_id 
_struct_conn.pdbx_ptnr3_label_comp_id 
_struct_conn.pdbx_ptnr3_label_asym_id 
_struct_conn.pdbx_ptnr3_label_alt_id 
_struct_conn.pdbx_ptnr3_PDB_ins_code 
_struct_conn.details 
_struct_conn.pdbx_dist_value 
_struct_conn.pdbx_value_order 
_struct_conn.pdbx_role 
disulf1 disulf ? ? A CYS 46 SG ? ? ? 1_555 A CYS 164 SG ? ? A CYS 102 A CYS 220 1_555 ? ? ? ? ? ? ? 2.043 ? ? 
disulf2 disulf ? ? A CYS 81 SG ? ? ? 1_555 A CYS 91  SG ? ? A CYS 137 A CYS 147 1_555 ? ? ? ? ? ? ? 2.043 ? ? 
# 
_struct_conn_type.id          disulf 
_struct_conn_type.criteria    ? 
_struct_conn_type.reference   ? 
# 
loop_
_pdbx_modification_feature.ordinal 
_pdbx_modification_feature.label_comp_id 
_pdbx_modification_feature.label_asym_id 
_pdbx_modification_feature.label_seq_id 
_pdbx_modification_feature.label_alt_id 
_pdbx_modification_feature.modified_residue_label_comp_id 
_pdbx_modification_feature.modified_residue_label_asym_id 
_pdbx_modification_feature.modified_residue_label_seq_id 
_pdbx_modification_feature.modified_residue_label_alt_id 
_pdbx_modification_feature.auth_comp_id 
_pdbx_modification_feature.auth_asym_id 
_pdbx_modification_feature.auth_seq_id 
_pdbx_modification_feature.PDB_ins_code 
_pdbx_modification_feature.symmetry 
_pdbx_modification_feature.modified_residue_auth_comp_id 
_pdbx_modification_feature.modified_residue_auth_asym_id 
_pdbx_modification_feature.modified_residue_auth_seq_id 
_pdbx_modification_feature.modified_residue_PDB_ins_code 
_pdbx_modification_feature.modified_residue_symmetry 
_pdbx_modification_feature.comp_id_linking_atom 
_pdbx_modification_feature.modified_residue_id_linking_atom 
_pdbx_modification_feature.modified_residue_id 
_pdbx_modification_feature.ref_pcm_id 
_pdbx_modification_feature.ref_comp_id 
_pdbx_modification_feature.type 
_pdbx_modification_feature.category 
1 CYS A 46 ? CYS A 164 ? CYS A 102 ? 1_555 CYS A 220 ? 1_555 SG SG . . . None 'Disulfide bridge' 
2 CYS A 81 ? CYS A 91  ? CYS A 137 ? 1_555 CYS A 147 ? 1_555 SG SG . . . None 'Disulfide bridge' 
# 
_struct_mon_prot_cis.pdbx_id                1 
_struct_mon_prot_cis.label_comp_id          PHE 
_struct_mon_prot_cis.label_seq_id           22 
_struct_mon_prot_cis.label_asym_id          A 
_struct_mon_prot_cis.label_alt_id           . 
_struct_mon_prot_cis.pdbx_PDB_ins_code      ? 
_struct_mon_prot_cis.auth_comp_id           PHE 
_struct_mon_prot_cis.auth_seq_id            78 
_struct_mon_prot_cis.auth_asym_id           A 
_struct_mon_prot_cis.pdbx_label_comp_id_2   PRO 
_struct_mon_prot_cis.pdbx_label_seq_id_2    23 
_struct_mon_prot_cis.pdbx_label_asym_id_2   A 
_struct_mon_prot_cis.pdbx_PDB_ins_code_2    ? 
_struct_mon_prot_cis.pdbx_auth_comp_id_2    PRO 
_struct_mon_prot_cis.pdbx_auth_seq_id_2     79 
_struct_mon_prot_cis.pdbx_auth_asym_id_2    A 
_struct_mon_prot_cis.pdbx_PDB_model_num     1 
_struct_mon_prot_cis.pdbx_omega_angle       3.30 
# 
loop_
_struct_sheet.id 
_struct_sheet.type 
_struct_sheet.number_strands 
_struct_sheet.details 
A ? 4 ? 
B ? 4 ? 
C ? 4 ? 
D ? 5 ? 
# 
loop_
_struct_sheet_order.sheet_id 
_struct_sheet_order.range_id_1 
_struct_sheet_order.range_id_2 
_struct_sheet_order.offset 
_struct_sheet_order.sense 
A 1 2 ? anti-parallel 
A 2 3 ? anti-parallel 
A 3 4 ? anti-parallel 
B 1 2 ? anti-parallel 
B 2 3 ? anti-parallel 
B 3 4 ? anti-parallel 
C 1 2 ? anti-parallel 
C 2 3 ? anti-parallel 
C 3 4 ? anti-parallel 
D 1 2 ? anti-parallel 
D 2 3 ? anti-parallel 
D 3 4 ? anti-parallel 
D 4 5 ? anti-parallel 
# 
loop_
_struct_sheet_range.sheet_id 
_struct_sheet_range.id 
_struct_sheet_range.beg_label_comp_id 
_struct_sheet_range.beg_label_asym_id 
_struct_sheet_range.beg_label_seq_id 
_struct_sheet_range.pdbx_beg_PDB_ins_code 
_struct_sheet_range.end_label_comp_id 
_struct_sheet_range.end_label_asym_id 
_struct_sheet_range.end_label_seq_id 
_struct_sheet_range.pdbx_end_PDB_ins_code 
_struct_sheet_range.beg_auth_comp_id 
_struct_sheet_range.beg_auth_asym_id 
_struct_sheet_range.beg_auth_seq_id 
_struct_sheet_range.end_auth_comp_id 
_struct_sheet_range.end_auth_asym_id 
_struct_sheet_range.end_auth_seq_id 
A 1 VAL A 5   ? ASP A 9   ? VAL A 61  ASP A 65  
A 2 ILE A 165 ? TYR A 174 ? ILE A 221 TYR A 230 
A 3 PRO A 39  ? VAL A 45  ? PRO A 95  VAL A 101 
A 4 GLU A 28  ? VAL A 33  ? GLU A 84  VAL A 89  
B 1 VAL A 5   ? ASP A 9   ? VAL A 61  ASP A 65  
B 2 ILE A 165 ? TYR A 174 ? ILE A 221 TYR A 230 
B 3 ILE A 70  ? LEU A 78  ? ILE A 126 LEU A 134 
B 4 ASN A 140 ? VAL A 146 ? ASN A 196 VAL A 202 
C 1 ILE A 20  ? PHE A 22  ? ILE A 76  PHE A 78  
C 2 ASN A 55  ? LEU A 58  ? ASN A 111 LEU A 114 
C 3 GLY A 153 ? ASP A 160 ? GLY A 209 ASP A 216 
C 4 ILE A 62  ? SER A 63  ? ILE A 118 SER A 119 
D 1 ILE A 20  ? PHE A 22  ? ILE A 76  PHE A 78  
D 2 ASN A 55  ? LEU A 58  ? ASN A 111 LEU A 114 
D 3 GLY A 153 ? ASP A 160 ? GLY A 209 ASP A 216 
D 4 THR A 94  ? GLU A 101 ? THR A 150 GLU A 157 
D 5 ILE A 116 ? ALA A 122 ? ILE A 172 ALA A 178 
# 
loop_
_pdbx_struct_sheet_hbond.sheet_id 
_pdbx_struct_sheet_hbond.range_id_1 
_pdbx_struct_sheet_hbond.range_id_2 
_pdbx_struct_sheet_hbond.range_1_label_atom_id 
_pdbx_struct_sheet_hbond.range_1_label_comp_id 
_pdbx_struct_sheet_hbond.range_1_label_asym_id 
_pdbx_struct_sheet_hbond.range_1_label_seq_id 
_pdbx_struct_sheet_hbond.range_1_PDB_ins_code 
_pdbx_struct_sheet_hbond.range_1_auth_atom_id 
_pdbx_struct_sheet_hbond.range_1_auth_comp_id 
_pdbx_struct_sheet_hbond.range_1_auth_asym_id 
_pdbx_struct_sheet_hbond.range_1_auth_seq_id 
_pdbx_struct_sheet_hbond.range_2_label_atom_id 
_pdbx_struct_sheet_hbond.range_2_label_comp_id 
_pdbx_struct_sheet_hbond.range_2_label_asym_id 
_pdbx_struct_sheet_hbond.range_2_label_seq_id 
_pdbx_struct_sheet_hbond.range_2_PDB_ins_code 
_pdbx_struct_sheet_hbond.range_2_auth_atom_id 
_pdbx_struct_sheet_hbond.range_2_auth_comp_id 
_pdbx_struct_sheet_hbond.range_2_auth_asym_id 
_pdbx_struct_sheet_hbond.range_2_auth_seq_id 
A 1 2 N LEU A 7   ? N LEU A 63  O VAL A 172 ? O VAL A 228 
A 2 3 O LEU A 167 ? O LEU A 223 N TYR A 43  ? N TYR A 99  
A 3 4 O ILE A 40  ? O ILE A 96  N GLU A 32  ? N GLU A 88  
B 1 2 N LEU A 7   ? N LEU A 63  O VAL A 172 ? O VAL A 228 
B 2 3 O ARG A 171 ? O ARG A 227 N GLU A 73  ? N GLU A 129 
B 3 4 N ILE A 72  ? N ILE A 128 O ARG A 144 ? O ARG A 200 
C 1 2 N PHE A 22  ? N PHE A 78  O TRP A 56  ? O TRP A 112 
C 2 3 N ASN A 55  ? N ASN A 111 O ASP A 160 ? O ASP A 216 
C 3 4 O PHE A 154 ? O PHE A 210 N ILE A 62  ? N ILE A 118 
D 1 2 N PHE A 22  ? N PHE A 78  O TRP A 56  ? O TRP A 112 
D 2 3 N ASN A 55  ? N ASN A 111 O ASP A 160 ? O ASP A 216 
D 3 4 O ALA A 157 ? O ALA A 213 N TYR A 98  ? N TYR A 154 
D 4 5 N MET A 97  ? N MET A 153 O ILE A 118 ? O ILE A 174 
# 
_pdbx_entry_details.entry_id                   4ET7 
_pdbx_entry_details.compound_details           ? 
_pdbx_entry_details.source_details             ? 
_pdbx_entry_details.nonpolymer_details         ? 
_pdbx_entry_details.sequence_details           
'THE PROTEIN SEQUENCE IS DERIVED FROM THE EPHA5 ISOFORM B (NP_872272) WHICH HAS GLU AT POSITION 232.' 
_pdbx_entry_details.has_ligand_of_interest     ? 
_pdbx_entry_details.has_protein_modification   Y 
# 
loop_
_pdbx_validate_torsion.id 
_pdbx_validate_torsion.PDB_model_num 
_pdbx_validate_torsion.auth_comp_id 
_pdbx_validate_torsion.auth_asym_id 
_pdbx_validate_torsion.auth_seq_id 
_pdbx_validate_torsion.PDB_ins_code 
_pdbx_validate_torsion.label_alt_id 
_pdbx_validate_torsion.phi 
_pdbx_validate_torsion.psi 
1  1 ASN A 81  ? ? -68.05  -175.42 
2  1 CYS A 102 ? ? -149.79 56.56   
3  1 LYS A 103 ? ? -91.81  57.50   
4  1 GLU A 106 ? ? -97.28  -145.82 
5  1 SER A 124 ? ? -135.50 -33.44  
6  1 ASP A 160 ? ? -44.48  105.58  
7  1 ASN A 165 ? ? -105.22 -78.84  
8  1 ILE A 166 ? ? -35.99  -35.38  
9  1 GLU A 168 ? ? -110.27 79.33   
10 1 GLU A 185 ? ? -67.43  6.43    
11 1 ASP A 187 ? ? -19.21  145.35  
12 1 SER A 206 ? ? -96.20  -69.38  
13 1 LYS A 207 ? ? -69.95  -168.92 
# 
loop_
_pdbx_unobs_or_zero_occ_residues.id 
_pdbx_unobs_or_zero_occ_residues.PDB_model_num 
_pdbx_unobs_or_zero_occ_residues.polymer_flag 
_pdbx_unobs_or_zero_occ_residues.occupancy_flag 
_pdbx_unobs_or_zero_occ_residues.auth_asym_id 
_pdbx_unobs_or_zero_occ_residues.auth_comp_id 
_pdbx_unobs_or_zero_occ_residues.auth_seq_id 
_pdbx_unobs_or_zero_occ_residues.PDB_ins_code 
_pdbx_unobs_or_zero_occ_residues.label_asym_id 
_pdbx_unobs_or_zero_occ_residues.label_comp_id 
_pdbx_unobs_or_zero_occ_residues.label_seq_id 
1 1 Y 1 A GLY 57  ? A GLY 1   
2 1 Y 1 A SER 58  ? A SER 2   
3 1 Y 1 A ALA 233 ? A ALA 177 
4 1 Y 1 A PRO 234 ? A PRO 178 
5 1 Y 1 A SER 235 ? A SER 179 
# 
loop_
_chem_comp_atom.comp_id 
_chem_comp_atom.atom_id 
_chem_comp_atom.type_symbol 
_chem_comp_atom.pdbx_aromatic_flag 
_chem_comp_atom.pdbx_stereo_config 
_chem_comp_atom.pdbx_ordinal 
ALA N    N N N 1   
ALA CA   C N S 2   
ALA C    C N N 3   
ALA O    O N N 4   
ALA CB   C N N 5   
ALA OXT  O N N 6   
ALA H    H N N 7   
ALA H2   H N N 8   
ALA HA   H N N 9   
ALA HB1  H N N 10  
ALA HB2  H N N 11  
ALA HB3  H N N 12  
ALA HXT  H N N 13  
ARG N    N N N 14  
ARG CA   C N S 15  
ARG C    C N N 16  
ARG O    O N N 17  
ARG CB   C N N 18  
ARG CG   C N N 19  
ARG CD   C N N 20  
ARG NE   N N N 21  
ARG CZ   C N N 22  
ARG NH1  N N N 23  
ARG NH2  N N N 24  
ARG OXT  O N N 25  
ARG H    H N N 26  
ARG H2   H N N 27  
ARG HA   H N N 28  
ARG HB2  H N N 29  
ARG HB3  H N N 30  
ARG HG2  H N N 31  
ARG HG3  H N N 32  
ARG HD2  H N N 33  
ARG HD3  H N N 34  
ARG HE   H N N 35  
ARG HH11 H N N 36  
ARG HH12 H N N 37  
ARG HH21 H N N 38  
ARG HH22 H N N 39  
ARG HXT  H N N 40  
ASN N    N N N 41  
ASN CA   C N S 42  
ASN C    C N N 43  
ASN O    O N N 44  
ASN CB   C N N 45  
ASN CG   C N N 46  
ASN OD1  O N N 47  
ASN ND2  N N N 48  
ASN OXT  O N N 49  
ASN H    H N N 50  
ASN H2   H N N 51  
ASN HA   H N N 52  
ASN HB2  H N N 53  
ASN HB3  H N N 54  
ASN HD21 H N N 55  
ASN HD22 H N N 56  
ASN HXT  H N N 57  
ASP N    N N N 58  
ASP CA   C N S 59  
ASP C    C N N 60  
ASP O    O N N 61  
ASP CB   C N N 62  
ASP CG   C N N 63  
ASP OD1  O N N 64  
ASP OD2  O N N 65  
ASP OXT  O N N 66  
ASP H    H N N 67  
ASP H2   H N N 68  
ASP HA   H N N 69  
ASP HB2  H N N 70  
ASP HB3  H N N 71  
ASP HD2  H N N 72  
ASP HXT  H N N 73  
CYS N    N N N 74  
CYS CA   C N R 75  
CYS C    C N N 76  
CYS O    O N N 77  
CYS CB   C N N 78  
CYS SG   S N N 79  
CYS OXT  O N N 80  
CYS H    H N N 81  
CYS H2   H N N 82  
CYS HA   H N N 83  
CYS HB2  H N N 84  
CYS HB3  H N N 85  
CYS HG   H N N 86  
CYS HXT  H N N 87  
GLN N    N N N 88  
GLN CA   C N S 89  
GLN C    C N N 90  
GLN O    O N N 91  
GLN CB   C N N 92  
GLN CG   C N N 93  
GLN CD   C N N 94  
GLN OE1  O N N 95  
GLN NE2  N N N 96  
GLN OXT  O N N 97  
GLN H    H N N 98  
GLN H2   H N N 99  
GLN HA   H N N 100 
GLN HB2  H N N 101 
GLN HB3  H N N 102 
GLN HG2  H N N 103 
GLN HG3  H N N 104 
GLN HE21 H N N 105 
GLN HE22 H N N 106 
GLN HXT  H N N 107 
GLU N    N N N 108 
GLU CA   C N S 109 
GLU C    C N N 110 
GLU O    O N N 111 
GLU CB   C N N 112 
GLU CG   C N N 113 
GLU CD   C N N 114 
GLU OE1  O N N 115 
GLU OE2  O N N 116 
GLU OXT  O N N 117 
GLU H    H N N 118 
GLU H2   H N N 119 
GLU HA   H N N 120 
GLU HB2  H N N 121 
GLU HB3  H N N 122 
GLU HG2  H N N 123 
GLU HG3  H N N 124 
GLU HE2  H N N 125 
GLU HXT  H N N 126 
GLY N    N N N 127 
GLY CA   C N N 128 
GLY C    C N N 129 
GLY O    O N N 130 
GLY OXT  O N N 131 
GLY H    H N N 132 
GLY H2   H N N 133 
GLY HA2  H N N 134 
GLY HA3  H N N 135 
GLY HXT  H N N 136 
HIS N    N N N 137 
HIS CA   C N S 138 
HIS C    C N N 139 
HIS O    O N N 140 
HIS CB   C N N 141 
HIS CG   C Y N 142 
HIS ND1  N Y N 143 
HIS CD2  C Y N 144 
HIS CE1  C Y N 145 
HIS NE2  N Y N 146 
HIS OXT  O N N 147 
HIS H    H N N 148 
HIS H2   H N N 149 
HIS HA   H N N 150 
HIS HB2  H N N 151 
HIS HB3  H N N 152 
HIS HD1  H N N 153 
HIS HD2  H N N 154 
HIS HE1  H N N 155 
HIS HE2  H N N 156 
HIS HXT  H N N 157 
HOH O    O N N 158 
HOH H1   H N N 159 
HOH H2   H N N 160 
ILE N    N N N 161 
ILE CA   C N S 162 
ILE C    C N N 163 
ILE O    O N N 164 
ILE CB   C N S 165 
ILE CG1  C N N 166 
ILE CG2  C N N 167 
ILE CD1  C N N 168 
ILE OXT  O N N 169 
ILE H    H N N 170 
ILE H2   H N N 171 
ILE HA   H N N 172 
ILE HB   H N N 173 
ILE HG12 H N N 174 
ILE HG13 H N N 175 
ILE HG21 H N N 176 
ILE HG22 H N N 177 
ILE HG23 H N N 178 
ILE HD11 H N N 179 
ILE HD12 H N N 180 
ILE HD13 H N N 181 
ILE HXT  H N N 182 
LEU N    N N N 183 
LEU CA   C N S 184 
LEU C    C N N 185 
LEU O    O N N 186 
LEU CB   C N N 187 
LEU CG   C N N 188 
LEU CD1  C N N 189 
LEU CD2  C N N 190 
LEU OXT  O N N 191 
LEU H    H N N 192 
LEU H2   H N N 193 
LEU HA   H N N 194 
LEU HB2  H N N 195 
LEU HB3  H N N 196 
LEU HG   H N N 197 
LEU HD11 H N N 198 
LEU HD12 H N N 199 
LEU HD13 H N N 200 
LEU HD21 H N N 201 
LEU HD22 H N N 202 
LEU HD23 H N N 203 
LEU HXT  H N N 204 
LYS N    N N N 205 
LYS CA   C N S 206 
LYS C    C N N 207 
LYS O    O N N 208 
LYS CB   C N N 209 
LYS CG   C N N 210 
LYS CD   C N N 211 
LYS CE   C N N 212 
LYS NZ   N N N 213 
LYS OXT  O N N 214 
LYS H    H N N 215 
LYS H2   H N N 216 
LYS HA   H N N 217 
LYS HB2  H N N 218 
LYS HB3  H N N 219 
LYS HG2  H N N 220 
LYS HG3  H N N 221 
LYS HD2  H N N 222 
LYS HD3  H N N 223 
LYS HE2  H N N 224 
LYS HE3  H N N 225 
LYS HZ1  H N N 226 
LYS HZ2  H N N 227 
LYS HZ3  H N N 228 
LYS HXT  H N N 229 
MET N    N N N 230 
MET CA   C N S 231 
MET C    C N N 232 
MET O    O N N 233 
MET CB   C N N 234 
MET CG   C N N 235 
MET SD   S N N 236 
MET CE   C N N 237 
MET OXT  O N N 238 
MET H    H N N 239 
MET H2   H N N 240 
MET HA   H N N 241 
MET HB2  H N N 242 
MET HB3  H N N 243 
MET HG2  H N N 244 
MET HG3  H N N 245 
MET HE1  H N N 246 
MET HE2  H N N 247 
MET HE3  H N N 248 
MET HXT  H N N 249 
PHE N    N N N 250 
PHE CA   C N S 251 
PHE C    C N N 252 
PHE O    O N N 253 
PHE CB   C N N 254 
PHE CG   C Y N 255 
PHE CD1  C Y N 256 
PHE CD2  C Y N 257 
PHE CE1  C Y N 258 
PHE CE2  C Y N 259 
PHE CZ   C Y N 260 
PHE OXT  O N N 261 
PHE H    H N N 262 
PHE H2   H N N 263 
PHE HA   H N N 264 
PHE HB2  H N N 265 
PHE HB3  H N N 266 
PHE HD1  H N N 267 
PHE HD2  H N N 268 
PHE HE1  H N N 269 
PHE HE2  H N N 270 
PHE HZ   H N N 271 
PHE HXT  H N N 272 
PRO N    N N N 273 
PRO CA   C N S 274 
PRO C    C N N 275 
PRO O    O N N 276 
PRO CB   C N N 277 
PRO CG   C N N 278 
PRO CD   C N N 279 
PRO OXT  O N N 280 
PRO H    H N N 281 
PRO HA   H N N 282 
PRO HB2  H N N 283 
PRO HB3  H N N 284 
PRO HG2  H N N 285 
PRO HG3  H N N 286 
PRO HD2  H N N 287 
PRO HD3  H N N 288 
PRO HXT  H N N 289 
SER N    N N N 290 
SER CA   C N S 291 
SER C    C N N 292 
SER O    O N N 293 
SER CB   C N N 294 
SER OG   O N N 295 
SER OXT  O N N 296 
SER H    H N N 297 
SER H2   H N N 298 
SER HA   H N N 299 
SER HB2  H N N 300 
SER HB3  H N N 301 
SER HG   H N N 302 
SER HXT  H N N 303 
THR N    N N N 304 
THR CA   C N S 305 
THR C    C N N 306 
THR O    O N N 307 
THR CB   C N R 308 
THR OG1  O N N 309 
THR CG2  C N N 310 
THR OXT  O N N 311 
THR H    H N N 312 
THR H2   H N N 313 
THR HA   H N N 314 
THR HB   H N N 315 
THR HG1  H N N 316 
THR HG21 H N N 317 
THR HG22 H N N 318 
THR HG23 H N N 319 
THR HXT  H N N 320 
TRP N    N N N 321 
TRP CA   C N S 322 
TRP C    C N N 323 
TRP O    O N N 324 
TRP CB   C N N 325 
TRP CG   C Y N 326 
TRP CD1  C Y N 327 
TRP CD2  C Y N 328 
TRP NE1  N Y N 329 
TRP CE2  C Y N 330 
TRP CE3  C Y N 331 
TRP CZ2  C Y N 332 
TRP CZ3  C Y N 333 
TRP CH2  C Y N 334 
TRP OXT  O N N 335 
TRP H    H N N 336 
TRP H2   H N N 337 
TRP HA   H N N 338 
TRP HB2  H N N 339 
TRP HB3  H N N 340 
TRP HD1  H N N 341 
TRP HE1  H N N 342 
TRP HE3  H N N 343 
TRP HZ2  H N N 344 
TRP HZ3  H N N 345 
TRP HH2  H N N 346 
TRP HXT  H N N 347 
TYR N    N N N 348 
TYR CA   C N S 349 
TYR C    C N N 350 
TYR O    O N N 351 
TYR CB   C N N 352 
TYR CG   C Y N 353 
TYR CD1  C Y N 354 
TYR CD2  C Y N 355 
TYR CE1  C Y N 356 
TYR CE2  C Y N 357 
TYR CZ   C Y N 358 
TYR OH   O N N 359 
TYR OXT  O N N 360 
TYR H    H N N 361 
TYR H2   H N N 362 
TYR HA   H N N 363 
TYR HB2  H N N 364 
TYR HB3  H N N 365 
TYR HD1  H N N 366 
TYR HD2  H N N 367 
TYR HE1  H N N 368 
TYR HE2  H N N 369 
TYR HH   H N N 370 
TYR HXT  H N N 371 
VAL N    N N N 372 
VAL CA   C N S 373 
VAL C    C N N 374 
VAL O    O N N 375 
VAL CB   C N N 376 
VAL CG1  C N N 377 
VAL CG2  C N N 378 
VAL OXT  O N N 379 
VAL H    H N N 380 
VAL H2   H N N 381 
VAL HA   H N N 382 
VAL HB   H N N 383 
VAL HG11 H N N 384 
VAL HG12 H N N 385 
VAL HG13 H N N 386 
VAL HG21 H N N 387 
VAL HG22 H N N 388 
VAL HG23 H N N 389 
VAL HXT  H N N 390 
# 
loop_
_chem_comp_bond.comp_id 
_chem_comp_bond.atom_id_1 
_chem_comp_bond.atom_id_2 
_chem_comp_bond.value_order 
_chem_comp_bond.pdbx_aromatic_flag 
_chem_comp_bond.pdbx_stereo_config 
_chem_comp_bond.pdbx_ordinal 
ALA N   CA   sing N N 1   
ALA N   H    sing N N 2   
ALA N   H2   sing N N 3   
ALA CA  C    sing N N 4   
ALA CA  CB   sing N N 5   
ALA CA  HA   sing N N 6   
ALA C   O    doub N N 7   
ALA C   OXT  sing N N 8   
ALA CB  HB1  sing N N 9   
ALA CB  HB2  sing N N 10  
ALA CB  HB3  sing N N 11  
ALA OXT HXT  sing N N 12  
ARG N   CA   sing N N 13  
ARG N   H    sing N N 14  
ARG N   H2   sing N N 15  
ARG CA  C    sing N N 16  
ARG CA  CB   sing N N 17  
ARG CA  HA   sing N N 18  
ARG C   O    doub N N 19  
ARG C   OXT  sing N N 20  
ARG CB  CG   sing N N 21  
ARG CB  HB2  sing N N 22  
ARG CB  HB3  sing N N 23  
ARG CG  CD   sing N N 24  
ARG CG  HG2  sing N N 25  
ARG CG  HG3  sing N N 26  
ARG CD  NE   sing N N 27  
ARG CD  HD2  sing N N 28  
ARG CD  HD3  sing N N 29  
ARG NE  CZ   sing N N 30  
ARG NE  HE   sing N N 31  
ARG CZ  NH1  sing N N 32  
ARG CZ  NH2  doub N N 33  
ARG NH1 HH11 sing N N 34  
ARG NH1 HH12 sing N N 35  
ARG NH2 HH21 sing N N 36  
ARG NH2 HH22 sing N N 37  
ARG OXT HXT  sing N N 38  
ASN N   CA   sing N N 39  
ASN N   H    sing N N 40  
ASN N   H2   sing N N 41  
ASN CA  C    sing N N 42  
ASN CA  CB   sing N N 43  
ASN CA  HA   sing N N 44  
ASN C   O    doub N N 45  
ASN C   OXT  sing N N 46  
ASN CB  CG   sing N N 47  
ASN CB  HB2  sing N N 48  
ASN CB  HB3  sing N N 49  
ASN CG  OD1  doub N N 50  
ASN CG  ND2  sing N N 51  
ASN ND2 HD21 sing N N 52  
ASN ND2 HD22 sing N N 53  
ASN OXT HXT  sing N N 54  
ASP N   CA   sing N N 55  
ASP N   H    sing N N 56  
ASP N   H2   sing N N 57  
ASP CA  C    sing N N 58  
ASP CA  CB   sing N N 59  
ASP CA  HA   sing N N 60  
ASP C   O    doub N N 61  
ASP C   OXT  sing N N 62  
ASP CB  CG   sing N N 63  
ASP CB  HB2  sing N N 64  
ASP CB  HB3  sing N N 65  
ASP CG  OD1  doub N N 66  
ASP CG  OD2  sing N N 67  
ASP OD2 HD2  sing N N 68  
ASP OXT HXT  sing N N 69  
CYS N   CA   sing N N 70  
CYS N   H    sing N N 71  
CYS N   H2   sing N N 72  
CYS CA  C    sing N N 73  
CYS CA  CB   sing N N 74  
CYS CA  HA   sing N N 75  
CYS C   O    doub N N 76  
CYS C   OXT  sing N N 77  
CYS CB  SG   sing N N 78  
CYS CB  HB2  sing N N 79  
CYS CB  HB3  sing N N 80  
CYS SG  HG   sing N N 81  
CYS OXT HXT  sing N N 82  
GLN N   CA   sing N N 83  
GLN N   H    sing N N 84  
GLN N   H2   sing N N 85  
GLN CA  C    sing N N 86  
GLN CA  CB   sing N N 87  
GLN CA  HA   sing N N 88  
GLN C   O    doub N N 89  
GLN C   OXT  sing N N 90  
GLN CB  CG   sing N N 91  
GLN CB  HB2  sing N N 92  
GLN CB  HB3  sing N N 93  
GLN CG  CD   sing N N 94  
GLN CG  HG2  sing N N 95  
GLN CG  HG3  sing N N 96  
GLN CD  OE1  doub N N 97  
GLN CD  NE2  sing N N 98  
GLN NE2 HE21 sing N N 99  
GLN NE2 HE22 sing N N 100 
GLN OXT HXT  sing N N 101 
GLU N   CA   sing N N 102 
GLU N   H    sing N N 103 
GLU N   H2   sing N N 104 
GLU CA  C    sing N N 105 
GLU CA  CB   sing N N 106 
GLU CA  HA   sing N N 107 
GLU C   O    doub N N 108 
GLU C   OXT  sing N N 109 
GLU CB  CG   sing N N 110 
GLU CB  HB2  sing N N 111 
GLU CB  HB3  sing N N 112 
GLU CG  CD   sing N N 113 
GLU CG  HG2  sing N N 114 
GLU CG  HG3  sing N N 115 
GLU CD  OE1  doub N N 116 
GLU CD  OE2  sing N N 117 
GLU OE2 HE2  sing N N 118 
GLU OXT HXT  sing N N 119 
GLY N   CA   sing N N 120 
GLY N   H    sing N N 121 
GLY N   H2   sing N N 122 
GLY CA  C    sing N N 123 
GLY CA  HA2  sing N N 124 
GLY CA  HA3  sing N N 125 
GLY C   O    doub N N 126 
GLY C   OXT  sing N N 127 
GLY OXT HXT  sing N N 128 
HIS N   CA   sing N N 129 
HIS N   H    sing N N 130 
HIS N   H2   sing N N 131 
HIS CA  C    sing N N 132 
HIS CA  CB   sing N N 133 
HIS CA  HA   sing N N 134 
HIS C   O    doub N N 135 
HIS C   OXT  sing N N 136 
HIS CB  CG   sing N N 137 
HIS CB  HB2  sing N N 138 
HIS CB  HB3  sing N N 139 
HIS CG  ND1  sing Y N 140 
HIS CG  CD2  doub Y N 141 
HIS ND1 CE1  doub Y N 142 
HIS ND1 HD1  sing N N 143 
HIS CD2 NE2  sing Y N 144 
HIS CD2 HD2  sing N N 145 
HIS CE1 NE2  sing Y N 146 
HIS CE1 HE1  sing N N 147 
HIS NE2 HE2  sing N N 148 
HIS OXT HXT  sing N N 149 
HOH O   H1   sing N N 150 
HOH O   H2   sing N N 151 
ILE N   CA   sing N N 152 
ILE N   H    sing N N 153 
ILE N   H2   sing N N 154 
ILE CA  C    sing N N 155 
ILE CA  CB   sing N N 156 
ILE CA  HA   sing N N 157 
ILE C   O    doub N N 158 
ILE C   OXT  sing N N 159 
ILE CB  CG1  sing N N 160 
ILE CB  CG2  sing N N 161 
ILE CB  HB   sing N N 162 
ILE CG1 CD1  sing N N 163 
ILE CG1 HG12 sing N N 164 
ILE CG1 HG13 sing N N 165 
ILE CG2 HG21 sing N N 166 
ILE CG2 HG22 sing N N 167 
ILE CG2 HG23 sing N N 168 
ILE CD1 HD11 sing N N 169 
ILE CD1 HD12 sing N N 170 
ILE CD1 HD13 sing N N 171 
ILE OXT HXT  sing N N 172 
LEU N   CA   sing N N 173 
LEU N   H    sing N N 174 
LEU N   H2   sing N N 175 
LEU CA  C    sing N N 176 
LEU CA  CB   sing N N 177 
LEU CA  HA   sing N N 178 
LEU C   O    doub N N 179 
LEU C   OXT  sing N N 180 
LEU CB  CG   sing N N 181 
LEU CB  HB2  sing N N 182 
LEU CB  HB3  sing N N 183 
LEU CG  CD1  sing N N 184 
LEU CG  CD2  sing N N 185 
LEU CG  HG   sing N N 186 
LEU CD1 HD11 sing N N 187 
LEU CD1 HD12 sing N N 188 
LEU CD1 HD13 sing N N 189 
LEU CD2 HD21 sing N N 190 
LEU CD2 HD22 sing N N 191 
LEU CD2 HD23 sing N N 192 
LEU OXT HXT  sing N N 193 
LYS N   CA   sing N N 194 
LYS N   H    sing N N 195 
LYS N   H2   sing N N 196 
LYS CA  C    sing N N 197 
LYS CA  CB   sing N N 198 
LYS CA  HA   sing N N 199 
LYS C   O    doub N N 200 
LYS C   OXT  sing N N 201 
LYS CB  CG   sing N N 202 
LYS CB  HB2  sing N N 203 
LYS CB  HB3  sing N N 204 
LYS CG  CD   sing N N 205 
LYS CG  HG2  sing N N 206 
LYS CG  HG3  sing N N 207 
LYS CD  CE   sing N N 208 
LYS CD  HD2  sing N N 209 
LYS CD  HD3  sing N N 210 
LYS CE  NZ   sing N N 211 
LYS CE  HE2  sing N N 212 
LYS CE  HE3  sing N N 213 
LYS NZ  HZ1  sing N N 214 
LYS NZ  HZ2  sing N N 215 
LYS NZ  HZ3  sing N N 216 
LYS OXT HXT  sing N N 217 
MET N   CA   sing N N 218 
MET N   H    sing N N 219 
MET N   H2   sing N N 220 
MET CA  C    sing N N 221 
MET CA  CB   sing N N 222 
MET CA  HA   sing N N 223 
MET C   O    doub N N 224 
MET C   OXT  sing N N 225 
MET CB  CG   sing N N 226 
MET CB  HB2  sing N N 227 
MET CB  HB3  sing N N 228 
MET CG  SD   sing N N 229 
MET CG  HG2  sing N N 230 
MET CG  HG3  sing N N 231 
MET SD  CE   sing N N 232 
MET CE  HE1  sing N N 233 
MET CE  HE2  sing N N 234 
MET CE  HE3  sing N N 235 
MET OXT HXT  sing N N 236 
PHE N   CA   sing N N 237 
PHE N   H    sing N N 238 
PHE N   H2   sing N N 239 
PHE CA  C    sing N N 240 
PHE CA  CB   sing N N 241 
PHE CA  HA   sing N N 242 
PHE C   O    doub N N 243 
PHE C   OXT  sing N N 244 
PHE CB  CG   sing N N 245 
PHE CB  HB2  sing N N 246 
PHE CB  HB3  sing N N 247 
PHE CG  CD1  doub Y N 248 
PHE CG  CD2  sing Y N 249 
PHE CD1 CE1  sing Y N 250 
PHE CD1 HD1  sing N N 251 
PHE CD2 CE2  doub Y N 252 
PHE CD2 HD2  sing N N 253 
PHE CE1 CZ   doub Y N 254 
PHE CE1 HE1  sing N N 255 
PHE CE2 CZ   sing Y N 256 
PHE CE2 HE2  sing N N 257 
PHE CZ  HZ   sing N N 258 
PHE OXT HXT  sing N N 259 
PRO N   CA   sing N N 260 
PRO N   CD   sing N N 261 
PRO N   H    sing N N 262 
PRO CA  C    sing N N 263 
PRO CA  CB   sing N N 264 
PRO CA  HA   sing N N 265 
PRO C   O    doub N N 266 
PRO C   OXT  sing N N 267 
PRO CB  CG   sing N N 268 
PRO CB  HB2  sing N N 269 
PRO CB  HB3  sing N N 270 
PRO CG  CD   sing N N 271 
PRO CG  HG2  sing N N 272 
PRO CG  HG3  sing N N 273 
PRO CD  HD2  sing N N 274 
PRO CD  HD3  sing N N 275 
PRO OXT HXT  sing N N 276 
SER N   CA   sing N N 277 
SER N   H    sing N N 278 
SER N   H2   sing N N 279 
SER CA  C    sing N N 280 
SER CA  CB   sing N N 281 
SER CA  HA   sing N N 282 
SER C   O    doub N N 283 
SER C   OXT  sing N N 284 
SER CB  OG   sing N N 285 
SER CB  HB2  sing N N 286 
SER CB  HB3  sing N N 287 
SER OG  HG   sing N N 288 
SER OXT HXT  sing N N 289 
THR N   CA   sing N N 290 
THR N   H    sing N N 291 
THR N   H2   sing N N 292 
THR CA  C    sing N N 293 
THR CA  CB   sing N N 294 
THR CA  HA   sing N N 295 
THR C   O    doub N N 296 
THR C   OXT  sing N N 297 
THR CB  OG1  sing N N 298 
THR CB  CG2  sing N N 299 
THR CB  HB   sing N N 300 
THR OG1 HG1  sing N N 301 
THR CG2 HG21 sing N N 302 
THR CG2 HG22 sing N N 303 
THR CG2 HG23 sing N N 304 
THR OXT HXT  sing N N 305 
TRP N   CA   sing N N 306 
TRP N   H    sing N N 307 
TRP N   H2   sing N N 308 
TRP CA  C    sing N N 309 
TRP CA  CB   sing N N 310 
TRP CA  HA   sing N N 311 
TRP C   O    doub N N 312 
TRP C   OXT  sing N N 313 
TRP CB  CG   sing N N 314 
TRP CB  HB2  sing N N 315 
TRP CB  HB3  sing N N 316 
TRP CG  CD1  doub Y N 317 
TRP CG  CD2  sing Y N 318 
TRP CD1 NE1  sing Y N 319 
TRP CD1 HD1  sing N N 320 
TRP CD2 CE2  doub Y N 321 
TRP CD2 CE3  sing Y N 322 
TRP NE1 CE2  sing Y N 323 
TRP NE1 HE1  sing N N 324 
TRP CE2 CZ2  sing Y N 325 
TRP CE3 CZ3  doub Y N 326 
TRP CE3 HE3  sing N N 327 
TRP CZ2 CH2  doub Y N 328 
TRP CZ2 HZ2  sing N N 329 
TRP CZ3 CH2  sing Y N 330 
TRP CZ3 HZ3  sing N N 331 
TRP CH2 HH2  sing N N 332 
TRP OXT HXT  sing N N 333 
TYR N   CA   sing N N 334 
TYR N   H    sing N N 335 
TYR N   H2   sing N N 336 
TYR CA  C    sing N N 337 
TYR CA  CB   sing N N 338 
TYR CA  HA   sing N N 339 
TYR C   O    doub N N 340 
TYR C   OXT  sing N N 341 
TYR CB  CG   sing N N 342 
TYR CB  HB2  sing N N 343 
TYR CB  HB3  sing N N 344 
TYR CG  CD1  doub Y N 345 
TYR CG  CD2  sing Y N 346 
TYR CD1 CE1  sing Y N 347 
TYR CD1 HD1  sing N N 348 
TYR CD2 CE2  doub Y N 349 
TYR CD2 HD2  sing N N 350 
TYR CE1 CZ   doub Y N 351 
TYR CE1 HE1  sing N N 352 
TYR CE2 CZ   sing Y N 353 
TYR CE2 HE2  sing N N 354 
TYR CZ  OH   sing N N 355 
TYR OH  HH   sing N N 356 
TYR OXT HXT  sing N N 357 
VAL N   CA   sing N N 358 
VAL N   H    sing N N 359 
VAL N   H2   sing N N 360 
VAL CA  C    sing N N 361 
VAL CA  CB   sing N N 362 
VAL CA  HA   sing N N 363 
VAL C   O    doub N N 364 
VAL C   OXT  sing N N 365 
VAL CB  CG1  sing N N 366 
VAL CB  CG2  sing N N 367 
VAL CB  HB   sing N N 368 
VAL CG1 HG11 sing N N 369 
VAL CG1 HG12 sing N N 370 
VAL CG1 HG13 sing N N 371 
VAL CG2 HG21 sing N N 372 
VAL CG2 HG22 sing N N 373 
VAL CG2 HG23 sing N N 374 
VAL OXT HXT  sing N N 375 
# 
_pdbx_initial_refinement_model.id               1 
_pdbx_initial_refinement_model.entity_id_list   ? 
_pdbx_initial_refinement_model.type             'experimental model' 
_pdbx_initial_refinement_model.source_name      PDB 
_pdbx_initial_refinement_model.accession_code   3CKH 
_pdbx_initial_refinement_model.details          'PDB ENTRY 3CKH' 
# 
_atom_sites.entry_id                    4ET7 
_atom_sites.fract_transf_matrix[1][1]   0.01649228 
_atom_sites.fract_transf_matrix[1][2]   0.00205026 
_atom_sites.fract_transf_matrix[1][3]   -0.00734260 
_atom_sites.fract_transf_matrix[2][1]   -0.00474213 
_atom_sites.fract_transf_matrix[2][2]   0.00689172 
_atom_sites.fract_transf_matrix[2][3]   -0.00872699 
_atom_sites.fract_transf_matrix[3][1]   0.00183475 
_atom_sites.fract_transf_matrix[3][2]   0.01002604 
_atom_sites.fract_transf_matrix[3][3]   0.00692060 
_atom_sites.fract_transf_vector[1]      -0.072719 
_atom_sites.fract_transf_vector[2]      -0.309063 
_atom_sites.fract_transf_vector[3]      -0.014521 
# 
loop_
_atom_type.symbol 
C 
N 
O 
S 
# 
loop_
_atom_site.group_PDB 
_atom_site.id 
_atom_site.type_symbol 
_atom_site.label_atom_id 
_atom_site.label_alt_id 
_atom_site.label_comp_id 
_atom_site.label_asym_id 
_atom_site.label_entity_id 
_atom_site.label_seq_id 
_atom_site.pdbx_PDB_ins_code 
_atom_site.Cartn_x 
_atom_site.Cartn_y 
_atom_site.Cartn_z 
_atom_site.occupancy 
_atom_site.B_iso_or_equiv 
_atom_site.pdbx_formal_charge 
_atom_site.auth_seq_id 
_atom_site.auth_comp_id 
_atom_site.auth_asym_id 
_atom_site.auth_atom_id 
_atom_site.pdbx_PDB_model_num 
ATOM   1    N N   . ASN A 1 3   ? -0.594  -24.394 -0.771  1.00 56.03  ? 59  ASN A N   1 
ATOM   2    C CA  . ASN A 1 3   ? -1.977  -23.963 -0.953  1.00 55.21  ? 59  ASN A CA  1 
ATOM   3    C C   . ASN A 1 3   ? -2.121  -22.498 -1.376  1.00 56.86  ? 59  ASN A C   1 
ATOM   4    O O   . ASN A 1 3   ? -3.232  -22.035 -1.625  1.00 58.90  ? 59  ASN A O   1 
ATOM   5    C CB  . ASN A 1 3   ? -2.797  -24.214 0.323   1.00 63.91  ? 59  ASN A CB  1 
ATOM   6    C CG  . ASN A 1 3   ? -3.702  -25.441 0.216   1.00 74.77  ? 59  ASN A CG  1 
ATOM   7    O OD1 . ASN A 1 3   ? -3.828  -26.051 -0.849  1.00 74.20  ? 59  ASN A OD1 1 
ATOM   8    N ND2 . ASN A 1 3   ? -4.345  -25.798 1.325   1.00 64.19  ? 59  ASN A ND2 1 
ATOM   9    N N   . GLU A 1 4   ? -1.011  -21.767 -1.458  1.00 53.42  ? 60  GLU A N   1 
ATOM   10   C CA  . GLU A 1 4   ? -1.076  -20.334 -1.768  1.00 43.47  ? 60  GLU A CA  1 
ATOM   11   C C   . GLU A 1 4   ? -0.489  -19.946 -3.130  1.00 41.00  ? 60  GLU A C   1 
ATOM   12   O O   . GLU A 1 4   ? 0.596   -20.390 -3.505  1.00 44.13  ? 60  GLU A O   1 
ATOM   13   C CB  . GLU A 1 4   ? -0.445  -19.510 -0.640  1.00 36.36  ? 60  GLU A CB  1 
ATOM   14   C CG  . GLU A 1 4   ? -1.337  -19.397 0.586   1.00 36.18  ? 60  GLU A CG  1 
ATOM   15   C CD  . GLU A 1 4   ? -0.753  -18.531 1.688   1.00 37.44  ? 60  GLU A CD  1 
ATOM   16   O OE1 . GLU A 1 4   ? 0.309   -17.905 1.478   1.00 29.62  ? 60  GLU A OE1 1 
ATOM   17   O OE2 . GLU A 1 4   ? -1.364  -18.481 2.776   1.00 38.92  ? 60  GLU A OE2 1 
ATOM   18   N N   . VAL A 1 5   ? -1.220  -19.109 -3.862  1.00 34.21  ? 61  VAL A N   1 
ATOM   19   C CA  . VAL A 1 5   ? -0.811  -18.692 -5.200  1.00 37.03  ? 61  VAL A CA  1 
ATOM   20   C C   . VAL A 1 5   ? -0.843  -17.170 -5.397  1.00 36.13  ? 61  VAL A C   1 
ATOM   21   O O   . VAL A 1 5   ? -1.915  -16.562 -5.482  1.00 36.13  ? 61  VAL A O   1 
ATOM   22   C CB  . VAL A 1 5   ? -1.695  -19.342 -6.276  1.00 35.69  ? 61  VAL A CB  1 
ATOM   23   C CG1 . VAL A 1 5   ? -1.346  -18.785 -7.647  1.00 39.46  ? 61  VAL A CG1 1 
ATOM   24   C CG2 . VAL A 1 5   ? -1.537  -20.846 -6.244  1.00 35.45  ? 61  VAL A CG2 1 
ATOM   25   N N   . ASN A 1 6   ? 0.338   -16.566 -5.497  1.00 31.25  ? 62  ASN A N   1 
ATOM   26   C CA  . ASN A 1 6   ? 0.468   -15.113 -5.617  1.00 24.80  ? 62  ASN A CA  1 
ATOM   27   C C   . ASN A 1 6   ? -0.046  -14.526 -6.941  1.00 24.27  ? 62  ASN A C   1 
ATOM   28   O O   . ASN A 1 6   ? 0.377   -14.934 -8.020  1.00 18.05  ? 62  ASN A O   1 
ATOM   29   C CB  . ASN A 1 6   ? 1.920   -14.689 -5.372  1.00 16.38  ? 62  ASN A CB  1 
ATOM   30   C CG  . ASN A 1 6   ? 2.320   -14.761 -3.903  1.00 21.35  ? 62  ASN A CG  1 
ATOM   31   O OD1 . ASN A 1 6   ? 3.499   -14.684 -3.567  1.00 23.16  ? 62  ASN A OD1 1 
ATOM   32   N ND2 . ASN A 1 6   ? 1.338   -14.902 -3.023  1.00 27.71  ? 62  ASN A ND2 1 
ATOM   33   N N   . LEU A 1 7   ? -0.973  -13.576 -6.848  1.00 24.03  ? 63  LEU A N   1 
ATOM   34   C CA  . LEU A 1 7   ? -1.418  -12.826 -8.014  1.00 21.66  ? 63  LEU A CA  1 
ATOM   35   C C   . LEU A 1 7   ? -0.534  -11.591 -8.161  1.00 22.99  ? 63  LEU A C   1 
ATOM   36   O O   . LEU A 1 7   ? -0.407  -11.034 -9.249  1.00 21.15  ? 63  LEU A O   1 
ATOM   37   C CB  . LEU A 1 7   ? -2.882  -12.389 -7.869  1.00 32.53  ? 63  LEU A CB  1 
ATOM   38   C CG  . LEU A 1 7   ? -4.072  -13.366 -7.856  1.00 27.44  ? 63  LEU A CG  1 
ATOM   39   C CD1 . LEU A 1 7   ? -3.973  -14.391 -8.960  1.00 26.39  ? 63  LEU A CD1 1 
ATOM   40   C CD2 . LEU A 1 7   ? -4.211  -14.037 -6.503  1.00 28.57  ? 63  LEU A CD2 1 
ATOM   41   N N   . LEU A 1 8   ? 0.058   -11.167 -7.042  1.00 23.44  ? 64  LEU A N   1 
ATOM   42   C CA  . LEU A 1 8   ? 0.947   -10.007 -6.983  1.00 17.92  ? 64  LEU A CA  1 
ATOM   43   C C   . LEU A 1 8   ? 1.825   -10.048 -5.732  1.00 18.88  ? 64  LEU A C   1 
ATOM   44   O O   . LEU A 1 8   ? 1.373   -10.432 -4.658  1.00 17.33  ? 64  LEU A O   1 
ATOM   45   C CB  . LEU A 1 8   ? 0.159   -8.692  -7.002  1.00 21.51  ? 64  LEU A CB  1 
ATOM   46   C CG  . LEU A 1 8   ? 0.998   -7.449  -6.653  1.00 20.12  ? 64  LEU A CG  1 
ATOM   47   C CD1 . LEU A 1 8   ? 1.789   -6.943  -7.858  1.00 18.02  ? 64  LEU A CD1 1 
ATOM   48   C CD2 . LEU A 1 8   ? 0.128   -6.353  -6.108  1.00 16.14  ? 64  LEU A CD2 1 
ATOM   49   N N   . ASP A 1 9   ? 3.084   -9.643  -5.888  1.00 23.77  ? 65  ASP A N   1 
ATOM   50   C CA  . ASP A 1 9   ? 4.054   -9.636  -4.802  1.00 20.51  ? 65  ASP A CA  1 
ATOM   51   C C   . ASP A 1 9   ? 5.006   -8.486  -5.067  1.00 22.45  ? 65  ASP A C   1 
ATOM   52   O O   . ASP A 1 9   ? 6.025   -8.665  -5.721  1.00 29.18  ? 65  ASP A O   1 
ATOM   53   C CB  . ASP A 1 9   ? 4.812   -10.963 -4.770  1.00 20.08  ? 65  ASP A CB  1 
ATOM   54   C CG  . ASP A 1 9   ? 5.814   -11.056 -3.620  1.00 28.53  ? 65  ASP A CG  1 
ATOM   55   O OD1 . ASP A 1 9   ? 5.870   -10.146 -2.760  1.00 28.33  ? 65  ASP A OD1 1 
ATOM   56   O OD2 . ASP A 1 9   ? 6.554   -12.067 -3.582  1.00 34.54  ? 65  ASP A OD2 1 
ATOM   57   N N   . SER A 1 10  ? 4.668   -7.306  -4.554  1.00 23.84  ? 66  SER A N   1 
ATOM   58   C CA  . SER A 1 10  ? 5.378   -6.065  -4.894  1.00 25.43  ? 66  SER A CA  1 
ATOM   59   C C   . SER A 1 10  ? 6.910   -6.125  -4.838  1.00 20.38  ? 66  SER A C   1 
ATOM   60   O O   . SER A 1 10  ? 7.570   -5.453  -5.621  1.00 22.43  ? 66  SER A O   1 
ATOM   61   C CB  . SER A 1 10  ? 4.860   -4.881  -4.058  1.00 16.94  ? 66  SER A CB  1 
ATOM   62   O OG  . SER A 1 10  ? 5.361   -4.922  -2.736  1.00 14.97  ? 66  SER A OG  1 
ATOM   63   N N   . ARG A 1 11  ? 7.464   -6.930  -3.932  1.00 20.41  ? 67  ARG A N   1 
ATOM   64   C CA  . ARG A 1 11  ? 8.911   -6.964  -3.698  1.00 18.54  ? 67  ARG A CA  1 
ATOM   65   C C   . ARG A 1 11  ? 9.704   -7.866  -4.647  1.00 24.76  ? 67  ARG A C   1 
ATOM   66   O O   . ARG A 1 11  ? 10.891  -7.653  -4.862  1.00 26.29  ? 67  ARG A O   1 
ATOM   67   C CB  . ARG A 1 11  ? 9.203   -7.377  -2.256  1.00 14.83  ? 67  ARG A CB  1 
ATOM   68   C CG  . ARG A 1 11  ? 8.710   -6.392  -1.222  1.00 19.34  ? 67  ARG A CG  1 
ATOM   69   C CD  . ARG A 1 11  ? 9.091   -6.805  0.188   1.00 15.72  ? 67  ARG A CD  1 
ATOM   70   N NE  . ARG A 1 11  ? 10.532  -6.886  0.376   1.00 14.74  ? 67  ARG A NE  1 
ATOM   71   C CZ  . ARG A 1 11  ? 11.296  -5.863  0.746   1.00 16.85  ? 67  ARG A CZ  1 
ATOM   72   N NH1 . ARG A 1 11  ? 10.762  -4.672  0.960   1.00 14.63  ? 67  ARG A NH1 1 
ATOM   73   N NH2 . ARG A 1 11  ? 12.602  -6.031  0.907   1.00 20.81  ? 67  ARG A NH2 1 
ATOM   74   N N   . THR A 1 12  ? 9.065   -8.886  -5.201  1.00 27.26  ? 68  THR A N   1 
ATOM   75   C CA  . THR A 1 12  ? 9.788   -9.812  -6.067  1.00 34.44  ? 68  THR A CA  1 
ATOM   76   C C   . THR A 1 12  ? 9.526   -9.540  -7.551  1.00 36.57  ? 68  THR A C   1 
ATOM   77   O O   . THR A 1 12  ? 10.121  -10.179 -8.422  1.00 45.31  ? 68  THR A O   1 
ATOM   78   C CB  . THR A 1 12  ? 9.518   -11.308 -5.706  1.00 37.05  ? 68  THR A CB  1 
ATOM   79   O OG1 . THR A 1 12  ? 8.216   -11.709 -6.169  1.00 40.42  ? 68  THR A OG1 1 
ATOM   80   C CG2 . THR A 1 12  ? 9.640   -11.532 -4.189  1.00 26.32  ? 68  THR A CG2 1 
ATOM   81   N N   . VAL A 1 13  ? 8.646   -8.585  -7.832  1.00 25.83  ? 69  VAL A N   1 
ATOM   82   C CA  . VAL A 1 13  ? 8.397   -8.157  -9.200  1.00 32.44  ? 69  VAL A CA  1 
ATOM   83   C C   . VAL A 1 13  ? 9.697   -7.924  -9.976  1.00 41.96  ? 69  VAL A C   1 
ATOM   84   O O   . VAL A 1 13  ? 10.687  -7.436  -9.414  1.00 38.71  ? 69  VAL A O   1 
ATOM   85   C CB  . VAL A 1 13  ? 7.547   -6.871  -9.238  1.00 29.37  ? 69  VAL A CB  1 
ATOM   86   C CG1 . VAL A 1 13  ? 7.630   -6.199  -10.599 1.00 29.08  ? 69  VAL A CG1 1 
ATOM   87   C CG2 . VAL A 1 13  ? 6.108   -7.191  -8.899  1.00 33.42  ? 69  VAL A CG2 1 
ATOM   88   N N   . MET A 1 14  ? 9.681   -8.294  -11.260 1.00 39.26  ? 70  MET A N   1 
ATOM   89   C CA  . MET A 1 14  ? 10.773  -8.004  -12.189 1.00 37.21  ? 70  MET A CA  1 
ATOM   90   C C   . MET A 1 14  ? 10.396  -6.839  -13.101 1.00 39.15  ? 70  MET A C   1 
ATOM   91   O O   . MET A 1 14  ? 9.420   -6.909  -13.858 1.00 34.24  ? 70  MET A O   1 
ATOM   92   C CB  . MET A 1 14  ? 11.101  -9.230  -13.033 1.00 31.83  ? 70  MET A CB  1 
ATOM   93   C CG  . MET A 1 14  ? 11.445  -10.451 -12.219 1.00 36.71  ? 70  MET A CG  1 
ATOM   94   S SD  . MET A 1 14  ? 12.698  -11.445 -13.038 1.00 53.45  ? 70  MET A SD  1 
ATOM   95   C CE  . MET A 1 14  ? 14.088  -10.317 -12.984 1.00 47.91  ? 70  MET A CE  1 
ATOM   96   N N   . GLY A 1 15  ? 11.171  -5.763  -13.028 1.00 34.50  ? 71  GLY A N   1 
ATOM   97   C CA  . GLY A 1 15  ? 10.805  -4.531  -13.706 1.00 40.87  ? 71  GLY A CA  1 
ATOM   98   C C   . GLY A 1 15  ? 9.979   -3.632  -12.795 1.00 42.89  ? 71  GLY A C   1 
ATOM   99   O O   . GLY A 1 15  ? 10.026  -3.774  -11.572 1.00 46.18  ? 71  GLY A O   1 
ATOM   100  N N   . ASP A 1 16  ? 9.218   -2.711  -13.383 1.00 41.10  ? 72  ASP A N   1 
ATOM   101  C CA  . ASP A 1 16  ? 8.448   -1.758  -12.588 1.00 38.92  ? 72  ASP A CA  1 
ATOM   102  C C   . ASP A 1 16  ? 7.050   -2.248  -12.247 1.00 39.81  ? 72  ASP A C   1 
ATOM   103  O O   . ASP A 1 16  ? 6.354   -2.817  -13.091 1.00 39.87  ? 72  ASP A O   1 
ATOM   104  C CB  . ASP A 1 16  ? 8.348   -0.397  -13.284 1.00 38.52  ? 72  ASP A CB  1 
ATOM   105  C CG  . ASP A 1 16  ? 7.651   0.657   -12.412 1.00 47.55  ? 72  ASP A CG  1 
ATOM   106  O OD1 . ASP A 1 16  ? 7.866   0.654   -11.170 1.00 41.46  ? 72  ASP A OD1 1 
ATOM   107  O OD2 . ASP A 1 16  ? 6.893   1.489   -12.968 1.00 42.48  ? 72  ASP A OD2 1 
ATOM   108  N N   . LEU A 1 17  ? 6.635   -1.990  -11.011 1.00 38.22  ? 73  LEU A N   1 
ATOM   109  C CA  . LEU A 1 17  ? 5.286   -2.324  -10.565 1.00 40.66  ? 73  LEU A CA  1 
ATOM   110  C C   . LEU A 1 17  ? 4.229   -1.519  -11.329 1.00 33.12  ? 73  LEU A C   1 
ATOM   111  O O   . LEU A 1 17  ? 3.087   -1.950  -11.455 1.00 27.01  ? 73  LEU A O   1 
ATOM   112  C CB  . LEU A 1 17  ? 5.143   -2.101  -9.051  1.00 40.05  ? 73  LEU A CB  1 
ATOM   113  C CG  . LEU A 1 17  ? 6.283   -2.609  -8.160  1.00 33.48  ? 73  LEU A CG  1 
ATOM   114  C CD1 . LEU A 1 17  ? 7.474   -1.677  -8.265  1.00 35.95  ? 73  LEU A CD1 1 
ATOM   115  C CD2 . LEU A 1 17  ? 5.845   -2.736  -6.713  1.00 29.78  ? 73  LEU A CD2 1 
ATOM   116  N N   . GLY A 1 18  ? 4.619   -0.347  -11.826 1.00 31.85  ? 74  GLY A N   1 
ATOM   117  C CA  . GLY A 1 18  ? 3.739   0.485   -12.623 1.00 23.89  ? 74  GLY A CA  1 
ATOM   118  C C   . GLY A 1 18  ? 2.613   1.121   -11.829 1.00 29.63  ? 74  GLY A C   1 
ATOM   119  O O   . GLY A 1 18  ? 1.498   1.270   -12.336 1.00 32.11  ? 74  GLY A O   1 
ATOM   120  N N   . TRP A 1 19  ? 2.900   1.501   -10.585 1.00 23.24  ? 75  TRP A N   1 
ATOM   121  C CA  . TRP A 1 19  ? 1.897   2.119   -9.721  1.00 21.94  ? 75  TRP A CA  1 
ATOM   122  C C   . TRP A 1 19  ? 1.875   3.639   -9.894  1.00 24.92  ? 75  TRP A C   1 
ATOM   123  O O   . TRP A 1 19  ? 2.895   4.239   -10.250 1.00 24.88  ? 75  TRP A O   1 
ATOM   124  C CB  . TRP A 1 19  ? 2.158   1.763   -8.255  1.00 21.86  ? 75  TRP A CB  1 
ATOM   125  C CG  . TRP A 1 19  ? 2.063   0.308   -7.958  1.00 21.83  ? 75  TRP A CG  1 
ATOM   126  C CD1 . TRP A 1 19  ? 2.046   -0.709  -8.858  1.00 21.52  ? 75  TRP A CD1 1 
ATOM   127  C CD2 . TRP A 1 19  ? 2.005   -0.300  -6.665  1.00 25.29  ? 75  TRP A CD2 1 
ATOM   128  N NE1 . TRP A 1 19  ? 1.963   -1.915  -8.211  1.00 19.93  ? 75  TRP A NE1 1 
ATOM   129  C CE2 . TRP A 1 19  ? 1.939   -1.694  -6.864  1.00 23.10  ? 75  TRP A CE2 1 
ATOM   130  C CE3 . TRP A 1 19  ? 1.992   0.198   -5.359  1.00 19.71  ? 75  TRP A CE3 1 
ATOM   131  C CZ2 . TRP A 1 19  ? 1.867   -2.596  -5.808  1.00 22.46  ? 75  TRP A CZ2 1 
ATOM   132  C CZ3 . TRP A 1 19  ? 1.927   -0.698  -4.312  1.00 18.01  ? 75  TRP A CZ3 1 
ATOM   133  C CH2 . TRP A 1 19  ? 1.867   -2.079  -4.541  1.00 20.41  ? 75  TRP A CH2 1 
ATOM   134  N N   . ILE A 1 20  ? 0.716   4.247   -9.626  1.00 20.05  ? 76  ILE A N   1 
ATOM   135  C CA  . ILE A 1 20  ? 0.489   5.680   -9.835  1.00 17.99  ? 76  ILE A CA  1 
ATOM   136  C C   . ILE A 1 20  ? 0.022   6.377   -8.540  1.00 21.56  ? 76  ILE A C   1 
ATOM   137  O O   . ILE A 1 20  ? -0.766  5.822   -7.776  1.00 22.87  ? 76  ILE A O   1 
ATOM   138  C CB  . ILE A 1 20  ? -0.581  5.908   -10.936 1.00 20.75  ? 76  ILE A CB  1 
ATOM   139  C CG1 . ILE A 1 20  ? -0.348  4.975   -12.120 1.00 29.04  ? 76  ILE A CG1 1 
ATOM   140  C CG2 . ILE A 1 20  ? -0.610  7.361   -11.402 1.00 20.93  ? 76  ILE A CG2 1 
ATOM   141  C CD1 . ILE A 1 20  ? -1.563  4.817   -13.014 1.00 37.10  ? 76  ILE A CD1 1 
ATOM   142  N N   . ALA A 1 21  ? 0.490   7.596   -8.298  1.00 18.23  ? 77  ALA A N   1 
ATOM   143  C CA  . ALA A 1 21  ? 0.026   8.343   -7.134  1.00 19.60  ? 77  ALA A CA  1 
ATOM   144  C C   . ALA A 1 21  ? -0.800  9.589   -7.489  1.00 22.43  ? 77  ALA A C   1 
ATOM   145  O O   . ALA A 1 21  ? -0.539  10.257  -8.488  1.00 24.73  ? 77  ALA A O   1 
ATOM   146  C CB  . ALA A 1 21  ? 1.201   8.713   -6.237  1.00 19.80  ? 77  ALA A CB  1 
ATOM   147  N N   . PHE A 1 22  ? -1.804  9.884   -6.665  1.00 21.48  ? 78  PHE A N   1 
ATOM   148  C CA  . PHE A 1 22  ? -2.580  11.119  -6.764  1.00 18.43  ? 78  PHE A CA  1 
ATOM   149  C C   . PHE A 1 22  ? -2.754  11.684  -5.357  1.00 22.88  ? 78  PHE A C   1 
ATOM   150  O O   . PHE A 1 22  ? -3.314  11.019  -4.477  1.00 18.96  ? 78  PHE A O   1 
ATOM   151  C CB  . PHE A 1 22  ? -3.955  10.873  -7.389  1.00 23.59  ? 78  PHE A CB  1 
ATOM   152  C CG  . PHE A 1 22  ? -3.905  10.215  -8.736  1.00 30.28  ? 78  PHE A CG  1 
ATOM   153  C CD1 . PHE A 1 22  ? -3.872  10.976  -9.897  1.00 28.02  ? 78  PHE A CD1 1 
ATOM   154  C CD2 . PHE A 1 22  ? -3.903  8.831   -8.848  1.00 28.22  ? 78  PHE A CD2 1 
ATOM   155  C CE1 . PHE A 1 22  ? -3.827  10.375  -11.140 1.00 19.54  ? 78  PHE A CE1 1 
ATOM   156  C CE2 . PHE A 1 22  ? -3.864  8.233   -10.088 1.00 30.61  ? 78  PHE A CE2 1 
ATOM   157  C CZ  . PHE A 1 22  ? -3.825  9.012   -11.236 1.00 28.98  ? 78  PHE A CZ  1 
ATOM   158  N N   . PRO A 1 23  ? -2.280  12.918  -5.144  1.00 22.87  ? 79  PRO A N   1 
ATOM   159  C CA  . PRO A 1 23  ? -1.694  13.711  -6.220  1.00 21.27  ? 79  PRO A CA  1 
ATOM   160  C C   . PRO A 1 23  ? -0.292  13.203  -6.475  1.00 25.46  ? 79  PRO A C   1 
ATOM   161  O O   . PRO A 1 23  ? 0.111   12.213  -5.853  1.00 22.63  ? 79  PRO A O   1 
ATOM   162  C CB  . PRO A 1 23  ? -1.636  15.117  -5.628  1.00 25.49  ? 79  PRO A CB  1 
ATOM   163  C CG  . PRO A 1 23  ? -2.145  15.007  -4.212  1.00 21.10  ? 79  PRO A CG  1 
ATOM   164  C CD  . PRO A 1 23  ? -2.118  13.574  -3.843  1.00 20.95  ? 79  PRO A CD  1 
ATOM   165  N N   . LYS A 1 24  ? 0.444   13.866  -7.361  1.00 28.69  ? 80  LYS A N   1 
ATOM   166  C CA  . LYS A 1 24  ? 1.738   13.346  -7.785  1.00 25.74  ? 80  LYS A CA  1 
ATOM   167  C C   . LYS A 1 24  ? 2.818   13.493  -6.725  1.00 23.27  ? 80  LYS A C   1 
ATOM   168  O O   . LYS A 1 24  ? 3.667   12.621  -6.572  1.00 30.73  ? 80  LYS A O   1 
ATOM   169  C CB  . LYS A 1 24  ? 2.156   13.940  -9.122  1.00 31.51  ? 80  LYS A CB  1 
ATOM   170  C CG  . LYS A 1 24  ? 1.162   13.629  -10.232 1.00 37.40  ? 80  LYS A CG  1 
ATOM   171  C CD  . LYS A 1 24  ? 1.878   13.151  -11.483 1.00 43.69  ? 80  LYS A CD  1 
ATOM   172  C CE  . LYS A 1 24  ? 2.639   11.858  -11.213 1.00 48.62  ? 80  LYS A CE  1 
ATOM   173  N NZ  . LYS A 1 24  ? 3.506   11.449  -12.363 1.00 49.34  ? 80  LYS A NZ  1 
ATOM   174  N N   . ASN A 1 25  ? 2.792   14.588  -5.985  1.00 27.46  ? 81  ASN A N   1 
ATOM   175  C CA  . ASN A 1 25  ? 3.499   14.604  -4.718  1.00 29.81  ? 81  ASN A CA  1 
ATOM   176  C C   . ASN A 1 25  ? 2.744   13.638  -3.805  1.00 26.94  ? 81  ASN A C   1 
ATOM   177  O O   . ASN A 1 25  ? 1.810   12.963  -4.240  1.00 24.28  ? 81  ASN A O   1 
ATOM   178  C CB  . ASN A 1 25  ? 3.578   16.018  -4.135  1.00 33.07  ? 81  ASN A CB  1 
ATOM   179  C CG  . ASN A 1 25  ? 2.226   16.736  -4.121  1.00 43.58  ? 81  ASN A CG  1 
ATOM   180  O OD1 . ASN A 1 25  ? 1.481   16.714  -5.106  1.00 39.45  ? 81  ASN A OD1 1 
ATOM   181  N ND2 . ASN A 1 25  ? 1.917   17.399  -3.001  1.00 42.68  ? 81  ASN A ND2 1 
ATOM   182  N N   . GLY A 1 26  ? 3.128   13.532  -2.548  1.00 24.96  ? 82  GLY A N   1 
ATOM   183  C CA  . GLY A 1 26  ? 2.450   12.557  -1.713  1.00 24.73  ? 82  GLY A CA  1 
ATOM   184  C C   . GLY A 1 26  ? 3.198   11.245  -1.699  1.00 19.79  ? 82  GLY A C   1 
ATOM   185  O O   . GLY A 1 26  ? 4.365   11.210  -1.310  1.00 22.58  ? 82  GLY A O   1 
ATOM   186  N N   . TRP A 1 27  ? 2.548   10.163  -2.112  1.00 17.16  ? 83  TRP A N   1 
ATOM   187  C CA  . TRP A 1 27  ? 3.232   8.868   -2.125  1.00 19.14  ? 83  TRP A CA  1 
ATOM   188  C C   . TRP A 1 27  ? 4.499   8.916   -2.979  1.00 17.90  ? 83  TRP A C   1 
ATOM   189  O O   . TRP A 1 27  ? 4.482   9.424   -4.107  1.00 16.52  ? 83  TRP A O   1 
ATOM   190  C CB  . TRP A 1 27  ? 2.327   7.750   -2.639  1.00 16.41  ? 83  TRP A CB  1 
ATOM   191  C CG  . TRP A 1 27  ? 1.252   7.343   -1.706  1.00 15.58  ? 83  TRP A CG  1 
ATOM   192  C CD1 . TRP A 1 27  ? -0.036  7.773   -1.717  1.00 15.39  ? 83  TRP A CD1 1 
ATOM   193  C CD2 . TRP A 1 27  ? 1.354   6.401   -0.629  1.00 13.61  ? 83  TRP A CD2 1 
ATOM   194  N NE1 . TRP A 1 27  ? -0.744  7.166   -0.713  1.00 15.37  ? 83  TRP A NE1 1 
ATOM   195  C CE2 . TRP A 1 27  ? 0.088   6.317   -0.031  1.00 13.38  ? 83  TRP A CE2 1 
ATOM   196  C CE3 . TRP A 1 27  ? 2.390   5.620   -0.118  1.00 15.07  ? 83  TRP A CE3 1 
ATOM   197  C CZ2 . TRP A 1 27  ? -0.173  5.482   1.048   1.00 14.28  ? 83  TRP A CZ2 1 
ATOM   198  C CZ3 . TRP A 1 27  ? 2.132   4.797   0.960   1.00 13.47  ? 83  TRP A CZ3 1 
ATOM   199  C CH2 . TRP A 1 27  ? 0.863   4.738   1.530   1.00 15.16  ? 83  TRP A CH2 1 
ATOM   200  N N   . GLU A 1 28  ? 5.587   8.386   -2.428  1.00 16.70  ? 84  GLU A N   1 
ATOM   201  C CA  . GLU A 1 28  ? 6.855   8.273   -3.142  1.00 16.45  ? 84  GLU A CA  1 
ATOM   202  C C   . GLU A 1 28  ? 7.236   6.815   -3.325  1.00 15.68  ? 84  GLU A C   1 
ATOM   203  O O   . GLU A 1 28  ? 6.989   5.984   -2.443  1.00 14.32  ? 84  GLU A O   1 
ATOM   204  C CB  . GLU A 1 28  ? 7.974   8.959   -2.365  1.00 17.78  ? 84  GLU A CB  1 
ATOM   205  C CG  . GLU A 1 28  ? 7.782   10.431  -2.116  1.00 18.21  ? 84  GLU A CG  1 
ATOM   206  C CD  . GLU A 1 28  ? 8.919   11.009  -1.292  1.00 33.24  ? 84  GLU A CD  1 
ATOM   207  O OE1 . GLU A 1 28  ? 9.307   10.363  -0.292  1.00 36.37  ? 84  GLU A OE1 1 
ATOM   208  O OE2 . GLU A 1 28  ? 9.434   12.097  -1.646  1.00 37.32  ? 84  GLU A OE2 1 
ATOM   209  N N   . GLU A 1 29  ? 7.842   6.504   -4.467  1.00 16.43  ? 85  GLU A N   1 
ATOM   210  C CA  . GLU A 1 29  ? 8.379   5.171   -4.695  1.00 13.99  ? 85  GLU A CA  1 
ATOM   211  C C   . GLU A 1 29  ? 9.849   5.151   -4.324  1.00 16.92  ? 85  GLU A C   1 
ATOM   212  O O   . GLU A 1 29  ? 10.632  6.003   -4.760  1.00 15.40  ? 85  GLU A O   1 
ATOM   213  C CB  . GLU A 1 29  ? 8.200   4.743   -6.146  1.00 21.88  ? 85  GLU A CB  1 
ATOM   214  C CG  . GLU A 1 29  ? 8.585   3.293   -6.423  1.00 20.20  ? 85  GLU A CG  1 
ATOM   215  C CD  . GLU A 1 29  ? 8.374   2.917   -7.869  1.00 24.12  ? 85  GLU A CD  1 
ATOM   216  O OE1 . GLU A 1 29  ? 7.752   3.719   -8.600  1.00 26.58  ? 85  GLU A OE1 1 
ATOM   217  O OE2 . GLU A 1 29  ? 8.828   1.825   -8.278  1.00 31.96  ? 85  GLU A OE2 1 
ATOM   218  N N   . ILE A 1 30  ? 10.210  4.185   -3.490  1.00 15.58  ? 86  ILE A N   1 
ATOM   219  C CA  . ILE A 1 30  ? 11.582  4.040   -3.044  1.00 17.04  ? 86  ILE A CA  1 
ATOM   220  C C   . ILE A 1 30  ? 12.247  2.856   -3.739  1.00 20.25  ? 86  ILE A C   1 
ATOM   221  O O   . ILE A 1 30  ? 11.605  1.841   -4.014  1.00 15.67  ? 86  ILE A O   1 
ATOM   222  C CB  . ILE A 1 30  ? 11.658  3.864   -1.515  1.00 17.59  ? 86  ILE A CB  1 
ATOM   223  C CG1 . ILE A 1 30  ? 11.023  5.077   -0.808  1.00 16.83  ? 86  ILE A CG1 1 
ATOM   224  C CG2 . ILE A 1 30  ? 13.109  3.632   -1.066  1.00 17.06  ? 86  ILE A CG2 1 
ATOM   225  C CD1 . ILE A 1 30  ? 11.666  6.429   -1.166  1.00 15.53  ? 86  ILE A CD1 1 
ATOM   226  N N   . GLY A 1 31  ? 13.536  3.004   -4.034  1.00 24.97  ? 87  GLY A N   1 
ATOM   227  C CA  . GLY A 1 31  ? 14.325  1.937   -4.614  1.00 18.65  ? 87  GLY A CA  1 
ATOM   228  C C   . GLY A 1 31  ? 15.475  1.524   -3.714  1.00 21.75  ? 87  GLY A C   1 
ATOM   229  O O   . GLY A 1 31  ? 16.307  2.345   -3.321  1.00 22.13  ? 87  GLY A O   1 
ATOM   230  N N   . GLU A 1 32  ? 15.509  0.244   -3.367  1.00 23.05  ? 88  GLU A N   1 
ATOM   231  C CA  . GLU A 1 32  ? 16.671  -0.344  -2.707  1.00 26.88  ? 88  GLU A CA  1 
ATOM   232  C C   . GLU A 1 32  ? 17.286  -1.397  -3.615  1.00 25.54  ? 88  GLU A C   1 
ATOM   233  O O   . GLU A 1 32  ? 16.604  -2.303  -4.105  1.00 24.75  ? 88  GLU A O   1 
ATOM   234  C CB  . GLU A 1 32  ? 16.292  -0.966  -1.363  1.00 27.56  ? 88  GLU A CB  1 
ATOM   235  C CG  . GLU A 1 32  ? 16.227  0.022   -0.219  1.00 33.77  ? 88  GLU A CG  1 
ATOM   236  C CD  . GLU A 1 32  ? 14.985  -0.162  0.623   1.00 39.24  ? 88  GLU A CD  1 
ATOM   237  O OE1 . GLU A 1 32  ? 14.363  -1.251  0.529   1.00 39.76  ? 88  GLU A OE1 1 
ATOM   238  O OE2 . GLU A 1 32  ? 14.627  0.785   1.362   1.00 34.09  ? 88  GLU A OE2 1 
ATOM   239  N N   . VAL A 1 33  ? 18.584  -1.273  -3.828  1.00 24.70  ? 89  VAL A N   1 
ATOM   240  C CA  . VAL A 1 33  ? 19.293  -2.127  -4.760  1.00 26.95  ? 89  VAL A CA  1 
ATOM   241  C C   . VAL A 1 33  ? 19.888  -3.346  -4.054  1.00 31.88  ? 89  VAL A C   1 
ATOM   242  O O   . VAL A 1 33  ? 20.405  -3.229  -2.939  1.00 28.47  ? 89  VAL A O   1 
ATOM   243  C CB  . VAL A 1 33  ? 20.401  -1.331  -5.443  1.00 25.74  ? 89  VAL A CB  1 
ATOM   244  C CG1 . VAL A 1 33  ? 21.193  -2.222  -6.363  1.00 29.21  ? 89  VAL A CG1 1 
ATOM   245  C CG2 . VAL A 1 33  ? 19.801  -0.142  -6.189  1.00 22.65  ? 89  VAL A CG2 1 
ATOM   246  N N   . ASP A 1 34  ? 19.803  -4.509  -4.706  1.00 28.37  ? 90  ASP A N   1 
ATOM   247  C CA  . ASP A 1 34  ? 20.325  -5.757  -4.151  1.00 30.14  ? 90  ASP A CA  1 
ATOM   248  C C   . ASP A 1 34  ? 21.696  -6.122  -4.734  1.00 34.10  ? 90  ASP A C   1 
ATOM   249  O O   . ASP A 1 34  ? 22.258  -5.370  -5.523  1.00 32.85  ? 90  ASP A O   1 
ATOM   250  C CB  . ASP A 1 34  ? 19.330  -6.897  -4.376  1.00 30.81  ? 90  ASP A CB  1 
ATOM   251  C CG  . ASP A 1 34  ? 19.225  -7.311  -5.843  1.00 36.81  ? 90  ASP A CG  1 
ATOM   252  O OD1 . ASP A 1 34  ? 20.150  -7.005  -6.636  1.00 34.01  ? 90  ASP A OD1 1 
ATOM   253  O OD2 . ASP A 1 34  ? 18.216  -7.959  -6.202  1.00 31.67  ? 90  ASP A OD2 1 
ATOM   254  N N   . GLU A 1 35  ? 22.222  -7.284  -4.354  1.00 41.69  ? 91  GLU A N   1 
ATOM   255  C CA  . GLU A 1 35  ? 23.552  -7.718  -4.789  1.00 39.61  ? 91  GLU A CA  1 
ATOM   256  C C   . GLU A 1 35  ? 23.711  -7.725  -6.308  1.00 42.82  ? 91  GLU A C   1 
ATOM   257  O O   . GLU A 1 35  ? 24.815  -7.531  -6.827  1.00 37.22  ? 91  GLU A O   1 
ATOM   258  C CB  . GLU A 1 35  ? 23.868  -9.102  -4.224  1.00 43.35  ? 91  GLU A CB  1 
ATOM   259  C CG  . GLU A 1 35  ? 23.889  -9.145  -2.700  1.00 62.37  ? 91  GLU A CG  1 
ATOM   260  C CD  . GLU A 1 35  ? 23.347  -10.454 -2.137  1.00 79.30  ? 91  GLU A CD  1 
ATOM   261  O OE1 . GLU A 1 35  ? 22.818  -11.275 -2.923  1.00 69.83  ? 91  GLU A OE1 1 
ATOM   262  O OE2 . GLU A 1 35  ? 23.443  -10.657 -0.904  1.00 70.81  ? 91  GLU A OE2 1 
ATOM   263  N N   . ASN A 1 36  ? 22.600  -7.939  -7.012  1.00 36.83  ? 92  ASN A N   1 
ATOM   264  C CA  . ASN A 1 36  ? 22.599  -7.963  -8.471  1.00 33.55  ? 92  ASN A CA  1 
ATOM   265  C C   . ASN A 1 36  ? 22.110  -6.653  -9.085  1.00 34.41  ? 92  ASN A C   1 
ATOM   266  O O   . ASN A 1 36  ? 21.731  -6.597  -10.256 1.00 30.28  ? 92  ASN A O   1 
ATOM   267  C CB  . ASN A 1 36  ? 21.772  -9.144  -8.962  1.00 35.57  ? 92  ASN A CB  1 
ATOM   268  C CG  . ASN A 1 36  ? 22.312  -10.466 -8.458  1.00 40.27  ? 92  ASN A CG  1 
ATOM   269  O OD1 . ASN A 1 36  ? 21.711  -11.111 -7.594  1.00 38.91  ? 92  ASN A OD1 1 
ATOM   270  N ND2 . ASN A 1 36  ? 23.478  -10.860 -8.970  1.00 31.30  ? 92  ASN A ND2 1 
ATOM   271  N N   . TYR A 1 37  ? 22.139  -5.602  -8.274  1.00 33.44  ? 93  TYR A N   1 
ATOM   272  C CA  . TYR A 1 37  ? 21.745  -4.257  -8.684  1.00 30.43  ? 93  TYR A CA  1 
ATOM   273  C C   . TYR A 1 37  ? 20.269  -4.139  -9.050  1.00 28.81  ? 93  TYR A C   1 
ATOM   274  O O   . TYR A 1 37  ? 19.813  -3.074  -9.468  1.00 28.47  ? 93  TYR A O   1 
ATOM   275  C CB  . TYR A 1 37  ? 22.643  -3.725  -9.808  1.00 30.25  ? 93  TYR A CB  1 
ATOM   276  C CG  . TYR A 1 37  ? 24.111  -3.690  -9.433  1.00 35.25  ? 93  TYR A CG  1 
ATOM   277  C CD1 . TYR A 1 37  ? 24.543  -3.038  -8.282  1.00 26.04  ? 93  TYR A CD1 1 
ATOM   278  C CD2 . TYR A 1 37  ? 25.067  -4.317  -10.232 1.00 34.03  ? 93  TYR A CD2 1 
ATOM   279  C CE1 . TYR A 1 37  ? 25.884  -3.015  -7.937  1.00 31.81  ? 93  TYR A CE1 1 
ATOM   280  C CE2 . TYR A 1 37  ? 26.411  -4.290  -9.900  1.00 31.31  ? 93  TYR A CE2 1 
ATOM   281  C CZ  . TYR A 1 37  ? 26.816  -3.643  -8.751  1.00 34.56  ? 93  TYR A CZ  1 
ATOM   282  O OH  . TYR A 1 37  ? 28.155  -3.629  -8.425  1.00 31.39  ? 93  TYR A OH  1 
ATOM   283  N N   . ALA A 1 38  ? 19.526  -5.230  -8.882  1.00 29.38  ? 94  ALA A N   1 
ATOM   284  C CA  . ALA A 1 38  ? 18.076  -5.193  -9.065  1.00 30.10  ? 94  ALA A CA  1 
ATOM   285  C C   . ALA A 1 38  ? 17.419  -4.464  -7.894  1.00 27.03  ? 94  ALA A C   1 
ATOM   286  O O   . ALA A 1 38  ? 17.682  -4.781  -6.725  1.00 20.09  ? 94  ALA A O   1 
ATOM   287  C CB  . ALA A 1 38  ? 17.507  -6.594  -9.213  1.00 23.02  ? 94  ALA A CB  1 
ATOM   288  N N   . PRO A 1 39  ? 16.573  -3.470  -8.216  1.00 25.35  ? 95  PRO A N   1 
ATOM   289  C CA  . PRO A 1 39  ? 15.893  -2.628  -7.226  1.00 26.73  ? 95  PRO A CA  1 
ATOM   290  C C   . PRO A 1 39  ? 14.704  -3.352  -6.632  1.00 24.03  ? 95  PRO A C   1 
ATOM   291  O O   . PRO A 1 39  ? 13.925  -3.960  -7.360  1.00 25.87  ? 95  PRO A O   1 
ATOM   292  C CB  . PRO A 1 39  ? 15.380  -1.437  -8.051  1.00 22.51  ? 95  PRO A CB  1 
ATOM   293  C CG  . PRO A 1 39  ? 15.908  -1.637  -9.445  1.00 26.26  ? 95  PRO A CG  1 
ATOM   294  C CD  . PRO A 1 39  ? 16.222  -3.086  -9.592  1.00 20.43  ? 95  PRO A CD  1 
ATOM   295  N N   . ILE A 1 40  ? 14.583  -3.303  -5.314  1.00 24.75  ? 96  ILE A N   1 
ATOM   296  C CA  . ILE A 1 40  ? 13.332  -3.649  -4.662  1.00 25.65  ? 96  ILE A CA  1 
ATOM   297  C C   . ILE A 1 40  ? 12.574  -2.348  -4.426  1.00 23.50  ? 96  ILE A C   1 
ATOM   298  O O   . ILE A 1 40  ? 13.114  -1.400  -3.859  1.00 21.78  ? 96  ILE A O   1 
ATOM   299  C CB  . ILE A 1 40  ? 13.571  -4.370  -3.339  1.00 25.19  ? 96  ILE A CB  1 
ATOM   300  C CG1 . ILE A 1 40  ? 14.058  -5.794  -3.619  1.00 20.96  ? 96  ILE A CG1 1 
ATOM   301  C CG2 . ILE A 1 40  ? 12.303  -4.366  -2.495  1.00 20.75  ? 96  ILE A CG2 1 
ATOM   302  C CD1 . ILE A 1 40  ? 14.176  -6.630  -2.394  1.00 26.53  ? 96  ILE A CD1 1 
ATOM   303  N N   . HIS A 1 41  ? 11.336  -2.287  -4.898  1.00 22.68  ? 97  HIS A N   1 
ATOM   304  C CA  . HIS A 1 41  ? 10.555  -1.075  -4.762  1.00 18.45  ? 97  HIS A CA  1 
ATOM   305  C C   . HIS A 1 41  ? 9.636   -1.184  -3.572  1.00 16.26  ? 97  HIS A C   1 
ATOM   306  O O   . HIS A 1 41  ? 9.077   -2.240  -3.313  1.00 19.51  ? 97  HIS A O   1 
ATOM   307  C CB  . HIS A 1 41  ? 9.742   -0.812  -6.023  1.00 21.66  ? 97  HIS A CB  1 
ATOM   308  C CG  . HIS A 1 41  ? 10.565  -0.761  -7.269  1.00 26.33  ? 97  HIS A CG  1 
ATOM   309  N ND1 . HIS A 1 41  ? 10.676  -1.834  -8.132  1.00 28.69  ? 97  HIS A ND1 1 
ATOM   310  C CD2 . HIS A 1 41  ? 11.321  0.228   -7.798  1.00 27.32  ? 97  HIS A CD2 1 
ATOM   311  C CE1 . HIS A 1 41  ? 11.458  -1.504  -9.141  1.00 31.72  ? 97  HIS A CE1 1 
ATOM   312  N NE2 . HIS A 1 41  ? 11.865  -0.257  -8.964  1.00 37.54  ? 97  HIS A NE2 1 
ATOM   313  N N   . THR A 1 42  ? 9.509   -0.087  -2.837  1.00 16.08  ? 98  THR A N   1 
ATOM   314  C CA  . THR A 1 42  ? 8.503   0.047   -1.797  1.00 14.11  ? 98  THR A CA  1 
ATOM   315  C C   . THR A 1 42  ? 7.838   1.390   -2.025  1.00 12.83  ? 98  THR A C   1 
ATOM   316  O O   . THR A 1 42  ? 8.166   2.089   -2.971  1.00 13.51  ? 98  THR A O   1 
ATOM   317  C CB  . THR A 1 42  ? 9.120   0.022   -0.403  1.00 14.86  ? 98  THR A CB  1 
ATOM   318  O OG1 . THR A 1 42  ? 10.186  0.975   -0.342  1.00 12.00  ? 98  THR A OG1 1 
ATOM   319  C CG2 . THR A 1 42  ? 9.653   -1.368  -0.070  1.00 13.97  ? 98  THR A CG2 1 
ATOM   320  N N   . TYR A 1 43  ? 6.894   1.752   -1.174  1.00 13.58  ? 99  TYR A N   1 
ATOM   321  C CA  . TYR A 1 43  ? 6.220   3.030   -1.329  1.00 15.01  ? 99  TYR A CA  1 
ATOM   322  C C   . TYR A 1 43  ? 6.017   3.646   0.040   1.00 16.59  ? 99  TYR A C   1 
ATOM   323  O O   . TYR A 1 43  ? 5.685   2.945   1.002   1.00 16.31  ? 99  TYR A O   1 
ATOM   324  C CB  . TYR A 1 43  ? 4.896   2.859   -2.090  1.00 13.06  ? 99  TYR A CB  1 
ATOM   325  C CG  . TYR A 1 43  ? 5.089   2.188   -3.437  1.00 16.47  ? 99  TYR A CG  1 
ATOM   326  C CD1 . TYR A 1 43  ? 4.952   2.896   -4.624  1.00 18.12  ? 99  TYR A CD1 1 
ATOM   327  C CD2 . TYR A 1 43  ? 5.439   0.844   -3.513  1.00 18.05  ? 99  TYR A CD2 1 
ATOM   328  C CE1 . TYR A 1 43  ? 5.143   2.275   -5.857  1.00 21.57  ? 99  TYR A CE1 1 
ATOM   329  C CE2 . TYR A 1 43  ? 5.648   0.214   -4.725  1.00 24.31  ? 99  TYR A CE2 1 
ATOM   330  C CZ  . TYR A 1 43  ? 5.497   0.922   -5.904  1.00 30.02  ? 99  TYR A CZ  1 
ATOM   331  O OH  . TYR A 1 43  ? 5.701   0.263   -7.114  1.00 23.82  ? 99  TYR A OH  1 
ATOM   332  N N   . GLN A 1 44  ? 6.234   4.954   0.128   1.00 12.16  ? 100 GLN A N   1 
ATOM   333  C CA  . GLN A 1 44  ? 6.117   5.654   1.395   1.00 14.37  ? 100 GLN A CA  1 
ATOM   334  C C   . GLN A 1 44  ? 5.520   7.054   1.230   1.00 16.67  ? 100 GLN A C   1 
ATOM   335  O O   . GLN A 1 44  ? 5.592   7.654   0.157   1.00 16.26  ? 100 GLN A O   1 
ATOM   336  C CB  . GLN A 1 44  ? 7.486   5.727   2.094   1.00 15.10  ? 100 GLN A CB  1 
ATOM   337  C CG  . GLN A 1 44  ? 8.479   6.671   1.435   1.00 14.86  ? 100 GLN A CG  1 
ATOM   338  C CD  . GLN A 1 44  ? 9.906   6.494   1.938   1.00 21.13  ? 100 GLN A CD  1 
ATOM   339  O OE1 . GLN A 1 44  ? 10.246  5.486   2.561   1.00 22.45  ? 100 GLN A OE1 1 
ATOM   340  N NE2 . GLN A 1 44  ? 10.754  7.480   1.659   1.00 22.52  ? 100 GLN A NE2 1 
ATOM   341  N N   . VAL A 1 45  ? 4.923   7.561   2.305   1.00 13.60  ? 101 VAL A N   1 
ATOM   342  C CA  . VAL A 1 45  ? 4.401   8.916   2.341   1.00 13.74  ? 101 VAL A CA  1 
ATOM   343  C C   . VAL A 1 45  ? 4.492   9.420   3.780   1.00 16.48  ? 101 VAL A C   1 
ATOM   344  O O   . VAL A 1 45  ? 4.272   8.655   4.716   1.00 19.02  ? 101 VAL A O   1 
ATOM   345  C CB  . VAL A 1 45  ? 2.939   8.987   1.802   1.00 18.17  ? 101 VAL A CB  1 
ATOM   346  C CG1 . VAL A 1 45  ? 2.032   7.974   2.516   1.00 16.10  ? 101 VAL A CG1 1 
ATOM   347  C CG2 . VAL A 1 45  ? 2.377   10.399  1.904   1.00 14.17  ? 101 VAL A CG2 1 
ATOM   348  N N   . CYS A 1 46  ? 4.846   10.692  3.960   1.00 18.59  ? 102 CYS A N   1 
ATOM   349  C CA  . CYS A 1 46  ? 4.980   11.257  5.303   1.00 18.85  ? 102 CYS A CA  1 
ATOM   350  C C   . CYS A 1 46  ? 4.664   12.754  5.363   1.00 22.60  ? 102 CYS A C   1 
ATOM   351  O O   . CYS A 1 46  ? 5.489   13.562  5.809   1.00 20.83  ? 102 CYS A O   1 
ATOM   352  C CB  . CYS A 1 46  ? 6.374   10.992  5.864   1.00 15.70  ? 102 CYS A CB  1 
ATOM   353  S SG  . CYS A 1 46  ? 6.464   11.107  7.662   1.00 26.05  ? 102 CYS A SG  1 
ATOM   354  N N   . LYS A 1 47  ? 3.462   13.113  4.922   1.00 19.12  ? 103 LYS A N   1 
ATOM   355  C CA  . LYS A 1 47  ? 3.036   14.508  4.912   1.00 23.26  ? 103 LYS A CA  1 
ATOM   356  C C   . LYS A 1 47  ? 2.302   14.911  6.192   1.00 20.72  ? 103 LYS A C   1 
ATOM   357  O O   . LYS A 1 47  ? 1.168   15.367  6.140   1.00 22.65  ? 103 LYS A O   1 
ATOM   358  C CB  . LYS A 1 47  ? 2.158   14.773  3.697   1.00 20.02  ? 103 LYS A CB  1 
ATOM   359  C CG  . LYS A 1 47  ? 2.894   14.646  2.376   1.00 22.17  ? 103 LYS A CG  1 
ATOM   360  C CD  . LYS A 1 47  ? 3.486   15.974  1.959   1.00 25.91  ? 103 LYS A CD  1 
ATOM   361  C CE  . LYS A 1 47  ? 3.536   16.113  0.444   1.00 35.96  ? 103 LYS A CE  1 
ATOM   362  N NZ  . LYS A 1 47  ? 4.368   15.041  -0.179  1.00 46.83  ? 103 LYS A NZ  1 
ATOM   363  N N   . VAL A 1 48  ? 2.966   14.744  7.331   1.00 18.44  ? 104 VAL A N   1 
ATOM   364  C CA  . VAL A 1 48  ? 2.377   15.052  8.630   1.00 27.97  ? 104 VAL A CA  1 
ATOM   365  C C   . VAL A 1 48  ? 2.600   16.506  9.034   1.00 33.36  ? 104 VAL A C   1 
ATOM   366  O O   . VAL A 1 48  ? 2.243   16.921  10.141  1.00 29.62  ? 104 VAL A O   1 
ATOM   367  C CB  . VAL A 1 48  ? 2.963   14.163  9.731   1.00 24.48  ? 104 VAL A CB  1 
ATOM   368  C CG1 . VAL A 1 48  ? 2.494   12.729  9.563   1.00 22.32  ? 104 VAL A CG1 1 
ATOM   369  C CG2 . VAL A 1 48  ? 4.486   14.260  9.720   1.00 22.48  ? 104 VAL A CG2 1 
ATOM   370  N N   . MET A 1 49  ? 3.201   17.270  8.130   1.00 31.04  ? 105 MET A N   1 
ATOM   371  C CA  . MET A 1 49  ? 3.474   18.678  8.363   1.00 39.86  ? 105 MET A CA  1 
ATOM   372  C C   . MET A 1 49  ? 2.196   19.481  8.575   1.00 43.92  ? 105 MET A C   1 
ATOM   373  O O   . MET A 1 49  ? 1.932   19.980  9.679   1.00 34.79  ? 105 MET A O   1 
ATOM   374  C CB  . MET A 1 49  ? 4.217   19.253  7.167   1.00 44.20  ? 105 MET A CB  1 
ATOM   375  C CG  . MET A 1 49  ? 5.377   18.413  6.691   1.00 45.84  ? 105 MET A CG  1 
ATOM   376  S SD  . MET A 1 49  ? 4.870   17.246  5.420   1.00 31.75  ? 105 MET A SD  1 
ATOM   377  C CE  . MET A 1 49  ? 6.474   16.910  4.682   1.00 35.22  ? 105 MET A CE  1 
ATOM   378  N N   . GLU A 1 50  ? 1.427   19.616  7.494   1.00 40.51  ? 106 GLU A N   1 
ATOM   379  C CA  . GLU A 1 50  ? 0.164   20.347  7.512   1.00 49.40  ? 106 GLU A CA  1 
ATOM   380  C C   . GLU A 1 50  ? -1.011  19.388  7.682   1.00 43.25  ? 106 GLU A C   1 
ATOM   381  O O   . GLU A 1 50  ? -0.894  18.372  8.363   1.00 41.77  ? 106 GLU A O   1 
ATOM   382  C CB  . GLU A 1 50  ? -0.002  21.181  6.237   1.00 58.27  ? 106 GLU A CB  1 
ATOM   383  C CG  . GLU A 1 50  ? -0.279  20.377  4.968   1.00 49.02  ? 106 GLU A CG  1 
ATOM   384  C CD  . GLU A 1 50  ? 0.875   19.471  4.578   1.00 47.51  ? 106 GLU A CD  1 
ATOM   385  O OE1 . GLU A 1 50  ? 0.610   18.365  4.061   1.00 37.41  ? 106 GLU A OE1 1 
ATOM   386  O OE2 . GLU A 1 50  ? 2.045   19.860  4.789   1.00 46.98  ? 106 GLU A OE2 1 
ATOM   387  N N   . GLN A 1 51  ? -2.142  19.706  7.060   1.00 41.21  ? 107 GLN A N   1 
ATOM   388  C CA  . GLN A 1 51  ? -3.339  18.902  7.257   1.00 44.71  ? 107 GLN A CA  1 
ATOM   389  C C   . GLN A 1 51  ? -4.097  18.665  5.971   1.00 42.54  ? 107 GLN A C   1 
ATOM   390  O O   . GLN A 1 51  ? -3.669  19.097  4.899   1.00 48.80  ? 107 GLN A O   1 
ATOM   391  C CB  . GLN A 1 51  ? -4.261  19.595  8.246   1.00 44.26  ? 107 GLN A CB  1 
ATOM   392  C CG  . GLN A 1 51  ? -3.540  20.612  9.087   1.00 50.10  ? 107 GLN A CG  1 
ATOM   393  C CD  . GLN A 1 51  ? -4.062  20.666  10.502  1.00 48.38  ? 107 GLN A CD  1 
ATOM   394  O OE1 . GLN A 1 51  ? -5.275  20.678  10.734  1.00 41.50  ? 107 GLN A OE1 1 
ATOM   395  N NE2 . GLN A 1 51  ? -3.142  20.696  11.465  1.00 44.57  ? 107 GLN A NE2 1 
ATOM   396  N N   . ASN A 1 52  ? -5.232  17.982  6.096   1.00 35.64  ? 108 ASN A N   1 
ATOM   397  C CA  . ASN A 1 52  ? -6.116  17.749  4.962   1.00 41.49  ? 108 ASN A CA  1 
ATOM   398  C C   . ASN A 1 52  ? -5.458  16.897  3.900   1.00 36.64  ? 108 ASN A C   1 
ATOM   399  O O   . ASN A 1 52  ? -5.497  17.229  2.713   1.00 41.35  ? 108 ASN A O   1 
ATOM   400  C CB  . ASN A 1 52  ? -6.559  19.071  4.327   1.00 51.25  ? 108 ASN A CB  1 
ATOM   401  C CG  . ASN A 1 52  ? -7.702  19.725  5.073   1.00 47.14  ? 108 ASN A CG  1 
ATOM   402  O OD1 . ASN A 1 52  ? -8.606  19.046  5.575   1.00 46.68  ? 108 ASN A OD1 1 
ATOM   403  N ND2 . ASN A 1 52  ? -7.677  21.051  5.139   1.00 34.69  ? 108 ASN A ND2 1 
ATOM   404  N N   . GLN A 1 53  ? -4.852  15.797  4.328   1.00 33.26  ? 109 GLN A N   1 
ATOM   405  C CA  . GLN A 1 53  ? -4.209  14.898  3.388   1.00 22.75  ? 109 GLN A CA  1 
ATOM   406  C C   . GLN A 1 53  ? -5.188  13.863  2.837   1.00 23.10  ? 109 GLN A C   1 
ATOM   407  O O   . GLN A 1 53  ? -5.949  13.242  3.588   1.00 20.68  ? 109 GLN A O   1 
ATOM   408  C CB  . GLN A 1 53  ? -2.983  14.235  4.028   1.00 22.91  ? 109 GLN A CB  1 
ATOM   409  C CG  . GLN A 1 53  ? -1.809  15.207  4.274   1.00 26.93  ? 109 GLN A CG  1 
ATOM   410  C CD  . GLN A 1 53  ? -1.439  16.009  3.026   1.00 33.01  ? 109 GLN A CD  1 
ATOM   411  O OE1 . GLN A 1 53  ? -2.043  17.047  2.740   1.00 28.60  ? 109 GLN A OE1 1 
ATOM   412  N NE2 . GLN A 1 53  ? -0.446  15.526  2.279   1.00 22.69  ? 109 GLN A NE2 1 
ATOM   413  N N   . ASN A 1 54  ? -5.186  13.739  1.510   1.00 20.13  ? 110 ASN A N   1 
ATOM   414  C CA  . ASN A 1 54  ? -5.809  12.635  0.803   1.00 14.48  ? 110 ASN A CA  1 
ATOM   415  C C   . ASN A 1 54  ? -4.852  12.203  -0.285  1.00 17.85  ? 110 ASN A C   1 
ATOM   416  O O   . ASN A 1 54  ? -4.968  12.640  -1.425  1.00 21.26  ? 110 ASN A O   1 
ATOM   417  C CB  . ASN A 1 54  ? -7.136  13.042  0.158   1.00 15.80  ? 110 ASN A CB  1 
ATOM   418  C CG  . ASN A 1 54  ? -8.284  13.113  1.155   1.00 19.04  ? 110 ASN A CG  1 
ATOM   419  O OD1 . ASN A 1 54  ? -8.806  14.194  1.426   1.00 17.92  ? 110 ASN A OD1 1 
ATOM   420  N ND2 . ASN A 1 54  ? -8.683  11.965  1.702   1.00 15.55  ? 110 ASN A ND2 1 
ATOM   421  N N   . ASN A 1 55  ? -3.889  11.361  0.068   1.00 16.64  ? 111 ASN A N   1 
ATOM   422  C CA  . ASN A 1 55  ? -2.912  10.892  -0.904  1.00 18.34  ? 111 ASN A CA  1 
ATOM   423  C C   . ASN A 1 55  ? -3.202  9.449   -1.321  1.00 17.01  ? 111 ASN A C   1 
ATOM   424  O O   . ASN A 1 55  ? -3.314  8.556   -0.473  1.00 14.77  ? 111 ASN A O   1 
ATOM   425  C CB  . ASN A 1 55  ? -1.483  11.052  -0.358  1.00 17.13  ? 111 ASN A CB  1 
ATOM   426  C CG  . ASN A 1 55  ? -1.225  12.454  0.233   1.00 19.81  ? 111 ASN A CG  1 
ATOM   427  O OD1 . ASN A 1 55  ? -0.684  12.584  1.332   1.00 18.29  ? 111 ASN A OD1 1 
ATOM   428  N ND2 . ASN A 1 55  ? -1.625  13.498  -0.495  1.00 18.30  ? 111 ASN A ND2 1 
ATOM   429  N N   . TRP A 1 56  ? -3.344  9.235   -2.628  1.00 15.63  ? 112 TRP A N   1 
ATOM   430  C CA  . TRP A 1 56  ? -3.711  7.924   -3.160  1.00 19.48  ? 112 TRP A CA  1 
ATOM   431  C C   . TRP A 1 56  ? -2.568  7.231   -3.903  1.00 18.70  ? 112 TRP A C   1 
ATOM   432  O O   . TRP A 1 56  ? -1.714  7.889   -4.506  1.00 18.87  ? 112 TRP A O   1 
ATOM   433  C CB  . TRP A 1 56  ? -4.938  8.035   -4.074  1.00 18.80  ? 112 TRP A CB  1 
ATOM   434  C CG  . TRP A 1 56  ? -6.159  8.528   -3.377  1.00 19.64  ? 112 TRP A CG  1 
ATOM   435  C CD1 . TRP A 1 56  ? -6.464  9.830   -3.069  1.00 23.47  ? 112 TRP A CD1 1 
ATOM   436  C CD2 . TRP A 1 56  ? -7.247  7.739   -2.890  1.00 24.28  ? 112 TRP A CD2 1 
ATOM   437  N NE1 . TRP A 1 56  ? -7.671  9.897   -2.427  1.00 20.61  ? 112 TRP A NE1 1 
ATOM   438  C CE2 . TRP A 1 56  ? -8.174  8.628   -2.299  1.00 26.53  ? 112 TRP A CE2 1 
ATOM   439  C CE3 . TRP A 1 56  ? -7.531  6.366   -2.892  1.00 24.79  ? 112 TRP A CE3 1 
ATOM   440  C CZ2 . TRP A 1 56  ? -9.366  8.185   -1.714  1.00 24.00  ? 112 TRP A CZ2 1 
ATOM   441  C CZ3 . TRP A 1 56  ? -8.719  5.932   -2.316  1.00 21.00  ? 112 TRP A CZ3 1 
ATOM   442  C CH2 . TRP A 1 56  ? -9.617  6.838   -1.734  1.00 22.96  ? 112 TRP A CH2 1 
ATOM   443  N N   . LEU A 1 57  ? -2.567  5.902   -3.843  1.00 17.17  ? 113 LEU A N   1 
ATOM   444  C CA  . LEU A 1 57  ? -1.582  5.066   -4.519  1.00 13.79  ? 113 LEU A CA  1 
ATOM   445  C C   . LEU A 1 57  ? -2.319  3.908   -5.178  1.00 17.99  ? 113 LEU A C   1 
ATOM   446  O O   . LEU A 1 57  ? -2.813  3.006   -4.510  1.00 13.22  ? 113 LEU A O   1 
ATOM   447  C CB  . LEU A 1 57  ? -0.558  4.530   -3.520  1.00 12.17  ? 113 LEU A CB  1 
ATOM   448  C CG  . LEU A 1 57  ? 0.590   3.652   -4.041  1.00 16.65  ? 113 LEU A CG  1 
ATOM   449  C CD1 . LEU A 1 57  ? 1.450   4.356   -5.095  1.00 11.35  ? 113 LEU A CD1 1 
ATOM   450  C CD2 . LEU A 1 57  ? 1.439   3.163   -2.874  1.00 12.42  ? 113 LEU A CD2 1 
ATOM   451  N N   . LEU A 1 58  ? -2.407  3.948   -6.501  1.00 24.01  ? 114 LEU A N   1 
ATOM   452  C CA  . LEU A 1 58  ? -3.108  2.911   -7.237  1.00 21.31  ? 114 LEU A CA  1 
ATOM   453  C C   . LEU A 1 58  ? -2.117  1.913   -7.805  1.00 24.35  ? 114 LEU A C   1 
ATOM   454  O O   . LEU A 1 58  ? -1.167  2.291   -8.486  1.00 29.11  ? 114 LEU A O   1 
ATOM   455  C CB  . LEU A 1 58  ? -3.943  3.523   -8.361  1.00 25.66  ? 114 LEU A CB  1 
ATOM   456  C CG  . LEU A 1 58  ? -4.758  4.756   -7.950  1.00 31.32  ? 114 LEU A CG  1 
ATOM   457  C CD1 . LEU A 1 58  ? -5.362  5.428   -9.170  1.00 36.18  ? 114 LEU A CD1 1 
ATOM   458  C CD2 . LEU A 1 58  ? -5.835  4.388   -6.940  1.00 25.16  ? 114 LEU A CD2 1 
ATOM   459  N N   . THR A 1 59  ? -2.326  0.637   -7.499  1.00 23.17  ? 115 THR A N   1 
ATOM   460  C CA  . THR A 1 59  ? -1.581  -0.423  -8.139  1.00 23.66  ? 115 THR A CA  1 
ATOM   461  C C   . THR A 1 59  ? -2.116  -0.549  -9.558  1.00 27.09  ? 115 THR A C   1 
ATOM   462  O O   . THR A 1 59  ? -3.201  -0.058  -9.865  1.00 23.77  ? 115 THR A O   1 
ATOM   463  C CB  . THR A 1 59  ? -1.780  -1.761  -7.411  1.00 23.42  ? 115 THR A CB  1 
ATOM   464  O OG1 . THR A 1 59  ? -3.054  -2.311  -7.765  1.00 15.13  ? 115 THR A OG1 1 
ATOM   465  C CG2 . THR A 1 59  ? -1.704  -1.557  -5.901  1.00 20.74  ? 115 THR A CG2 1 
ATOM   466  N N   . SER A 1 60  ? -1.353  -1.199  -10.426 1.00 25.08  ? 116 SER A N   1 
ATOM   467  C CA  . SER A 1 60  ? -1.823  -1.454  -11.775 1.00 30.42  ? 116 SER A CA  1 
ATOM   468  C C   . SER A 1 60  ? -2.757  -2.654  -11.763 1.00 31.84  ? 116 SER A C   1 
ATOM   469  O O   . SER A 1 60  ? -2.888  -3.340  -10.748 1.00 28.67  ? 116 SER A O   1 
ATOM   470  C CB  . SER A 1 60  ? -0.642  -1.725  -12.711 1.00 32.22  ? 116 SER A CB  1 
ATOM   471  O OG  . SER A 1 60  ? -0.067  -2.989  -12.420 1.00 27.22  ? 116 SER A OG  1 
ATOM   472  N N   . TRP A 1 61  ? -3.394  -2.905  -12.901 1.00 35.99  ? 117 TRP A N   1 
ATOM   473  C CA  . TRP A 1 61  ? -4.309  -4.029  -13.054 1.00 34.42  ? 117 TRP A CA  1 
ATOM   474  C C   . TRP A 1 61  ? -3.700  -5.337  -12.569 1.00 28.34  ? 117 TRP A C   1 
ATOM   475  O O   . TRP A 1 61  ? -2.581  -5.685  -12.932 1.00 28.74  ? 117 TRP A O   1 
ATOM   476  C CB  . TRP A 1 61  ? -4.730  -4.170  -14.518 1.00 38.27  ? 117 TRP A CB  1 
ATOM   477  C CG  . TRP A 1 61  ? -5.873  -5.098  -14.715 1.00 38.24  ? 117 TRP A CG  1 
ATOM   478  C CD1 . TRP A 1 61  ? -7.187  -4.839  -14.476 1.00 40.08  ? 117 TRP A CD1 1 
ATOM   479  C CD2 . TRP A 1 61  ? -5.808  -6.448  -15.183 1.00 43.18  ? 117 TRP A CD2 1 
ATOM   480  N NE1 . TRP A 1 61  ? -7.949  -5.943  -14.766 1.00 40.52  ? 117 TRP A NE1 1 
ATOM   481  C CE2 . TRP A 1 61  ? -7.125  -6.946  -15.204 1.00 44.94  ? 117 TRP A CE2 1 
ATOM   482  C CE3 . TRP A 1 61  ? -4.764  -7.287  -15.589 1.00 38.11  ? 117 TRP A CE3 1 
ATOM   483  C CZ2 . TRP A 1 61  ? -7.426  -8.244  -15.617 1.00 41.76  ? 117 TRP A CZ2 1 
ATOM   484  C CZ3 . TRP A 1 61  ? -5.064  -8.572  -15.996 1.00 33.22  ? 117 TRP A CZ3 1 
ATOM   485  C CH2 . TRP A 1 61  ? -6.383  -9.038  -16.005 1.00 33.27  ? 117 TRP A CH2 1 
ATOM   486  N N   . ILE A 1 62  ? -4.449  -6.056  -11.744 1.00 26.65  ? 118 ILE A N   1 
ATOM   487  C CA  . ILE A 1 62  ? -4.018  -7.350  -11.238 1.00 28.12  ? 118 ILE A CA  1 
ATOM   488  C C   . ILE A 1 62  ? -5.011  -8.413  -11.698 1.00 34.83  ? 118 ILE A C   1 
ATOM   489  O O   . ILE A 1 62  ? -6.217  -8.279  -11.491 1.00 33.17  ? 118 ILE A O   1 
ATOM   490  C CB  . ILE A 1 62  ? -3.953  -7.361  -9.694  1.00 26.25  ? 118 ILE A CB  1 
ATOM   491  C CG1 . ILE A 1 62  ? -3.063  -6.218  -9.189  1.00 28.52  ? 118 ILE A CG1 1 
ATOM   492  C CG2 . ILE A 1 62  ? -3.483  -8.718  -9.182  1.00 22.49  ? 118 ILE A CG2 1 
ATOM   493  C CD1 . ILE A 1 62  ? -3.122  -5.993  -7.684  1.00 26.20  ? 118 ILE A CD1 1 
ATOM   494  N N   . SER A 1 63  ? -4.502  -9.465  -12.328 1.00 32.55  ? 119 SER A N   1 
ATOM   495  C CA  . SER A 1 63  ? -5.341  -10.559 -12.784 1.00 30.19  ? 119 SER A CA  1 
ATOM   496  C C   . SER A 1 63  ? -5.725  -11.446 -11.617 1.00 31.47  ? 119 SER A C   1 
ATOM   497  O O   . SER A 1 63  ? -4.873  -11.807 -10.800 1.00 30.52  ? 119 SER A O   1 
ATOM   498  C CB  . SER A 1 63  ? -4.610  -11.388 -13.838 1.00 29.88  ? 119 SER A CB  1 
ATOM   499  O OG  . SER A 1 63  ? -5.182  -12.680 -13.957 1.00 36.02  ? 119 SER A OG  1 
ATOM   500  N N   . ASN A 1 64  ? -7.011  -11.787 -11.539 1.00 31.97  ? 120 ASN A N   1 
ATOM   501  C CA  . ASN A 1 64  ? -7.501  -12.720 -10.527 1.00 32.89  ? 120 ASN A CA  1 
ATOM   502  C C   . ASN A 1 64  ? -7.156  -14.152 -10.923 1.00 36.45  ? 120 ASN A C   1 
ATOM   503  O O   . ASN A 1 64  ? -7.056  -15.037 -10.069 1.00 32.79  ? 120 ASN A O   1 
ATOM   504  C CB  . ASN A 1 64  ? -9.012  -12.565 -10.315 1.00 31.88  ? 120 ASN A CB  1 
ATOM   505  C CG  . ASN A 1 64  ? -9.791  -12.513 -11.626 1.00 33.93  ? 120 ASN A CG  1 
ATOM   506  O OD1 . ASN A 1 64  ? -9.552  -13.297 -12.539 1.00 38.44  ? 120 ASN A OD1 1 
ATOM   507  N ND2 . ASN A 1 64  ? -10.729 -11.588 -11.715 1.00 37.64  ? 120 ASN A ND2 1 
ATOM   508  N N   . GLU A 1 65  ? -6.961  -14.352 -12.228 1.00 34.28  ? 121 GLU A N   1 
ATOM   509  C CA  . GLU A 1 65  ? -6.661  -15.661 -12.795 1.00 34.27  ? 121 GLU A CA  1 
ATOM   510  C C   . GLU A 1 65  ? -7.796  -16.657 -12.555 1.00 34.19  ? 121 GLU A C   1 
ATOM   511  O O   . GLU A 1 65  ? -7.573  -17.818 -12.191 1.00 25.72  ? 121 GLU A O   1 
ATOM   512  C CB  . GLU A 1 65  ? -5.325  -16.182 -12.266 1.00 39.46  ? 121 GLU A CB  1 
ATOM   513  C CG  . GLU A 1 65  ? -4.119  -15.563 -12.968 1.00 42.61  ? 121 GLU A CG  1 
ATOM   514  C CD  . GLU A 1 65  ? -2.823  -15.795 -12.216 1.00 52.06  ? 121 GLU A CD  1 
ATOM   515  O OE1 . GLU A 1 65  ? -2.630  -16.911 -11.681 1.00 54.86  ? 121 GLU A OE1 1 
ATOM   516  O OE2 . GLU A 1 65  ? -1.994  -14.856 -12.159 1.00 54.08  ? 121 GLU A OE2 1 
ATOM   517  N N   . GLY A 1 66  ? -9.019  -16.178 -12.762 1.00 35.48  ? 122 GLY A N   1 
ATOM   518  C CA  . GLY A 1 66  ? -10.208 -16.994 -12.605 1.00 34.73  ? 122 GLY A CA  1 
ATOM   519  C C   . GLY A 1 66  ? -10.590 -17.252 -11.163 1.00 33.06  ? 122 GLY A C   1 
ATOM   520  O O   . GLY A 1 66  ? -11.654 -17.807 -10.890 1.00 33.84  ? 122 GLY A O   1 
ATOM   521  N N   . ALA A 1 67  ? -9.727  -16.861 -10.232 1.00 32.76  ? 123 ALA A N   1 
ATOM   522  C CA  . ALA A 1 67  ? -10.052 -16.996 -8.818  1.00 33.42  ? 123 ALA A CA  1 
ATOM   523  C C   . ALA A 1 67  ? -11.239 -16.097 -8.459  1.00 40.10  ? 123 ALA A C   1 
ATOM   524  O O   . ALA A 1 67  ? -11.732 -15.319 -9.288  1.00 36.25  ? 123 ALA A O   1 
ATOM   525  C CB  . ALA A 1 67  ? -8.845  -16.686 -7.945  1.00 33.34  ? 123 ALA A CB  1 
ATOM   526  N N   . SER A 1 68  ? -11.692 -16.204 -7.217  1.00 39.42  ? 124 SER A N   1 
ATOM   527  C CA  . SER A 1 68  ? -12.944 -15.585 -6.816  1.00 37.70  ? 124 SER A CA  1 
ATOM   528  C C   . SER A 1 68  ? -12.816 -14.872 -5.471  1.00 39.76  ? 124 SER A C   1 
ATOM   529  O O   . SER A 1 68  ? -13.466 -13.851 -5.233  1.00 36.77  ? 124 SER A O   1 
ATOM   530  C CB  . SER A 1 68  ? -14.040 -16.653 -6.774  1.00 35.31  ? 124 SER A CB  1 
ATOM   531  O OG  . SER A 1 68  ? -15.075 -16.314 -5.876  1.00 42.79  ? 124 SER A OG  1 
ATOM   532  N N   . ARG A 1 69  ? -11.984 -15.427 -4.594  1.00 35.81  ? 125 ARG A N   1 
ATOM   533  C CA  . ARG A 1 69  ? -11.674 -14.798 -3.314  1.00 37.82  ? 125 ARG A CA  1 
ATOM   534  C C   . ARG A 1 69  ? -10.163 -14.651 -3.132  1.00 35.88  ? 125 ARG A C   1 
ATOM   535  O O   . ARG A 1 69  ? -9.421  -15.627 -3.240  1.00 36.95  ? 125 ARG A O   1 
ATOM   536  C CB  . ARG A 1 69  ? -12.267 -15.587 -2.149  1.00 29.66  ? 125 ARG A CB  1 
ATOM   537  C CG  . ARG A 1 69  ? -11.849 -15.049 -0.797  1.00 37.88  ? 125 ARG A CG  1 
ATOM   538  C CD  . ARG A 1 69  ? -12.587 -15.742 0.324   1.00 42.68  ? 125 ARG A CD  1 
ATOM   539  N NE  . ARG A 1 69  ? -14.038 -15.674 0.157   1.00 53.44  ? 125 ARG A NE  1 
ATOM   540  C CZ  . ARG A 1 69  ? -14.781 -14.600 0.417   1.00 51.74  ? 125 ARG A CZ  1 
ATOM   541  N NH1 . ARG A 1 69  ? -14.215 -13.477 0.851   1.00 42.80  ? 125 ARG A NH1 1 
ATOM   542  N NH2 . ARG A 1 69  ? -16.094 -14.648 0.237   1.00 48.20  ? 125 ARG A NH2 1 
ATOM   543  N N   . ILE A 1 70  ? -9.713  -13.429 -2.856  1.00 34.09  ? 126 ILE A N   1 
ATOM   544  C CA  . ILE A 1 70  ? -8.282  -13.156 -2.727  1.00 32.93  ? 126 ILE A CA  1 
ATOM   545  C C   . ILE A 1 70  ? -7.930  -12.580 -1.364  1.00 29.78  ? 126 ILE A C   1 
ATOM   546  O O   . ILE A 1 70  ? -8.785  -12.056 -0.657  1.00 28.28  ? 126 ILE A O   1 
ATOM   547  C CB  . ILE A 1 70  ? -7.802  -12.176 -3.803  1.00 28.56  ? 126 ILE A CB  1 
ATOM   548  C CG1 . ILE A 1 70  ? -8.444  -10.811 -3.581  1.00 27.65  ? 126 ILE A CG1 1 
ATOM   549  C CG2 . ILE A 1 70  ? -8.135  -12.694 -5.179  1.00 27.11  ? 126 ILE A CG2 1 
ATOM   550  C CD1 . ILE A 1 70  ? -8.768  -10.094 -4.849  1.00 29.87  ? 126 ILE A CD1 1 
ATOM   551  N N   . PHE A 1 71  ? -6.656  -12.685 -1.010  1.00 29.76  ? 127 PHE A N   1 
ATOM   552  C CA  . PHE A 1 71  ? -6.144  -12.145 0.241   1.00 28.77  ? 127 PHE A CA  1 
ATOM   553  C C   . PHE A 1 71  ? -5.077  -11.097 -0.035  1.00 27.88  ? 127 PHE A C   1 
ATOM   554  O O   . PHE A 1 71  ? -4.097  -11.368 -0.743  1.00 27.87  ? 127 PHE A O   1 
ATOM   555  C CB  . PHE A 1 71  ? -5.536  -13.257 1.099   1.00 25.91  ? 127 PHE A CB  1 
ATOM   556  C CG  . PHE A 1 71  ? -6.519  -14.280 1.533   1.00 28.43  ? 127 PHE A CG  1 
ATOM   557  C CD1 . PHE A 1 71  ? -6.965  -14.313 2.844   1.00 30.32  ? 127 PHE A CD1 1 
ATOM   558  C CD2 . PHE A 1 71  ? -7.010  -15.208 0.628   1.00 34.89  ? 127 PHE A CD2 1 
ATOM   559  C CE1 . PHE A 1 71  ? -7.883  -15.252 3.255   1.00 28.16  ? 127 PHE A CE1 1 
ATOM   560  C CE2 . PHE A 1 71  ? -7.928  -16.154 1.024   1.00 35.84  ? 127 PHE A CE2 1 
ATOM   561  C CZ  . PHE A 1 71  ? -8.366  -16.177 2.347   1.00 41.20  ? 127 PHE A CZ  1 
ATOM   562  N N   . ILE A 1 72  ? -5.274  -9.910  0.533   1.00 24.05  ? 128 ILE A N   1 
ATOM   563  C CA  . ILE A 1 72  ? -4.302  -8.831  0.459   1.00 19.24  ? 128 ILE A CA  1 
ATOM   564  C C   . ILE A 1 72  ? -3.502  -8.871  1.735   1.00 18.21  ? 128 ILE A C   1 
ATOM   565  O O   . ILE A 1 72  ? -4.067  -8.733  2.814   1.00 17.86  ? 128 ILE A O   1 
ATOM   566  C CB  . ILE A 1 72  ? -4.987  -7.463  0.396   1.00 19.04  ? 128 ILE A CB  1 
ATOM   567  C CG1 . ILE A 1 72  ? -6.206  -7.503  -0.531  1.00 17.47  ? 128 ILE A CG1 1 
ATOM   568  C CG2 . ILE A 1 72  ? -3.982  -6.369  -0.007  1.00 18.11  ? 128 ILE A CG2 1 
ATOM   569  C CD1 . ILE A 1 72  ? -5.860  -7.642  -1.989  1.00 22.45  ? 128 ILE A CD1 1 
ATOM   570  N N   . GLU A 1 73  ? -2.196  -9.081  1.612   1.00 16.79  ? 129 GLU A N   1 
ATOM   571  C CA  . GLU A 1 73  ? -1.288  -9.105  2.756   1.00 16.36  ? 129 GLU A CA  1 
ATOM   572  C C   . GLU A 1 73  ? -0.424  -7.847  2.700   1.00 17.07  ? 129 GLU A C   1 
ATOM   573  O O   . GLU A 1 73  ? 0.239   -7.589  1.698   1.00 15.74  ? 129 GLU A O   1 
ATOM   574  C CB  . GLU A 1 73  ? -0.397  -10.354 2.713   1.00 18.69  ? 129 GLU A CB  1 
ATOM   575  C CG  . GLU A 1 73  ? 0.437   -10.607 3.972   1.00 23.14  ? 129 GLU A CG  1 
ATOM   576  C CD  . GLU A 1 73  ? 1.682   -11.461 3.701   1.00 25.13  ? 129 GLU A CD  1 
ATOM   577  O OE1 . GLU A 1 73  ? 2.716   -10.900 3.298   1.00 23.17  ? 129 GLU A OE1 1 
ATOM   578  O OE2 . GLU A 1 73  ? 1.639   -12.691 3.914   1.00 26.43  ? 129 GLU A OE2 1 
ATOM   579  N N   . LEU A 1 74  ? -0.439  -7.061  3.771   1.00 17.65  ? 130 LEU A N   1 
ATOM   580  C CA  . LEU A 1 74  ? 0.307   -5.812  3.810   1.00 15.45  ? 130 LEU A CA  1 
ATOM   581  C C   . LEU A 1 74  ? 1.348   -5.824  4.912   1.00 16.06  ? 130 LEU A C   1 
ATOM   582  O O   . LEU A 1 74  ? 1.076   -6.222  6.038   1.00 16.83  ? 130 LEU A O   1 
ATOM   583  C CB  . LEU A 1 74  ? -0.634  -4.627  4.018   1.00 16.96  ? 130 LEU A CB  1 
ATOM   584  C CG  . LEU A 1 74  ? -1.738  -4.359  3.002   1.00 13.28  ? 130 LEU A CG  1 
ATOM   585  C CD1 . LEU A 1 74  ? -2.464  -3.087  3.404   1.00 14.47  ? 130 LEU A CD1 1 
ATOM   586  C CD2 . LEU A 1 74  ? -1.163  -4.239  1.603   1.00 11.66  ? 130 LEU A CD2 1 
ATOM   587  N N   . LYS A 1 75  ? 2.548   -5.385  4.571   1.00 17.37  ? 131 LYS A N   1 
ATOM   588  C CA  . LYS A 1 75  ? 3.591   -5.190  5.558   1.00 18.69  ? 131 LYS A CA  1 
ATOM   589  C C   . LYS A 1 75  ? 4.005   -3.734  5.483   1.00 19.24  ? 131 LYS A C   1 
ATOM   590  O O   . LYS A 1 75  ? 4.282   -3.222  4.399   1.00 18.88  ? 131 LYS A O   1 
ATOM   591  C CB  . LYS A 1 75  ? 4.781   -6.102  5.265   1.00 19.75  ? 131 LYS A CB  1 
ATOM   592  C CG  . LYS A 1 75  ? 4.563   -7.560  5.635   1.00 18.85  ? 131 LYS A CG  1 
ATOM   593  C CD  . LYS A 1 75  ? 5.742   -8.410  5.180   1.00 24.30  ? 131 LYS A CD  1 
ATOM   594  C CE  . LYS A 1 75  ? 5.417   -9.901  5.210   1.00 30.22  ? 131 LYS A CE  1 
ATOM   595  N NZ  . LYS A 1 75  ? 5.159   -10.403 6.587   1.00 28.70  ? 131 LYS A NZ  1 
ATOM   596  N N   . PHE A 1 76  ? 4.041   -3.057  6.625   1.00 19.96  ? 132 PHE A N   1 
ATOM   597  C CA  . PHE A 1 76  ? 4.383   -1.640  6.631   1.00 19.80  ? 132 PHE A CA  1 
ATOM   598  C C   . PHE A 1 76  ? 5.020   -1.167  7.934   1.00 21.20  ? 132 PHE A C   1 
ATOM   599  O O   . PHE A 1 76  ? 4.934   -1.837  8.961   1.00 21.15  ? 132 PHE A O   1 
ATOM   600  C CB  . PHE A 1 76  ? 3.135   -0.809  6.332   1.00 21.50  ? 132 PHE A CB  1 
ATOM   601  C CG  . PHE A 1 76  ? 2.013   -1.032  7.306   1.00 23.74  ? 132 PHE A CG  1 
ATOM   602  C CD1 . PHE A 1 76  ? 1.177   -2.133  7.178   1.00 22.47  ? 132 PHE A CD1 1 
ATOM   603  C CD2 . PHE A 1 76  ? 1.796   -0.146  8.348   1.00 18.98  ? 132 PHE A CD2 1 
ATOM   604  C CE1 . PHE A 1 76  ? 0.145   -2.343  8.076   1.00 23.13  ? 132 PHE A CE1 1 
ATOM   605  C CE2 . PHE A 1 76  ? 0.766   -0.344  9.242   1.00 19.52  ? 132 PHE A CE2 1 
ATOM   606  C CZ  . PHE A 1 76  ? -0.061  -1.444  9.109   1.00 24.87  ? 132 PHE A CZ  1 
ATOM   607  N N   . THR A 1 77  ? 5.670   -0.009  7.878   1.00 20.80  ? 133 THR A N   1 
ATOM   608  C CA  . THR A 1 77  ? 6.091   0.672   9.093   1.00 21.92  ? 133 THR A CA  1 
ATOM   609  C C   . THR A 1 77  ? 5.276   1.949   9.235   1.00 25.74  ? 133 THR A C   1 
ATOM   610  O O   . THR A 1 77  ? 4.609   2.373   8.289   1.00 23.11  ? 133 THR A O   1 
ATOM   611  C CB  . THR A 1 77  ? 7.575   1.019   9.083   1.00 21.81  ? 133 THR A CB  1 
ATOM   612  O OG1 . THR A 1 77  ? 7.834   1.959   8.034   1.00 26.75  ? 133 THR A OG1 1 
ATOM   613  C CG2 . THR A 1 77  ? 8.413   -0.225  8.865   1.00 26.42  ? 133 THR A CG2 1 
ATOM   614  N N   . LEU A 1 78  ? 5.330   2.555   10.417  1.00 22.47  ? 134 LEU A N   1 
ATOM   615  C CA  . LEU A 1 78  ? 4.483   3.700   10.731  1.00 26.28  ? 134 LEU A CA  1 
ATOM   616  C C   . LEU A 1 78  ? 4.985   4.414   11.981  1.00 25.44  ? 134 LEU A C   1 
ATOM   617  O O   . LEU A 1 78  ? 5.233   3.781   13.005  1.00 24.13  ? 134 LEU A O   1 
ATOM   618  C CB  . LEU A 1 78  ? 3.023   3.259   10.904  1.00 25.77  ? 134 LEU A CB  1 
ATOM   619  C CG  . LEU A 1 78  ? 2.001   4.279   11.420  1.00 27.78  ? 134 LEU A CG  1 
ATOM   620  C CD1 . LEU A 1 78  ? 0.615   4.001   10.838  1.00 22.50  ? 134 LEU A CD1 1 
ATOM   621  C CD2 . LEU A 1 78  ? 1.960   4.317   12.953  1.00 21.51  ? 134 LEU A CD2 1 
ATOM   622  N N   . ARG A 1 79  ? 5.132   5.733   11.872  1.00 24.80  ? 135 ARG A N   1 
ATOM   623  C CA  . ARG A 1 79  ? 5.726   6.573   12.913  1.00 28.79  ? 135 ARG A CA  1 
ATOM   624  C C   . ARG A 1 79  ? 4.811   6.743   14.125  1.00 29.43  ? 135 ARG A C   1 
ATOM   625  O O   . ARG A 1 79  ? 3.591   6.838   13.983  1.00 28.53  ? 135 ARG A O   1 
ATOM   626  C CB  . ARG A 1 79  ? 6.022   7.956   12.321  1.00 29.57  ? 135 ARG A CB  1 
ATOM   627  C CG  . ARG A 1 79  ? 6.997   8.811   13.101  1.00 27.93  ? 135 ARG A CG  1 
ATOM   628  C CD  . ARG A 1 79  ? 8.403   8.269   12.970  1.00 35.58  ? 135 ARG A CD  1 
ATOM   629  N NE  . ARG A 1 79  ? 9.428   9.301   13.135  1.00 47.99  ? 135 ARG A NE  1 
ATOM   630  C CZ  . ARG A 1 79  ? 10.313  9.633   12.199  1.00 43.60  ? 135 ARG A CZ  1 
ATOM   631  N NH1 . ARG A 1 79  ? 10.319  9.013   11.020  1.00 39.79  ? 135 ARG A NH1 1 
ATOM   632  N NH2 . ARG A 1 79  ? 11.205  10.579  12.449  1.00 39.44  ? 135 ARG A NH2 1 
ATOM   633  N N   . ASP A 1 80  ? 5.398   6.795   15.316  1.00 32.63  ? 136 ASP A N   1 
ATOM   634  C CA  . ASP A 1 80  ? 4.643   7.170   16.515  1.00 36.11  ? 136 ASP A CA  1 
ATOM   635  C C   . ASP A 1 80  ? 4.301   8.651   16.438  1.00 27.81  ? 136 ASP A C   1 
ATOM   636  O O   . ASP A 1 80  ? 5.184   9.495   16.494  1.00 32.66  ? 136 ASP A O   1 
ATOM   637  C CB  . ASP A 1 80  ? 5.452   6.891   17.788  1.00 34.68  ? 136 ASP A CB  1 
ATOM   638  C CG  . ASP A 1 80  ? 4.629   7.047   19.057  1.00 38.67  ? 136 ASP A CG  1 
ATOM   639  O OD1 . ASP A 1 80  ? 3.732   7.916   19.090  1.00 40.04  ? 136 ASP A OD1 1 
ATOM   640  O OD2 . ASP A 1 80  ? 4.882   6.302   20.029  1.00 39.35  ? 136 ASP A OD2 1 
ATOM   641  N N   . CYS A 1 81  ? 3.020   8.961   16.300  1.00 24.77  ? 137 CYS A N   1 
ATOM   642  C CA  . CYS A 1 81  ? 2.581   10.345  16.190  1.00 29.05  ? 137 CYS A CA  1 
ATOM   643  C C   . CYS A 1 81  ? 2.960   11.181  17.402  1.00 30.74  ? 137 CYS A C   1 
ATOM   644  O O   . CYS A 1 81  ? 3.115   12.396  17.302  1.00 30.38  ? 137 CYS A O   1 
ATOM   645  C CB  . CYS A 1 81  ? 1.070   10.407  15.958  1.00 34.34  ? 137 CYS A CB  1 
ATOM   646  S SG  . CYS A 1 81  ? 0.595   10.145  14.230  1.00 30.29  ? 137 CYS A SG  1 
ATOM   647  N N   . ASN A 1 82  ? 3.104   10.524  18.548  1.00 33.63  ? 138 ASN A N   1 
ATOM   648  C CA  . ASN A 1 82  ? 3.531   11.194  19.769  1.00 37.48  ? 138 ASN A CA  1 
ATOM   649  C C   . ASN A 1 82  ? 4.957   11.723  19.684  1.00 40.34  ? 138 ASN A C   1 
ATOM   650  O O   . ASN A 1 82  ? 5.274   12.759  20.271  1.00 44.03  ? 138 ASN A O   1 
ATOM   651  C CB  . ASN A 1 82  ? 3.399   10.261  20.975  1.00 38.51  ? 138 ASN A CB  1 
ATOM   652  C CG  . ASN A 1 82  ? 1.958   10.036  21.381  1.00 43.45  ? 138 ASN A CG  1 
ATOM   653  O OD1 . ASN A 1 82  ? 1.595   8.944   21.814  1.00 44.67  ? 138 ASN A OD1 1 
ATOM   654  N ND2 . ASN A 1 82  ? 1.125   11.067  21.235  1.00 34.54  ? 138 ASN A ND2 1 
ATOM   655  N N   . SER A 1 83  ? 5.818   11.011  18.962  1.00 35.78  ? 139 SER A N   1 
ATOM   656  C CA  . SER A 1 83  ? 7.204   11.432  18.835  1.00 35.42  ? 139 SER A CA  1 
ATOM   657  C C   . SER A 1 83  ? 7.301   12.701  17.994  1.00 38.43  ? 139 SER A C   1 
ATOM   658  O O   . SER A 1 83  ? 8.315   13.401  18.029  1.00 40.21  ? 139 SER A O   1 
ATOM   659  C CB  . SER A 1 83  ? 8.077   10.314  18.263  1.00 34.31  ? 139 SER A CB  1 
ATOM   660  O OG  . SER A 1 83  ? 7.796   10.086  16.897  1.00 43.83  ? 139 SER A OG  1 
ATOM   661  N N   . LEU A 1 84  ? 6.236   13.003  17.257  1.00 33.42  ? 140 LEU A N   1 
ATOM   662  C CA  . LEU A 1 84  ? 6.160   14.244  16.489  1.00 33.36  ? 140 LEU A CA  1 
ATOM   663  C C   . LEU A 1 84  ? 5.561   15.378  17.329  1.00 39.63  ? 140 LEU A C   1 
ATOM   664  O O   . LEU A 1 84  ? 4.728   15.133  18.207  1.00 42.87  ? 140 LEU A O   1 
ATOM   665  C CB  . LEU A 1 84  ? 5.333   14.022  15.227  1.00 30.22  ? 140 LEU A CB  1 
ATOM   666  C CG  . LEU A 1 84  ? 5.766   12.796  14.418  1.00 32.84  ? 140 LEU A CG  1 
ATOM   667  C CD1 . LEU A 1 84  ? 4.640   12.284  13.513  1.00 26.61  ? 140 LEU A CD1 1 
ATOM   668  C CD2 . LEU A 1 84  ? 7.037   13.077  13.617  1.00 31.77  ? 140 LEU A CD2 1 
ATOM   669  N N   . PRO A 1 85  ? 5.983   16.624  17.065  1.00 32.81  ? 141 PRO A N   1 
ATOM   670  C CA  . PRO A 1 85  ? 5.534   17.769  17.865  1.00 35.54  ? 141 PRO A CA  1 
ATOM   671  C C   . PRO A 1 85  ? 4.020   17.944  17.823  1.00 40.95  ? 141 PRO A C   1 
ATOM   672  O O   . PRO A 1 85  ? 3.395   17.681  16.799  1.00 44.63  ? 141 PRO A O   1 
ATOM   673  C CB  . PRO A 1 85  ? 6.228   18.960  17.196  1.00 36.47  ? 141 PRO A CB  1 
ATOM   674  C CG  . PRO A 1 85  ? 7.404   18.378  16.504  1.00 33.60  ? 141 PRO A CG  1 
ATOM   675  C CD  . PRO A 1 85  ? 6.945   17.028  16.028  1.00 38.66  ? 141 PRO A CD  1 
ATOM   676  N N   . GLY A 1 86  ? 3.443   18.383  18.939  1.00 44.70  ? 142 GLY A N   1 
ATOM   677  C CA  . GLY A 1 86  ? 2.009   18.570  19.036  1.00 34.72  ? 142 GLY A CA  1 
ATOM   678  C C   . GLY A 1 86  ? 1.611   19.998  18.735  1.00 44.33  ? 142 GLY A C   1 
ATOM   679  O O   . GLY A 1 86  ? 1.463   20.814  19.643  1.00 51.62  ? 142 GLY A O   1 
ATOM   680  N N   . GLY A 1 87  ? 1.441   20.308  17.456  1.00 42.73  ? 143 GLY A N   1 
ATOM   681  C CA  . GLY A 1 87  ? 1.044   21.643  17.066  1.00 33.73  ? 143 GLY A CA  1 
ATOM   682  C C   . GLY A 1 87  ? 1.243   21.891  15.592  1.00 38.73  ? 143 GLY A C   1 
ATOM   683  O O   . GLY A 1 87  ? 0.637   22.788  15.010  1.00 48.98  ? 143 GLY A O   1 
ATOM   684  N N   . LEU A 1 88  ? 2.087   21.085  14.971  1.00 36.83  ? 144 LEU A N   1 
ATOM   685  C CA  . LEU A 1 88  ? 2.465   21.343  13.591  1.00 39.23  ? 144 LEU A CA  1 
ATOM   686  C C   . LEU A 1 88  ? 1.344   21.025  12.599  1.00 45.11  ? 144 LEU A C   1 
ATOM   687  O O   . LEU A 1 88  ? 1.059   21.813  11.689  1.00 46.23  ? 144 LEU A O   1 
ATOM   688  C CB  . LEU A 1 88  ? 3.744   20.580  13.247  1.00 39.73  ? 144 LEU A CB  1 
ATOM   689  C CG  . LEU A 1 88  ? 4.875   20.823  14.253  1.00 37.47  ? 144 LEU A CG  1 
ATOM   690  C CD1 . LEU A 1 88  ? 6.205   20.359  13.678  1.00 28.26  ? 144 LEU A CD1 1 
ATOM   691  C CD2 . LEU A 1 88  ? 4.940   22.305  14.674  1.00 34.84  ? 144 LEU A CD2 1 
ATOM   692  N N   . GLY A 1 89  ? 0.708   19.872  12.778  1.00 40.75  ? 145 GLY A N   1 
ATOM   693  C CA  . GLY A 1 89  ? -0.370  19.467  11.897  1.00 38.81  ? 145 GLY A CA  1 
ATOM   694  C C   . GLY A 1 89  ? -0.806  18.025  12.055  1.00 31.53  ? 145 GLY A C   1 
ATOM   695  O O   . GLY A 1 89  ? -0.316  17.294  12.911  1.00 29.20  ? 145 GLY A O   1 
ATOM   696  N N   . THR A 1 90  ? -1.737  17.619  11.204  1.00 33.46  ? 146 THR A N   1 
ATOM   697  C CA  . THR A 1 90  ? -2.312  16.281  11.254  1.00 31.67  ? 146 THR A CA  1 
ATOM   698  C C   . THR A 1 90  ? -1.273  15.171  11.407  1.00 30.43  ? 146 THR A C   1 
ATOM   699  O O   . THR A 1 90  ? -0.251  15.166  10.725  1.00 30.28  ? 146 THR A O   1 
ATOM   700  C CB  . THR A 1 90  ? -3.127  15.996  9.983   1.00 28.02  ? 146 THR A CB  1 
ATOM   701  O OG1 . THR A 1 90  ? -4.121  17.012  9.811   1.00 20.99  ? 146 THR A OG1 1 
ATOM   702  C CG2 . THR A 1 90  ? -3.798  14.622  10.078  1.00 29.23  ? 146 THR A CG2 1 
ATOM   703  N N   . CYS A 1 91  ? -1.544  14.229  12.306  1.00 28.53  ? 147 CYS A N   1 
ATOM   704  C CA  . CYS A 1 91  ? -0.782  12.986  12.353  1.00 23.55  ? 147 CYS A CA  1 
ATOM   705  C C   . CYS A 1 91  ? -1.630  11.765  12.748  1.00 24.82  ? 147 CYS A C   1 
ATOM   706  O O   . CYS A 1 91  ? -1.990  11.575  13.915  1.00 21.32  ? 147 CYS A O   1 
ATOM   707  C CB  . CYS A 1 91  ? 0.433   13.108  13.267  1.00 23.83  ? 147 CYS A CB  1 
ATOM   708  S SG  . CYS A 1 91  ? 1.502   11.651  13.189  1.00 34.00  ? 147 CYS A SG  1 
ATOM   709  N N   . LYS A 1 92  ? -1.930  10.928  11.763  1.00 24.98  ? 148 LYS A N   1 
ATOM   710  C CA  . LYS A 1 92  ? -2.700  9.718   12.011  1.00 23.42  ? 148 LYS A CA  1 
ATOM   711  C C   . LYS A 1 92  ? -1.829  8.460   12.037  1.00 22.87  ? 148 LYS A C   1 
ATOM   712  O O   . LYS A 1 92  ? -0.687  8.459   11.569  1.00 19.51  ? 148 LYS A O   1 
ATOM   713  C CB  . LYS A 1 92  ? -3.831  9.620   10.998  1.00 16.48  ? 148 LYS A CB  1 
ATOM   714  C CG  . LYS A 1 92  ? -4.906  10.614  11.317  1.00 18.51  ? 148 LYS A CG  1 
ATOM   715  C CD  . LYS A 1 92  ? -5.635  11.121  10.101  1.00 24.39  ? 148 LYS A CD  1 
ATOM   716  C CE  . LYS A 1 92  ? -6.565  12.254  10.501  1.00 26.64  ? 148 LYS A CE  1 
ATOM   717  N NZ  . LYS A 1 92  ? -6.820  12.233  11.980  1.00 25.02  ? 148 LYS A NZ  1 
ATOM   718  N N   . GLU A 1 93  ? -2.366  7.391   12.613  1.00 25.09  ? 149 GLU A N   1 
ATOM   719  C CA  . GLU A 1 93  ? -1.641  6.129   12.671  1.00 24.65  ? 149 GLU A CA  1 
ATOM   720  C C   . GLU A 1 93  ? -2.422  5.030   11.967  1.00 20.01  ? 149 GLU A C   1 
ATOM   721  O O   . GLU A 1 93  ? -2.199  3.845   12.203  1.00 23.05  ? 149 GLU A O   1 
ATOM   722  C CB  . GLU A 1 93  ? -1.341  5.755   14.123  1.00 24.71  ? 149 GLU A CB  1 
ATOM   723  C CG  . GLU A 1 93  ? -0.872  6.952   14.952  1.00 28.70  ? 149 GLU A CG  1 
ATOM   724  C CD  . GLU A 1 93  ? -0.123  6.553   16.208  1.00 31.05  ? 149 GLU A CD  1 
ATOM   725  O OE1 . GLU A 1 93  ? -0.556  5.602   16.888  1.00 28.82  ? 149 GLU A OE1 1 
ATOM   726  O OE2 . GLU A 1 93  ? 0.901   7.199   16.516  1.00 33.32  ? 149 GLU A OE2 1 
ATOM   727  N N   . THR A 1 94  ? -3.345  5.436   11.103  1.00 16.12  ? 150 THR A N   1 
ATOM   728  C CA  . THR A 1 94  ? -4.113  4.494   10.310  1.00 18.43  ? 150 THR A CA  1 
ATOM   729  C C   . THR A 1 94  ? -4.268  5.003   8.871   1.00 23.20  ? 150 THR A C   1 
ATOM   730  O O   . THR A 1 94  ? -4.375  6.211   8.644   1.00 23.39  ? 150 THR A O   1 
ATOM   731  C CB  . THR A 1 94  ? -5.516  4.231   10.919  1.00 18.94  ? 150 THR A CB  1 
ATOM   732  O OG1 . THR A 1 94  ? -6.361  5.367   10.710  1.00 15.51  ? 150 THR A OG1 1 
ATOM   733  C CG2 . THR A 1 94  ? -5.424  3.924   12.412  1.00 15.06  ? 150 THR A CG2 1 
ATOM   734  N N   . PHE A 1 95  ? -4.266  4.082   7.904   1.00 23.03  ? 151 PHE A N   1 
ATOM   735  C CA  . PHE A 1 95  ? -4.567  4.421   6.511   1.00 16.91  ? 151 PHE A CA  1 
ATOM   736  C C   . PHE A 1 95  ? -5.687  3.524   5.962   1.00 16.83  ? 151 PHE A C   1 
ATOM   737  O O   . PHE A 1 95  ? -6.049  2.530   6.592   1.00 15.97  ? 151 PHE A O   1 
ATOM   738  C CB  . PHE A 1 95  ? -3.307  4.342   5.644   1.00 15.80  ? 151 PHE A CB  1 
ATOM   739  C CG  . PHE A 1 95  ? -2.697  2.966   5.568   1.00 16.24  ? 151 PHE A CG  1 
ATOM   740  C CD1 . PHE A 1 95  ? -2.839  2.189   4.420   1.00 15.37  ? 151 PHE A CD1 1 
ATOM   741  C CD2 . PHE A 1 95  ? -1.976  2.452   6.634   1.00 19.01  ? 151 PHE A CD2 1 
ATOM   742  C CE1 . PHE A 1 95  ? -2.272  0.925   4.340   1.00 16.35  ? 151 PHE A CE1 1 
ATOM   743  C CE2 . PHE A 1 95  ? -1.401  1.183   6.566   1.00 18.25  ? 151 PHE A CE2 1 
ATOM   744  C CZ  . PHE A 1 95  ? -1.549  0.419   5.418   1.00 18.59  ? 151 PHE A CZ  1 
ATOM   745  N N   . ASN A 1 96  ? -6.244  3.885   4.808   1.00 15.46  ? 152 ASN A N   1 
ATOM   746  C CA  . ASN A 1 96  ? -7.310  3.085   4.192   1.00 15.91  ? 152 ASN A CA  1 
ATOM   747  C C   . ASN A 1 96  ? -6.874  2.276   2.966   1.00 16.68  ? 152 ASN A C   1 
ATOM   748  O O   . ASN A 1 96  ? -5.897  2.623   2.295   1.00 12.65  ? 152 ASN A O   1 
ATOM   749  C CB  . ASN A 1 96  ? -8.500  3.958   3.800   1.00 14.00  ? 152 ASN A CB  1 
ATOM   750  C CG  . ASN A 1 96  ? -9.103  4.697   4.979   1.00 18.76  ? 152 ASN A CG  1 
ATOM   751  O OD1 . ASN A 1 96  ? -9.534  5.839   4.833   1.00 21.86  ? 152 ASN A OD1 1 
ATOM   752  N ND2 . ASN A 1 96  ? -9.144  4.055   6.146   1.00 13.99  ? 152 ASN A ND2 1 
ATOM   753  N N   . MET A 1 97  ? -7.615  1.199   2.695   1.00 15.46  ? 153 MET A N   1 
ATOM   754  C CA  . MET A 1 97  ? -7.432  0.392   1.495   1.00 14.36  ? 153 MET A CA  1 
ATOM   755  C C   . MET A 1 97  ? -8.772  0.109   0.791   1.00 16.67  ? 153 MET A C   1 
ATOM   756  O O   . MET A 1 97  ? -9.725  -0.385  1.402   1.00 14.03  ? 153 MET A O   1 
ATOM   757  C CB  . MET A 1 97  ? -6.692  -0.912  1.808   1.00 12.92  ? 153 MET A CB  1 
ATOM   758  C CG  . MET A 1 97  ? -6.601  -1.878  0.614   1.00 13.51  ? 153 MET A CG  1 
ATOM   759  S SD  . MET A 1 97  ? -5.464  -3.280  0.825   1.00 17.78  ? 153 MET A SD  1 
ATOM   760  C CE  . MET A 1 97  ? -6.222  -4.194  2.169   1.00 9.38   ? 153 MET A CE  1 
ATOM   761  N N   . TYR A 1 98  ? -8.825  0.450   -0.496  1.00 18.36  ? 154 TYR A N   1 
ATOM   762  C CA  . TYR A 1 98  ? -9.967  0.152   -1.363  1.00 20.04  ? 154 TYR A CA  1 
ATOM   763  C C   . TYR A 1 98  ? -9.579  -0.805  -2.495  1.00 15.98  ? 154 TYR A C   1 
ATOM   764  O O   . TYR A 1 98  ? -8.425  -1.220  -2.595  1.00 14.32  ? 154 TYR A O   1 
ATOM   765  C CB  . TYR A 1 98  ? -10.510 1.428   -2.002  1.00 18.90  ? 154 TYR A CB  1 
ATOM   766  C CG  . TYR A 1 98  ? -10.859 2.522   -1.034  1.00 19.15  ? 154 TYR A CG  1 
ATOM   767  C CD1 . TYR A 1 98  ? -12.182 2.879   -0.806  1.00 20.03  ? 154 TYR A CD1 1 
ATOM   768  C CD2 . TYR A 1 98  ? -9.863  3.222   -0.364  1.00 20.30  ? 154 TYR A CD2 1 
ATOM   769  C CE1 . TYR A 1 98  ? -12.497 3.900   0.073   1.00 23.28  ? 154 TYR A CE1 1 
ATOM   770  C CE2 . TYR A 1 98  ? -10.170 4.233   0.518   1.00 19.48  ? 154 TYR A CE2 1 
ATOM   771  C CZ  . TYR A 1 98  ? -11.484 4.569   0.731   1.00 20.25  ? 154 TYR A CZ  1 
ATOM   772  O OH  . TYR A 1 98  ? -11.778 5.577   1.609   1.00 28.22  ? 154 TYR A OH  1 
ATOM   773  N N   . TYR A 1 99  ? -10.556 -1.144  -3.334  1.00 15.67  ? 155 TYR A N   1 
ATOM   774  C CA  . TYR A 1 99  ? -10.307 -1.899  -4.564  1.00 17.69  ? 155 TYR A CA  1 
ATOM   775  C C   . TYR A 1 99  ? -11.442 -1.693  -5.558  1.00 19.66  ? 155 TYR A C   1 
ATOM   776  O O   . TYR A 1 99  ? -12.552 -1.326  -5.170  1.00 21.11  ? 155 TYR A O   1 
ATOM   777  C CB  . TYR A 1 99  ? -10.126 -3.390  -4.272  1.00 16.31  ? 155 TYR A CB  1 
ATOM   778  C CG  . TYR A 1 99  ? -11.423 -4.144  -4.041  1.00 18.76  ? 155 TYR A CG  1 
ATOM   779  C CD1 . TYR A 1 99  ? -11.883 -5.075  -4.967  1.00 20.23  ? 155 TYR A CD1 1 
ATOM   780  C CD2 . TYR A 1 99  ? -12.188 -3.921  -2.902  1.00 17.51  ? 155 TYR A CD2 1 
ATOM   781  C CE1 . TYR A 1 99  ? -13.056 -5.769  -4.757  1.00 21.56  ? 155 TYR A CE1 1 
ATOM   782  C CE2 . TYR A 1 99  ? -13.366 -4.596  -2.686  1.00 13.84  ? 155 TYR A CE2 1 
ATOM   783  C CZ  . TYR A 1 99  ? -13.796 -5.520  -3.613  1.00 23.90  ? 155 TYR A CZ  1 
ATOM   784  O OH  . TYR A 1 99  ? -14.973 -6.203  -3.400  1.00 26.08  ? 155 TYR A OH  1 
ATOM   785  N N   . PHE A 1 100 ? -11.164 -1.898  -6.840  1.00 19.41  ? 156 PHE A N   1 
ATOM   786  C CA  . PHE A 1 100 ? -12.241 -1.961  -7.828  1.00 26.83  ? 156 PHE A CA  1 
ATOM   787  C C   . PHE A 1 100 ? -11.972 -2.975  -8.946  1.00 30.15  ? 156 PHE A C   1 
ATOM   788  O O   . PHE A 1 100 ? -10.882 -3.006  -9.530  1.00 29.85  ? 156 PHE A O   1 
ATOM   789  C CB  . PHE A 1 100 ? -12.612 -0.571  -8.371  1.00 26.36  ? 156 PHE A CB  1 
ATOM   790  C CG  . PHE A 1 100 ? -11.625 -0.003  -9.345  1.00 31.60  ? 156 PHE A CG  1 
ATOM   791  C CD1 . PHE A 1 100 ? -11.811 -0.160  -10.709 1.00 32.48  ? 156 PHE A CD1 1 
ATOM   792  C CD2 . PHE A 1 100 ? -10.522 0.715   -8.901  1.00 39.96  ? 156 PHE A CD2 1 
ATOM   793  C CE1 . PHE A 1 100 ? -10.905 0.373   -11.617 1.00 38.28  ? 156 PHE A CE1 1 
ATOM   794  C CE2 . PHE A 1 100 ? -9.607  1.252   -9.803  1.00 39.56  ? 156 PHE A CE2 1 
ATOM   795  C CZ  . PHE A 1 100 ? -9.801  1.080   -11.166 1.00 41.18  ? 156 PHE A CZ  1 
ATOM   796  N N   . GLU A 1 101 ? -12.973 -3.813  -9.221  1.00 28.26  ? 157 GLU A N   1 
ATOM   797  C CA  . GLU A 1 101 ? -12.865 -4.884  -10.214 1.00 27.81  ? 157 GLU A CA  1 
ATOM   798  C C   . GLU A 1 101 ? -12.974 -4.380  -11.657 1.00 31.06  ? 157 GLU A C   1 
ATOM   799  O O   . GLU A 1 101 ? -13.788 -3.506  -11.959 1.00 35.64  ? 157 GLU A O   1 
ATOM   800  C CB  . GLU A 1 101 ? -13.939 -5.929  -9.957  1.00 24.71  ? 157 GLU A CB  1 
ATOM   801  C CG  . GLU A 1 101 ? -13.980 -6.415  -8.535  1.00 27.83  ? 157 GLU A CG  1 
ATOM   802  C CD  . GLU A 1 101 ? -14.696 -7.741  -8.403  1.00 35.65  ? 157 GLU A CD  1 
ATOM   803  O OE1 . GLU A 1 101 ? -15.589 -7.864  -7.535  1.00 33.66  ? 157 GLU A OE1 1 
ATOM   804  O OE2 . GLU A 1 101 ? -14.357 -8.665  -9.170  1.00 40.69  ? 157 GLU A OE2 1 
ATOM   805  N N   . SER A 1 102 ? -12.163 -4.929  -12.555 1.00 28.75  ? 158 SER A N   1 
ATOM   806  C CA  . SER A 1 102 ? -12.147 -4.425  -13.925 1.00 36.08  ? 158 SER A CA  1 
ATOM   807  C C   . SER A 1 102 ? -11.416 -5.328  -14.923 1.00 43.37  ? 158 SER A C   1 
ATOM   808  O O   . SER A 1 102 ? -10.513 -6.084  -14.557 1.00 41.76  ? 158 SER A O   1 
ATOM   809  C CB  . SER A 1 102 ? -11.552 -3.013  -13.962 1.00 39.01  ? 158 SER A CB  1 
ATOM   810  O OG  . SER A 1 102 ? -11.923 -2.325  -15.144 1.00 38.63  ? 158 SER A OG  1 
ATOM   811  N N   . ASP A 1 103 ? -11.830 -5.238  -16.185 1.00 48.09  ? 159 ASP A N   1 
ATOM   812  C CA  . ASP A 1 103 ? -11.157 -5.908  -17.289 1.00 43.38  ? 159 ASP A CA  1 
ATOM   813  C C   . ASP A 1 103 ? -10.259 -4.896  -17.981 1.00 44.94  ? 159 ASP A C   1 
ATOM   814  O O   . ASP A 1 103 ? -9.136  -5.212  -18.366 1.00 43.24  ? 159 ASP A O   1 
ATOM   815  C CB  . ASP A 1 103 ? -12.171 -6.441  -18.304 1.00 46.12  ? 159 ASP A CB  1 
ATOM   816  C CG  . ASP A 1 103 ? -13.252 -7.297  -17.669 1.00 43.63  ? 159 ASP A CG  1 
ATOM   817  O OD1 . ASP A 1 103 ? -13.015 -7.868  -16.585 1.00 40.45  ? 159 ASP A OD1 1 
ATOM   818  O OD2 . ASP A 1 103 ? -14.342 -7.402  -18.272 1.00 40.75  ? 159 ASP A OD2 1 
ATOM   819  N N   . ASP A 1 104 ? -10.774 -3.679  -18.148 1.00 48.07  ? 160 ASP A N   1 
ATOM   820  C CA  . ASP A 1 104 ? -10.009 -2.582  -18.743 1.00 67.39  ? 160 ASP A CA  1 
ATOM   821  C C   . ASP A 1 104 ? -8.610  -2.577  -18.135 1.00 68.52  ? 160 ASP A C   1 
ATOM   822  O O   . ASP A 1 104 ? -8.443  -2.169  -16.982 1.00 61.27  ? 160 ASP A O   1 
ATOM   823  C CB  . ASP A 1 104 ? -10.674 -1.224  -18.461 1.00 67.12  ? 160 ASP A CB  1 
ATOM   824  C CG  . ASP A 1 104 ? -12.172 -1.215  -18.760 1.00 72.66  ? 160 ASP A CG  1 
ATOM   825  O OD1 . ASP A 1 104 ? -12.802 -2.300  -18.785 1.00 69.30  ? 160 ASP A OD1 1 
ATOM   826  O OD2 . ASP A 1 104 ? -12.724 -0.107  -18.955 1.00 63.05  ? 160 ASP A OD2 1 
ATOM   827  N N   . GLN A 1 105 ? -7.606  -3.022  -18.888 1.00 67.62  ? 161 GLN A N   1 
ATOM   828  C CA  . GLN A 1 105 ? -6.315  -3.306  -18.262 1.00 58.09  ? 161 GLN A CA  1 
ATOM   829  C C   . GLN A 1 105 ? -5.650  -2.119  -17.571 1.00 62.51  ? 161 GLN A C   1 
ATOM   830  O O   . GLN A 1 105 ? -5.440  -2.173  -16.367 1.00 65.00  ? 161 GLN A O   1 
ATOM   831  C CB  . GLN A 1 105 ? -5.332  -4.019  -19.189 1.00 56.17  ? 161 GLN A CB  1 
ATOM   832  C CG  . GLN A 1 105 ? -3.995  -4.262  -18.489 1.00 55.88  ? 161 GLN A CG  1 
ATOM   833  C CD  . GLN A 1 105 ? -3.202  -5.429  -19.056 1.00 55.59  ? 161 GLN A CD  1 
ATOM   834  O OE1 . GLN A 1 105 ? -3.765  -6.428  -19.515 1.00 50.21  ? 161 GLN A OE1 1 
ATOM   835  N NE2 . GLN A 1 105 ? -1.877  -5.313  -19.005 1.00 39.73  ? 161 GLN A NE2 1 
ATOM   836  N N   . ASN A 1 106 ? -5.313  -1.060  -18.305 1.00 66.64  ? 162 ASN A N   1 
ATOM   837  C CA  . ASN A 1 106 ? -4.607  0.070   -17.681 1.00 68.94  ? 162 ASN A CA  1 
ATOM   838  C C   . ASN A 1 106 ? -4.753  1.418   -18.388 1.00 66.40  ? 162 ASN A C   1 
ATOM   839  O O   . ASN A 1 106 ? -4.699  1.487   -19.614 1.00 65.10  ? 162 ASN A O   1 
ATOM   840  C CB  . ASN A 1 106 ? -3.118  -0.262  -17.492 1.00 73.33  ? 162 ASN A CB  1 
ATOM   841  C CG  . ASN A 1 106 ? -2.843  -1.052  -16.213 1.00 59.92  ? 162 ASN A CG  1 
ATOM   842  O OD1 . ASN A 1 106 ? -3.313  -0.690  -15.131 1.00 56.01  ? 162 ASN A OD1 1 
ATOM   843  N ND2 . ASN A 1 106 ? -2.073  -2.131  -16.334 1.00 46.38  ? 162 ASN A ND2 1 
ATOM   844  N N   . GLY A 1 107 ? -4.923  2.483   -17.601 1.00 75.82  ? 163 GLY A N   1 
ATOM   845  C CA  . GLY A 1 107 ? -5.071  3.827   -18.143 1.00 86.49  ? 163 GLY A CA  1 
ATOM   846  C C   . GLY A 1 107 ? -5.047  4.993   -17.158 1.00 82.12  ? 163 GLY A C   1 
ATOM   847  O O   . GLY A 1 107 ? -4.476  4.898   -16.067 1.00 65.95  ? 163 GLY A O   1 
ATOM   848  N N   . ARG A 1 108 ? -5.664  6.104   -17.568 1.00 88.44  ? 164 ARG A N   1 
ATOM   849  C CA  . ARG A 1 108 ? -5.768  7.327   -16.764 1.00 90.82  ? 164 ARG A CA  1 
ATOM   850  C C   . ARG A 1 108 ? -7.007  7.239   -15.869 1.00 89.10  ? 164 ARG A C   1 
ATOM   851  O O   . ARG A 1 108 ? -8.139  7.426   -16.325 1.00 86.46  ? 164 ARG A O   1 
ATOM   852  C CB  . ARG A 1 108 ? -5.844  8.550   -17.684 1.00 88.30  ? 164 ARG A CB  1 
ATOM   853  C CG  . ARG A 1 108 ? -4.824  8.518   -18.819 1.00 103.14 ? 164 ARG A CG  1 
ATOM   854  C CD  . ARG A 1 108 ? -5.435  8.974   -20.143 1.00 120.07 ? 164 ARG A CD  1 
ATOM   855  N NE  . ARG A 1 108 ? -4.746  8.390   -21.294 1.00 131.17 ? 164 ARG A NE  1 
ATOM   856  C CZ  . ARG A 1 108 ? -5.206  8.421   -22.542 1.00 136.27 ? 164 ARG A CZ  1 
ATOM   857  N NH1 . ARG A 1 108 ? -6.365  9.009   -22.812 1.00 130.87 ? 164 ARG A NH1 1 
ATOM   858  N NH2 . ARG A 1 108 ? -4.509  7.860   -23.523 1.00 139.26 ? 164 ARG A NH2 1 
ATOM   859  N N   . ASN A 1 109 ? -6.777  6.989   -14.584 1.00 78.64  ? 165 ASN A N   1 
ATOM   860  C CA  . ASN A 1 109 ? -7.756  6.284   -13.762 1.00 68.61  ? 165 ASN A CA  1 
ATOM   861  C C   . ASN A 1 109 ? -8.576  7.096   -12.754 1.00 57.38  ? 165 ASN A C   1 
ATOM   862  O O   . ASN A 1 109 ? -9.733  7.432   -13.003 1.00 51.49  ? 165 ASN A O   1 
ATOM   863  C CB  . ASN A 1 109 ? -7.034  5.147   -13.025 1.00 60.11  ? 165 ASN A CB  1 
ATOM   864  C CG  . ASN A 1 109 ? -7.806  3.846   -13.052 1.00 59.06  ? 165 ASN A CG  1 
ATOM   865  O OD1 . ASN A 1 109 ? -8.347  3.447   -14.085 1.00 55.82  ? 165 ASN A OD1 1 
ATOM   866  N ND2 . ASN A 1 109 ? -7.846  3.167   -11.915 1.00 57.95  ? 165 ASN A ND2 1 
ATOM   867  N N   . ILE A 1 110 ? -7.939  7.401   -11.626 1.00 52.51  ? 166 ILE A N   1 
ATOM   868  C CA  . ILE A 1 110 ? -8.597  7.704   -10.347 1.00 41.06  ? 166 ILE A CA  1 
ATOM   869  C C   . ILE A 1 110 ? -9.917  8.471   -10.365 1.00 42.79  ? 166 ILE A C   1 
ATOM   870  O O   . ILE A 1 110 ? -10.787 8.221   -9.534  1.00 37.74  ? 166 ILE A O   1 
ATOM   871  C CB  . ILE A 1 110 ? -7.627  8.415   -9.363  1.00 42.00  ? 166 ILE A CB  1 
ATOM   872  C CG1 . ILE A 1 110 ? -7.988  8.064   -7.918  1.00 34.21  ? 166 ILE A CG1 1 
ATOM   873  C CG2 . ILE A 1 110 ? -7.603  9.936   -9.599  1.00 31.81  ? 166 ILE A CG2 1 
ATOM   874  C CD1 . ILE A 1 110 ? -7.362  8.985   -6.899  1.00 31.97  ? 166 ILE A CD1 1 
ATOM   875  N N   . LYS A 1 111 ? -10.069 9.406   -11.294 1.00 52.19  ? 167 LYS A N   1 
ATOM   876  C CA  . LYS A 1 111 ? -11.197 10.326  -11.227 1.00 49.61  ? 167 LYS A CA  1 
ATOM   877  C C   . LYS A 1 111 ? -12.551 9.608   -11.198 1.00 49.32  ? 167 LYS A C   1 
ATOM   878  O O   . LYS A 1 111 ? -13.303 9.760   -10.239 1.00 49.79  ? 167 LYS A O   1 
ATOM   879  C CB  . LYS A 1 111 ? -11.128 11.370  -12.345 1.00 51.18  ? 167 LYS A CB  1 
ATOM   880  C CG  . LYS A 1 111 ? -11.429 12.779  -11.866 1.00 49.20  ? 167 LYS A CG  1 
ATOM   881  C CD  . LYS A 1 111 ? -10.974 12.969  -10.423 1.00 44.32  ? 167 LYS A CD  1 
ATOM   882  C CE  . LYS A 1 111 ? -10.782 14.441  -10.080 1.00 47.36  ? 167 LYS A CE  1 
ATOM   883  N NZ  . LYS A 1 111 ? -9.598  15.028  -10.778 1.00 46.73  ? 167 LYS A NZ  1 
ATOM   884  N N   . GLU A 1 112 ? -12.862 8.819   -12.223 1.00 47.98  ? 168 GLU A N   1 
ATOM   885  C CA  . GLU A 1 112 ? -14.153 8.128   -12.225 1.00 52.70  ? 168 GLU A CA  1 
ATOM   886  C C   . GLU A 1 112 ? -14.063 6.620   -12.035 1.00 48.60  ? 168 GLU A C   1 
ATOM   887  O O   . GLU A 1 112 ? -14.151 5.845   -12.982 1.00 45.72  ? 168 GLU A O   1 
ATOM   888  C CB  . GLU A 1 112 ? -14.998 8.471   -13.456 1.00 64.79  ? 168 GLU A CB  1 
ATOM   889  C CG  . GLU A 1 112 ? -16.475 8.039   -13.336 1.00 73.12  ? 168 GLU A CG  1 
ATOM   890  C CD  . GLU A 1 112 ? -17.173 8.568   -12.072 1.00 68.62  ? 168 GLU A CD  1 
ATOM   891  O OE1 . GLU A 1 112 ? -18.270 9.155   -12.195 1.00 65.88  ? 168 GLU A OE1 1 
ATOM   892  O OE2 . GLU A 1 112 ? -16.634 8.393   -10.956 1.00 62.51  ? 168 GLU A OE2 1 
ATOM   893  N N   . ASN A 1 113 ? -13.887 6.224   -10.785 1.00 46.46  ? 169 ASN A N   1 
ATOM   894  C CA  . ASN A 1 113 ? -13.958 4.837   -10.386 1.00 35.09  ? 169 ASN A CA  1 
ATOM   895  C C   . ASN A 1 113 ? -14.570 4.853   -9.009  1.00 33.79  ? 169 ASN A C   1 
ATOM   896  O O   . ASN A 1 113 ? -14.270 5.741   -8.210  1.00 41.65  ? 169 ASN A O   1 
ATOM   897  C CB  . ASN A 1 113 ? -12.564 4.222   -10.302 1.00 37.59  ? 169 ASN A CB  1 
ATOM   898  C CG  . ASN A 1 113 ? -11.753 4.437   -11.558 1.00 48.28  ? 169 ASN A CG  1 
ATOM   899  O OD1 . ASN A 1 113 ? -12.185 4.087   -12.661 1.00 50.96  ? 169 ASN A OD1 1 
ATOM   900  N ND2 . ASN A 1 113 ? -10.563 5.005   -11.400 1.00 42.48  ? 169 ASN A ND2 1 
ATOM   901  N N   . GLN A 1 114 ? -15.437 3.896   -8.731  1.00 26.27  ? 170 GLN A N   1 
ATOM   902  C CA  . GLN A 1 114 ? -15.971 3.746   -7.396  1.00 24.90  ? 170 GLN A CA  1 
ATOM   903  C C   . GLN A 1 114 ? -15.081 2.773   -6.674  1.00 21.80  ? 170 GLN A C   1 
ATOM   904  O O   . GLN A 1 114 ? -14.940 1.632   -7.093  1.00 25.77  ? 170 GLN A O   1 
ATOM   905  C CB  . GLN A 1 114 ? -17.377 3.173   -7.439  1.00 31.46  ? 170 GLN A CB  1 
ATOM   906  C CG  . GLN A 1 114 ? -18.441 4.097   -7.963  1.00 31.78  ? 170 GLN A CG  1 
ATOM   907  C CD  . GLN A 1 114 ? -19.760 3.366   -8.101  1.00 43.57  ? 170 GLN A CD  1 
ATOM   908  O OE1 . GLN A 1 114 ? -19.818 2.283   -8.691  1.00 50.45  ? 170 GLN A OE1 1 
ATOM   909  N NE2 . GLN A 1 114 ? -20.826 3.941   -7.549  1.00 39.64  ? 170 GLN A NE2 1 
ATOM   910  N N   . TYR A 1 115 ? -14.481 3.214   -5.581  1.00 22.90  ? 171 TYR A N   1 
ATOM   911  C CA  . TYR A 1 115 ? -13.584 2.351   -4.837  1.00 20.30  ? 171 TYR A CA  1 
ATOM   912  C C   . TYR A 1 115 ? -14.331 1.670   -3.714  1.00 18.61  ? 171 TYR A C   1 
ATOM   913  O O   . TYR A 1 115 ? -15.152 2.277   -3.028  1.00 18.44  ? 171 TYR A O   1 
ATOM   914  C CB  . TYR A 1 115 ? -12.386 3.140   -4.310  1.00 19.84  ? 171 TYR A CB  1 
ATOM   915  C CG  . TYR A 1 115 ? -11.476 3.621   -5.416  1.00 21.33  ? 171 TYR A CG  1 
ATOM   916  C CD1 . TYR A 1 115 ? -10.313 2.936   -5.732  1.00 25.49  ? 171 TYR A CD1 1 
ATOM   917  C CD2 . TYR A 1 115 ? -11.795 4.747   -6.159  1.00 23.61  ? 171 TYR A CD2 1 
ATOM   918  C CE1 . TYR A 1 115 ? -9.478  3.370   -6.751  1.00 34.69  ? 171 TYR A CE1 1 
ATOM   919  C CE2 . TYR A 1 115 ? -10.979 5.190   -7.176  1.00 30.53  ? 171 TYR A CE2 1 
ATOM   920  C CZ  . TYR A 1 115 ? -9.819  4.501   -7.470  1.00 39.31  ? 171 TYR A CZ  1 
ATOM   921  O OH  . TYR A 1 115 ? -9.003  4.947   -8.487  1.00 38.77  ? 171 TYR A OH  1 
ATOM   922  N N   . ILE A 1 116 ? -14.061 0.388   -3.536  1.00 18.47  ? 172 ILE A N   1 
ATOM   923  C CA  . ILE A 1 116 ? -14.719 -0.338  -2.469  1.00 18.55  ? 172 ILE A CA  1 
ATOM   924  C C   . ILE A 1 116 ? -13.784 -0.393  -1.269  1.00 17.23  ? 172 ILE A C   1 
ATOM   925  O O   . ILE A 1 116 ? -12.708 -1.000  -1.316  1.00 14.25  ? 172 ILE A O   1 
ATOM   926  C CB  . ILE A 1 116 ? -15.214 -1.741  -2.939  1.00 16.29  ? 172 ILE A CB  1 
ATOM   927  C CG1 . ILE A 1 116 ? -15.924 -1.611  -4.290  1.00 16.52  ? 172 ILE A CG1 1 
ATOM   928  C CG2 . ILE A 1 116 ? -16.132 -2.371  -1.909  1.00 14.39  ? 172 ILE A CG2 1 
ATOM   929  C CD1 . ILE A 1 116 ? -16.919 -2.698  -4.579  1.00 17.28  ? 172 ILE A CD1 1 
ATOM   930  N N   . LYS A 1 117 ? -14.188 0.295   -0.207  1.00 16.85  ? 173 LYS A N   1 
ATOM   931  C CA  . LYS A 1 117 ? -13.424 0.285   1.023   1.00 17.28  ? 173 LYS A CA  1 
ATOM   932  C C   . LYS A 1 117 ? -13.339 -1.145  1.521   1.00 17.25  ? 173 LYS A C   1 
ATOM   933  O O   . LYS A 1 117 ? -14.350 -1.825  1.650   1.00 19.26  ? 173 LYS A O   1 
ATOM   934  C CB  . LYS A 1 117 ? -14.075 1.180   2.074   1.00 20.42  ? 173 LYS A CB  1 
ATOM   935  C CG  . LYS A 1 117 ? -13.449 1.059   3.458   1.00 22.85  ? 173 LYS A CG  1 
ATOM   936  C CD  . LYS A 1 117 ? -12.111 1.762   3.534   1.00 19.24  ? 173 LYS A CD  1 
ATOM   937  C CE  . LYS A 1 117 ? -12.188 2.989   4.407   1.00 20.59  ? 173 LYS A CE  1 
ATOM   938  N NZ  . LYS A 1 117 ? -12.119 2.633   5.849   1.00 21.87  ? 173 LYS A NZ  1 
ATOM   939  N N   . ILE A 1 118 ? -12.120 -1.605  1.763   1.00 20.12  ? 174 ILE A N   1 
ATOM   940  C CA  . ILE A 1 118 ? -11.898 -2.927  2.316   1.00 17.65  ? 174 ILE A CA  1 
ATOM   941  C C   . ILE A 1 118 ? -11.796 -2.807  3.820   1.00 19.68  ? 174 ILE A C   1 
ATOM   942  O O   . ILE A 1 118 ? -12.516 -3.479  4.561   1.00 16.20  ? 174 ILE A O   1 
ATOM   943  C CB  . ILE A 1 118 ? -10.622 -3.568  1.762   1.00 16.28  ? 174 ILE A CB  1 
ATOM   944  C CG1 . ILE A 1 118 ? -10.777 -3.798  0.249   1.00 17.97  ? 174 ILE A CG1 1 
ATOM   945  C CG2 . ILE A 1 118 ? -10.307 -4.858  2.518   1.00 15.00  ? 174 ILE A CG2 1 
ATOM   946  C CD1 . ILE A 1 118 ? -9.612  -4.504  -0.416  1.00 14.65  ? 174 ILE A CD1 1 
ATOM   947  N N   . ASP A 1 119 ? -10.905 -1.927  4.265   1.00 22.63  ? 175 ASP A N   1 
ATOM   948  C CA  . ASP A 1 119 ? -10.769 -1.654  5.688   1.00 21.12  ? 175 ASP A CA  1 
ATOM   949  C C   . ASP A 1 119 ? -9.857  -0.473  5.996   1.00 21.30  ? 175 ASP A C   1 
ATOM   950  O O   . ASP A 1 119 ? -9.160  0.058   5.121   1.00 17.37  ? 175 ASP A O   1 
ATOM   951  C CB  . ASP A 1 119 ? -10.275 -2.896  6.427   1.00 21.78  ? 175 ASP A CB  1 
ATOM   952  C CG  . ASP A 1 119 ? -10.705 -2.916  7.878   1.00 28.80  ? 175 ASP A CG  1 
ATOM   953  O OD1 . ASP A 1 119 ? -11.368 -1.949  8.324   1.00 28.59  ? 175 ASP A OD1 1 
ATOM   954  O OD2 . ASP A 1 119 ? -10.383 -3.906  8.569   1.00 29.13  ? 175 ASP A OD2 1 
ATOM   955  N N   . THR A 1 120 ? -9.900  -0.056  7.255   1.00 23.16  ? 176 THR A N   1 
ATOM   956  C CA  . THR A 1 120 ? -8.949  0.894   7.798   1.00 20.41  ? 176 THR A CA  1 
ATOM   957  C C   . THR A 1 120 ? -7.847  0.055   8.418   1.00 18.95  ? 176 THR A C   1 
ATOM   958  O O   . THR A 1 120 ? -8.112  -0.775  9.285   1.00 19.95  ? 176 THR A O   1 
ATOM   959  C CB  . THR A 1 120 ? -9.609  1.755   8.886   1.00 22.35  ? 176 THR A CB  1 
ATOM   960  O OG1 . THR A 1 120 ? -10.772 2.405   8.349   1.00 22.33  ? 176 THR A OG1 1 
ATOM   961  C CG2 . THR A 1 120 ? -8.636  2.789   9.441   1.00 18.98  ? 176 THR A CG2 1 
ATOM   962  N N   . ILE A 1 121 ? -6.618  0.234   7.951   1.00 20.96  ? 177 ILE A N   1 
ATOM   963  C CA  . ILE A 1 121 ? -5.495  -0.531  8.485   1.00 18.54  ? 177 ILE A CA  1 
ATOM   964  C C   . ILE A 1 121 ? -4.844  0.227   9.634   1.00 20.59  ? 177 ILE A C   1 
ATOM   965  O O   . ILE A 1 121 ? -4.514  1.415   9.519   1.00 18.20  ? 177 ILE A O   1 
ATOM   966  C CB  . ILE A 1 121 ? -4.450  -0.868  7.403   1.00 17.18  ? 177 ILE A CB  1 
ATOM   967  C CG1 . ILE A 1 121 ? -5.055  -1.804  6.356   1.00 19.97  ? 177 ILE A CG1 1 
ATOM   968  C CG2 . ILE A 1 121 ? -3.229  -1.533  8.026   1.00 17.43  ? 177 ILE A CG2 1 
ATOM   969  C CD1 . ILE A 1 121 ? -5.815  -1.097  5.274   1.00 18.82  ? 177 ILE A CD1 1 
ATOM   970  N N   . ALA A 1 122 ? -4.685  -0.461  10.756  1.00 18.16  ? 178 ALA A N   1 
ATOM   971  C CA  . ALA A 1 122 ? -4.106  0.151   11.934  1.00 17.63  ? 178 ALA A CA  1 
ATOM   972  C C   . ALA A 1 122 ? -2.780  -0.529  12.201  1.00 18.89  ? 178 ALA A C   1 
ATOM   973  O O   . ALA A 1 122 ? -2.541  -1.646  11.741  1.00 21.15  ? 178 ALA A O   1 
ATOM   974  C CB  . ALA A 1 122 ? -5.036  0.010   13.119  1.00 12.12  ? 178 ALA A CB  1 
ATOM   975  N N   . ALA A 1 123 ? -1.918  0.145   12.947  1.00 19.89  ? 179 ALA A N   1 
ATOM   976  C CA  . ALA A 1 123 ? -0.551  -0.322  13.116  1.00 28.85  ? 179 ALA A CA  1 
ATOM   977  C C   . ALA A 1 123 ? -0.284  -0.861  14.516  1.00 33.02  ? 179 ALA A C   1 
ATOM   978  O O   . ALA A 1 123 ? -0.022  -0.085  15.439  1.00 33.16  ? 179 ALA A O   1 
ATOM   979  C CB  . ALA A 1 123 ? 0.435   0.807   12.788  1.00 28.63  ? 179 ALA A CB  1 
ATOM   980  N N   . ASP A 1 124 ? -0.348  -2.186  14.661  1.00 30.13  ? 180 ASP A N   1 
ATOM   981  C CA  . ASP A 1 124 ? 0.034   -2.875  15.896  1.00 26.14  ? 180 ASP A CA  1 
ATOM   982  C C   . ASP A 1 124 ? 1.188   -2.204  16.629  1.00 29.31  ? 180 ASP A C   1 
ATOM   983  O O   . ASP A 1 124 ? 1.186   -2.109  17.853  1.00 24.50  ? 180 ASP A O   1 
ATOM   984  C CB  . ASP A 1 124 ? 0.457   -4.307  15.585  1.00 29.02  ? 180 ASP A CB  1 
ATOM   985  C CG  . ASP A 1 124 ? -0.696  -5.265  15.594  1.00 36.80  ? 180 ASP A CG  1 
ATOM   986  O OD1 . ASP A 1 124 ? -1.853  -4.798  15.671  1.00 39.61  ? 180 ASP A OD1 1 
ATOM   987  O OD2 . ASP A 1 124 ? -0.440  -6.486  15.524  1.00 41.86  ? 180 ASP A OD2 1 
ATOM   988  N N   . GLU A 1 125 ? 2.183   -1.757  15.871  1.00 32.09  ? 181 GLU A N   1 
ATOM   989  C CA  . GLU A 1 125 ? 3.387   -1.198  16.460  1.00 30.07  ? 181 GLU A CA  1 
ATOM   990  C C   . GLU A 1 125 ? 3.929   0.003   15.667  1.00 30.27  ? 181 GLU A C   1 
ATOM   991  O O   . GLU A 1 125 ? 4.248   -0.097  14.482  1.00 32.81  ? 181 GLU A O   1 
ATOM   992  C CB  . GLU A 1 125 ? 4.450   -2.294  16.583  1.00 31.11  ? 181 GLU A CB  1 
ATOM   993  C CG  . GLU A 1 125 ? 5.410   -2.087  17.742  1.00 42.27  ? 181 GLU A CG  1 
ATOM   994  C CD  . GLU A 1 125 ? 6.569   -3.067  17.719  1.00 45.58  ? 181 GLU A CD  1 
ATOM   995  O OE1 . GLU A 1 125 ? 6.753   -3.740  16.676  1.00 40.04  ? 181 GLU A OE1 1 
ATOM   996  O OE2 . GLU A 1 125 ? 7.297   -3.159  18.737  1.00 45.03  ? 181 GLU A OE2 1 
ATOM   997  N N   . SER A 1 126 ? 4.019   1.146   16.328  1.00 34.10  ? 182 SER A N   1 
ATOM   998  C CA  . SER A 1 126 ? 4.595   2.332   15.715  1.00 32.09  ? 182 SER A CA  1 
ATOM   999  C C   . SER A 1 126 ? 6.048   2.428   16.138  1.00 32.29  ? 182 SER A C   1 
ATOM   1000 O O   . SER A 1 126 ? 6.450   1.835   17.140  1.00 40.87  ? 182 SER A O   1 
ATOM   1001 C CB  . SER A 1 126 ? 3.828   3.593   16.125  1.00 25.38  ? 182 SER A CB  1 
ATOM   1002 O OG  . SER A 1 126 ? 3.820   3.751   17.530  1.00 34.30  ? 182 SER A OG  1 
ATOM   1003 N N   . PHE A 1 127 ? 6.840   3.154   15.362  1.00 31.37  ? 183 PHE A N   1 
ATOM   1004 C CA  . PHE A 1 127 ? 8.240   3.350   15.699  1.00 36.85  ? 183 PHE A CA  1 
ATOM   1005 C C   . PHE A 1 127 ? 8.520   4.831   15.953  1.00 33.51  ? 183 PHE A C   1 
ATOM   1006 O O   . PHE A 1 127 ? 7.763   5.703   15.513  1.00 30.51  ? 183 PHE A O   1 
ATOM   1007 C CB  . PHE A 1 127 ? 9.142   2.808   14.589  1.00 26.87  ? 183 PHE A CB  1 
ATOM   1008 C CG  . PHE A 1 127 ? 9.068   3.592   13.319  1.00 29.14  ? 183 PHE A CG  1 
ATOM   1009 C CD1 . PHE A 1 127 ? 9.974   4.612   13.063  1.00 35.67  ? 183 PHE A CD1 1 
ATOM   1010 C CD2 . PHE A 1 127 ? 8.096   3.321   12.380  1.00 24.88  ? 183 PHE A CD2 1 
ATOM   1011 C CE1 . PHE A 1 127 ? 9.907   5.344   11.888  1.00 31.29  ? 183 PHE A CE1 1 
ATOM   1012 C CE2 . PHE A 1 127 ? 8.025   4.047   11.210  1.00 26.15  ? 183 PHE A CE2 1 
ATOM   1013 C CZ  . PHE A 1 127 ? 8.930   5.061   10.964  1.00 25.39  ? 183 PHE A CZ  1 
ATOM   1014 N N   . THR A 1 128 ? 9.595   5.098   16.688  1.00 33.86  ? 184 THR A N   1 
ATOM   1015 C CA  . THR A 1 128 ? 10.081  6.455   16.911  1.00 36.80  ? 184 THR A CA  1 
ATOM   1016 C C   . THR A 1 128 ? 11.475  6.540   16.302  1.00 42.60  ? 184 THR A C   1 
ATOM   1017 O O   . THR A 1 128 ? 11.926  5.590   15.658  1.00 41.08  ? 184 THR A O   1 
ATOM   1018 C CB  . THR A 1 128 ? 10.132  6.805   18.414  1.00 32.90  ? 184 THR A CB  1 
ATOM   1019 O OG1 . THR A 1 128 ? 10.779  5.751   19.135  1.00 37.96  ? 184 THR A OG1 1 
ATOM   1020 C CG2 . THR A 1 128 ? 8.732   6.971   18.972  1.00 33.94  ? 184 THR A CG2 1 
ATOM   1021 N N   . GLU A 1 129 ? 12.166  7.661   16.493  1.00 49.79  ? 185 GLU A N   1 
ATOM   1022 C CA  . GLU A 1 129 ? 13.525  7.777   15.964  1.00 45.24  ? 185 GLU A CA  1 
ATOM   1023 C C   . GLU A 1 129 ? 14.516  6.840   16.661  1.00 55.42  ? 185 GLU A C   1 
ATOM   1024 O O   . GLU A 1 129 ? 15.720  6.912   16.404  1.00 59.16  ? 185 GLU A O   1 
ATOM   1025 C CB  . GLU A 1 129 ? 14.025  9.227   15.955  1.00 45.32  ? 185 GLU A CB  1 
ATOM   1026 C CG  . GLU A 1 129 ? 13.747  9.974   14.639  1.00 48.01  ? 185 GLU A CG  1 
ATOM   1027 C CD  . GLU A 1 129 ? 14.338  9.277   13.408  1.00 55.68  ? 185 GLU A CD  1 
ATOM   1028 O OE1 . GLU A 1 129 ? 15.325  8.521   13.564  1.00 58.08  ? 185 GLU A OE1 1 
ATOM   1029 O OE2 . GLU A 1 129 ? 13.819  9.492   12.284  1.00 47.79  ? 185 GLU A OE2 1 
ATOM   1030 N N   . LEU A 1 130 ? 14.010  5.970   17.537  1.00 52.30  ? 186 LEU A N   1 
ATOM   1031 C CA  . LEU A 1 130 ? 14.758  4.778   17.931  1.00 56.73  ? 186 LEU A CA  1 
ATOM   1032 C C   . LEU A 1 130 ? 15.348  4.195   16.647  1.00 62.73  ? 186 LEU A C   1 
ATOM   1033 O O   . LEU A 1 130 ? 14.609  3.812   15.738  1.00 64.25  ? 186 LEU A O   1 
ATOM   1034 C CB  . LEU A 1 130 ? 13.851  3.753   18.640  1.00 55.86  ? 186 LEU A CB  1 
ATOM   1035 C CG  . LEU A 1 130 ? 12.512  3.277   18.035  1.00 49.04  ? 186 LEU A CG  1 
ATOM   1036 C CD1 . LEU A 1 130 ? 12.658  2.101   17.068  1.00 37.27  ? 186 LEU A CD1 1 
ATOM   1037 C CD2 . LEU A 1 130 ? 11.523  2.907   19.139  1.00 45.29  ? 186 LEU A CD2 1 
ATOM   1038 N N   . ASP A 1 131 ? 16.678  4.156   16.577  1.00 70.89  ? 187 ASP A N   1 
ATOM   1039 C CA  . ASP A 1 131 ? 17.447  3.844   15.351  1.00 78.45  ? 187 ASP A CA  1 
ATOM   1040 C C   . ASP A 1 131 ? 16.711  3.111   14.198  1.00 70.63  ? 187 ASP A C   1 
ATOM   1041 O O   . ASP A 1 131 ? 15.839  2.269   14.438  1.00 64.73  ? 187 ASP A O   1 
ATOM   1042 C CB  . ASP A 1 131 ? 18.732  3.077   15.721  1.00 73.33  ? 187 ASP A CB  1 
ATOM   1043 C CG  . ASP A 1 131 ? 19.503  3.727   16.869  1.00 66.28  ? 187 ASP A CG  1 
ATOM   1044 O OD1 . ASP A 1 131 ? 19.560  4.973   16.933  1.00 62.38  ? 187 ASP A OD1 1 
ATOM   1045 O OD2 . ASP A 1 131 ? 20.064  2.985   17.704  1.00 68.24  ? 187 ASP A OD2 1 
ATOM   1046 N N   . LEU A 1 132 ? 17.072  3.439   12.954  1.00 65.01  ? 188 LEU A N   1 
ATOM   1047 C CA  . LEU A 1 132 ? 16.661  2.629   11.799  1.00 66.06  ? 188 LEU A CA  1 
ATOM   1048 C C   . LEU A 1 132 ? 17.609  1.431   11.731  1.00 66.12  ? 188 LEU A C   1 
ATOM   1049 O O   . LEU A 1 132 ? 18.524  1.319   12.550  1.00 66.02  ? 188 LEU A O   1 
ATOM   1050 C CB  . LEU A 1 132 ? 16.710  3.429   10.485  1.00 59.58  ? 188 LEU A CB  1 
ATOM   1051 C CG  . LEU A 1 132 ? 15.786  3.077   9.297   1.00 56.45  ? 188 LEU A CG  1 
ATOM   1052 C CD1 . LEU A 1 132 ? 15.970  4.082   8.159   1.00 54.91  ? 188 LEU A CD1 1 
ATOM   1053 C CD2 . LEU A 1 132 ? 15.940  1.649   8.760   1.00 43.09  ? 188 LEU A CD2 1 
ATOM   1054 N N   . GLY A 1 133 ? 17.398  0.544   10.762  1.00 64.66  ? 189 GLY A N   1 
ATOM   1055 C CA  . GLY A 1 133 ? 18.149  -0.698  10.682  1.00 67.70  ? 189 GLY A CA  1 
ATOM   1056 C C   . GLY A 1 133 ? 17.549  -1.717  11.636  1.00 72.97  ? 189 GLY A C   1 
ATOM   1057 O O   . GLY A 1 133 ? 17.488  -2.920  11.343  1.00 66.75  ? 189 GLY A O   1 
ATOM   1058 N N   . ASP A 1 134 ? 17.103  -1.220  12.788  1.00 62.04  ? 190 ASP A N   1 
ATOM   1059 C CA  . ASP A 1 134 ? 16.380  -2.028  13.754  1.00 57.99  ? 190 ASP A CA  1 
ATOM   1060 C C   . ASP A 1 134 ? 14.901  -1.683  13.629  1.00 51.74  ? 190 ASP A C   1 
ATOM   1061 O O   . ASP A 1 134 ? 14.112  -1.947  14.538  1.00 51.50  ? 190 ASP A O   1 
ATOM   1062 C CB  . ASP A 1 134 ? 16.851  -1.741  15.187  1.00 66.37  ? 190 ASP A CB  1 
ATOM   1063 C CG  . ASP A 1 134 ? 18.176  -0.985  15.243  1.00 78.70  ? 190 ASP A CG  1 
ATOM   1064 O OD1 . ASP A 1 134 ? 19.080  -1.269  14.423  1.00 73.81  ? 190 ASP A OD1 1 
ATOM   1065 O OD2 . ASP A 1 134 ? 18.314  -0.104  16.124  1.00 75.83  ? 190 ASP A OD2 1 
ATOM   1066 N N   . ARG A 1 135 ? 14.526  -1.073  12.508  1.00 44.59  ? 191 ARG A N   1 
ATOM   1067 C CA  . ARG A 1 135 ? 13.140  -0.663  12.321  1.00 45.39  ? 191 ARG A CA  1 
ATOM   1068 C C   . ARG A 1 135 ? 12.406  -1.529  11.300  1.00 43.89  ? 191 ARG A C   1 
ATOM   1069 O O   . ARG A 1 135 ? 11.202  -1.377  11.089  1.00 41.68  ? 191 ARG A O   1 
ATOM   1070 C CB  . ARG A 1 135 ? 13.026  0.833   12.004  1.00 51.43  ? 191 ARG A CB  1 
ATOM   1071 C CG  . ARG A 1 135 ? 12.788  1.179   10.547  1.00 52.54  ? 191 ARG A CG  1 
ATOM   1072 C CD  . ARG A 1 135 ? 11.940  2.452   10.433  1.00 45.67  ? 191 ARG A CD  1 
ATOM   1073 N NE  . ARG A 1 135 ? 12.630  3.640   10.935  1.00 44.62  ? 191 ARG A NE  1 
ATOM   1074 C CZ  . ARG A 1 135 ? 12.906  4.720   10.205  1.00 49.90  ? 191 ARG A CZ  1 
ATOM   1075 N NH1 . ARG A 1 135 ? 12.543  4.782   8.928   1.00 37.24  ? 191 ARG A NH1 1 
ATOM   1076 N NH2 . ARG A 1 135 ? 13.540  5.749   10.760  1.00 58.93  ? 191 ARG A NH2 1 
ATOM   1077 N N   . VAL A 1 136 ? 13.129  -2.448  10.673  1.00 42.28  ? 192 VAL A N   1 
ATOM   1078 C CA  . VAL A 1 136 ? 12.461  -3.569  10.039  1.00 39.59  ? 192 VAL A CA  1 
ATOM   1079 C C   . VAL A 1 136 ? 11.896  -4.406  11.184  1.00 36.57  ? 192 VAL A C   1 
ATOM   1080 O O   . VAL A 1 136 ? 10.971  -5.186  11.005  1.00 39.70  ? 192 VAL A O   1 
ATOM   1081 C CB  . VAL A 1 136 ? 13.420  -4.422  9.172   1.00 48.54  ? 192 VAL A CB  1 
ATOM   1082 C CG1 . VAL A 1 136 ? 14.520  -5.058  10.029  1.00 47.08  ? 192 VAL A CG1 1 
ATOM   1083 C CG2 . VAL A 1 136 ? 12.641  -5.493  8.407   1.00 41.32  ? 192 VAL A CG2 1 
ATOM   1084 N N   . MET A 1 137 ? 12.468  -4.229  12.369  1.00 37.29  ? 193 MET A N   1 
ATOM   1085 C CA  . MET A 1 137 ? 11.978  -4.888  13.567  1.00 36.36  ? 193 MET A CA  1 
ATOM   1086 C C   . MET A 1 137 ? 10.582  -4.377  13.873  1.00 34.24  ? 193 MET A C   1 
ATOM   1087 O O   . MET A 1 137 ? 9.821   -5.021  14.587  1.00 30.18  ? 193 MET A O   1 
ATOM   1088 C CB  . MET A 1 137 ? 12.882  -4.572  14.762  1.00 42.19  ? 193 MET A CB  1 
ATOM   1089 C CG  . MET A 1 137 ? 14.312  -5.068  14.670  1.00 34.34  ? 193 MET A CG  1 
ATOM   1090 S SD  . MET A 1 137 ? 14.453  -6.851  14.882  1.00 36.59  ? 193 MET A SD  1 
ATOM   1091 C CE  . MET A 1 137 ? 14.525  -7.380  13.166  1.00 21.41  ? 193 MET A CE  1 
ATOM   1092 N N   . LYS A 1 138 ? 10.260  -3.203  13.336  1.00 37.72  ? 194 LYS A N   1 
ATOM   1093 C CA  . LYS A 1 138 ? 8.979   -2.556  13.609  1.00 38.07  ? 194 LYS A CA  1 
ATOM   1094 C C   . LYS A 1 138 ? 7.941   -2.758  12.505  1.00 30.53  ? 194 LYS A C   1 
ATOM   1095 O O   . LYS A 1 138 ? 6.924   -2.069  12.465  1.00 29.69  ? 194 LYS A O   1 
ATOM   1096 C CB  . LYS A 1 138 ? 9.179   -1.067  13.882  1.00 33.25  ? 194 LYS A CB  1 
ATOM   1097 C CG  . LYS A 1 138 ? 9.812   -0.783  15.228  1.00 39.39  ? 194 LYS A CG  1 
ATOM   1098 C CD  . LYS A 1 138 ? 8.975   -1.366  16.356  1.00 36.85  ? 194 LYS A CD  1 
ATOM   1099 C CE  . LYS A 1 138 ? 9.551   -1.011  17.720  1.00 42.52  ? 194 LYS A CE  1 
ATOM   1100 N NZ  . LYS A 1 138 ? 9.435   0.452   18.031  1.00 48.39  ? 194 LYS A NZ  1 
ATOM   1101 N N   . LEU A 1 139 ? 8.199   -3.702  11.613  1.00 26.27  ? 195 LEU A N   1 
ATOM   1102 C CA  . LEU A 1 139 ? 7.216   -4.063  10.607  1.00 27.99  ? 195 LEU A CA  1 
ATOM   1103 C C   . LEU A 1 139 ? 6.005   -4.684  11.276  1.00 32.56  ? 195 LEU A C   1 
ATOM   1104 O O   . LEU A 1 139 ? 6.145   -5.546  12.144  1.00 40.67  ? 195 LEU A O   1 
ATOM   1105 C CB  . LEU A 1 139 ? 7.798   -5.072  9.614   1.00 24.53  ? 195 LEU A CB  1 
ATOM   1106 C CG  . LEU A 1 139 ? 8.571   -4.536  8.409   1.00 30.32  ? 195 LEU A CG  1 
ATOM   1107 C CD1 . LEU A 1 139 ? 8.783   -5.651  7.412   1.00 25.39  ? 195 LEU A CD1 1 
ATOM   1108 C CD2 . LEU A 1 139 ? 7.836   -3.368  7.744   1.00 25.11  ? 195 LEU A CD2 1 
ATOM   1109 N N   . ASN A 1 140 ? 4.815   -4.255  10.880  1.00 24.90  ? 196 ASN A N   1 
ATOM   1110 C CA  . ASN A 1 140 ? 3.624   -5.007  11.238  1.00 24.57  ? 196 ASN A CA  1 
ATOM   1111 C C   . ASN A 1 140 ? 2.944   -5.555  9.995   1.00 27.06  ? 196 ASN A C   1 
ATOM   1112 O O   . ASN A 1 140 ? 3.133   -5.048  8.889   1.00 26.74  ? 196 ASN A O   1 
ATOM   1113 C CB  . ASN A 1 140 ? 2.664   -4.180  12.088  1.00 31.60  ? 196 ASN A CB  1 
ATOM   1114 C CG  . ASN A 1 140 ? 2.621   -2.742  11.668  1.00 31.41  ? 196 ASN A CG  1 
ATOM   1115 O OD1 . ASN A 1 140 ? 2.373   -2.442  10.499  1.00 31.83  ? 196 ASN A OD1 1 
ATOM   1116 N ND2 . ASN A 1 140 ? 2.875   -1.836  12.611  1.00 25.55  ? 196 ASN A ND2 1 
ATOM   1117 N N   . THR A 1 141 ? 2.178   -6.620  10.176  1.00 25.65  ? 197 THR A N   1 
ATOM   1118 C CA  . THR A 1 141 ? 1.555   -7.278  9.054   1.00 19.39  ? 197 THR A CA  1 
ATOM   1119 C C   . THR A 1 141 ? 0.057   -7.302  9.279   1.00 23.25  ? 197 THR A C   1 
ATOM   1120 O O   . THR A 1 141 ? -0.403  -7.524  10.394  1.00 25.94  ? 197 THR A O   1 
ATOM   1121 C CB  . THR A 1 141 ? 2.104   -8.702  8.881   1.00 21.68  ? 197 THR A CB  1 
ATOM   1122 O OG1 . THR A 1 141 ? 3.535   -8.651  8.760   1.00 24.12  ? 197 THR A OG1 1 
ATOM   1123 C CG2 . THR A 1 141 ? 1.502   -9.374  7.656   1.00 16.74  ? 197 THR A CG2 1 
ATOM   1124 N N   . GLU A 1 142 ? -0.695  -7.039  8.217   1.00 21.39  ? 198 GLU A N   1 
ATOM   1125 C CA  . GLU A 1 142 ? -2.142  -7.083  8.260   1.00 18.17  ? 198 GLU A CA  1 
ATOM   1126 C C   . GLU A 1 142 ? -2.629  -7.730  6.981   1.00 18.22  ? 198 GLU A C   1 
ATOM   1127 O O   . GLU A 1 142 ? -2.177  -7.375  5.897   1.00 15.47  ? 198 GLU A O   1 
ATOM   1128 C CB  . GLU A 1 142 ? -2.729  -5.673  8.401   1.00 19.14  ? 198 GLU A CB  1 
ATOM   1129 C CG  . GLU A 1 142 ? -2.513  -5.036  9.774   1.00 23.05  ? 198 GLU A CG  1 
ATOM   1130 C CD  . GLU A 1 142 ? -3.452  -5.585  10.851  1.00 28.05  ? 198 GLU A CD  1 
ATOM   1131 O OE1 . GLU A 1 142 ? -4.538  -6.123  10.510  1.00 22.14  ? 198 GLU A OE1 1 
ATOM   1132 O OE2 . GLU A 1 142 ? -3.099  -5.462  12.048  1.00 30.18  ? 198 GLU A OE2 1 
ATOM   1133 N N   . VAL A 1 143 ? -3.554  -8.679  7.125   1.00 20.11  ? 199 VAL A N   1 
ATOM   1134 C CA  . VAL A 1 143 ? -4.092  -9.444  6.015   1.00 13.42  ? 199 VAL A CA  1 
ATOM   1135 C C   . VAL A 1 143 ? -5.588  -9.214  5.957   1.00 16.22  ? 199 VAL A C   1 
ATOM   1136 O O   . VAL A 1 143 ? -6.243  -9.118  6.990   1.00 16.85  ? 199 VAL A O   1 
ATOM   1137 C CB  . VAL A 1 143 ? -3.819  -10.957 6.208   1.00 17.88  ? 199 VAL A CB  1 
ATOM   1138 C CG1 . VAL A 1 143 ? -4.157  -11.753 4.932   1.00 15.10  ? 199 VAL A CG1 1 
ATOM   1139 C CG2 . VAL A 1 143 ? -2.371  -11.194 6.627   1.00 17.96  ? 199 VAL A CG2 1 
ATOM   1140 N N   . ARG A 1 144 ? -6.122  -9.120  4.745   1.00 21.08  ? 200 ARG A N   1 
ATOM   1141 C CA  . ARG A 1 144 ? -7.554  -8.934  4.513   1.00 21.86  ? 200 ARG A CA  1 
ATOM   1142 C C   . ARG A 1 144 ? -7.961  -9.709  3.261   1.00 24.14  ? 200 ARG A C   1 
ATOM   1143 O O   . ARG A 1 144 ? -7.206  -9.771  2.298   1.00 22.00  ? 200 ARG A O   1 
ATOM   1144 C CB  . ARG A 1 144 ? -7.888  -7.448  4.306   1.00 21.24  ? 200 ARG A CB  1 
ATOM   1145 C CG  . ARG A 1 144 ? -7.554  -6.525  5.481   1.00 18.87  ? 200 ARG A CG  1 
ATOM   1146 C CD  . ARG A 1 144 ? -8.593  -6.599  6.591   1.00 18.10  ? 200 ARG A CD  1 
ATOM   1147 N NE  . ARG A 1 144 ? -8.354  -5.600  7.630   1.00 15.76  ? 200 ARG A NE  1 
ATOM   1148 C CZ  . ARG A 1 144 ? -7.363  -5.666  8.513   1.00 16.61  ? 200 ARG A CZ  1 
ATOM   1149 N NH1 . ARG A 1 144 ? -6.515  -6.681  8.479   1.00 19.06  ? 200 ARG A NH1 1 
ATOM   1150 N NH2 . ARG A 1 144 ? -7.211  -4.712  9.423   1.00 20.42  ? 200 ARG A NH2 1 
ATOM   1151 N N   . ASP A 1 145 ? -9.153  -10.294 3.264   1.00 31.57  ? 201 ASP A N   1 
ATOM   1152 C CA  . ASP A 1 145 ? -9.622  -11.011 2.077   1.00 33.07  ? 201 ASP A CA  1 
ATOM   1153 C C   . ASP A 1 145 ? -10.922 -10.414 1.543   1.00 32.95  ? 201 ASP A C   1 
ATOM   1154 O O   . ASP A 1 145 ? -11.759 -9.948  2.317   1.00 29.93  ? 201 ASP A O   1 
ATOM   1155 C CB  . ASP A 1 145 ? -9.800  -12.507 2.371   1.00 36.26  ? 201 ASP A CB  1 
ATOM   1156 C CG  . ASP A 1 145 ? -10.944 -12.781 3.330   1.00 37.85  ? 201 ASP A CG  1 
ATOM   1157 O OD1 . ASP A 1 145 ? -12.034 -13.167 2.854   1.00 40.72  ? 201 ASP A OD1 1 
ATOM   1158 O OD2 . ASP A 1 145 ? -10.757 -12.600 4.553   1.00 30.77  ? 201 ASP A OD2 1 
ATOM   1159 N N   . VAL A 1 146 ? -11.090 -10.436 0.223   1.00 29.50  ? 202 VAL A N   1 
ATOM   1160 C CA  . VAL A 1 146 ? -12.286 -9.870  -0.387  1.00 34.28  ? 202 VAL A CA  1 
ATOM   1161 C C   . VAL A 1 146 ? -13.150 -10.895 -1.137  1.00 37.02  ? 202 VAL A C   1 
ATOM   1162 O O   . VAL A 1 146 ? -12.642 -11.695 -1.922  1.00 34.43  ? 202 VAL A O   1 
ATOM   1163 C CB  . VAL A 1 146 ? -11.937 -8.675  -1.288  1.00 30.34  ? 202 VAL A CB  1 
ATOM   1164 C CG1 . VAL A 1 146 ? -11.455 -7.514  -0.443  1.00 31.94  ? 202 VAL A CG1 1 
ATOM   1165 C CG2 . VAL A 1 146 ? -10.873 -9.062  -2.274  1.00 35.31  ? 202 VAL A CG2 1 
ATOM   1166 N N   . GLY A 1 147 ? -14.461 -10.834 -0.887  1.00 52.16  ? 203 GLY A N   1 
ATOM   1167 C CA  . GLY A 1 147 ? -15.440 -11.788 -1.394  1.00 43.51  ? 203 GLY A CA  1 
ATOM   1168 C C   . GLY A 1 147 ? -15.562 -11.879 -2.905  1.00 47.46  ? 203 GLY A C   1 
ATOM   1169 O O   . GLY A 1 147 ? -14.742 -11.319 -3.627  1.00 52.99  ? 203 GLY A O   1 
ATOM   1170 N N   . PRO A 1 148 ? -16.609 -12.572 -3.386  1.00 52.82  ? 204 PRO A N   1 
ATOM   1171 C CA  . PRO A 1 148 ? -16.812 -13.011 -4.776  1.00 49.22  ? 204 PRO A CA  1 
ATOM   1172 C C   . PRO A 1 148 ? -16.441 -11.981 -5.848  1.00 43.97  ? 204 PRO A C   1 
ATOM   1173 O O   . PRO A 1 148 ? -17.145 -10.979 -5.998  1.00 47.64  ? 204 PRO A O   1 
ATOM   1174 C CB  . PRO A 1 148 ? -18.327 -13.319 -4.831  1.00 46.26  ? 204 PRO A CB  1 
ATOM   1175 C CG  . PRO A 1 148 ? -18.900 -12.708 -3.567  1.00 51.29  ? 204 PRO A CG  1 
ATOM   1176 C CD  . PRO A 1 148 ? -17.794 -12.881 -2.570  1.00 60.41  ? 204 PRO A CD  1 
ATOM   1177 N N   . LEU A 1 149 ? -15.375 -12.253 -6.603  1.00 38.44  ? 205 LEU A N   1 
ATOM   1178 C CA  . LEU A 1 149 ? -14.916 -11.357 -7.673  1.00 41.23  ? 205 LEU A CA  1 
ATOM   1179 C C   . LEU A 1 149 ? -15.711 -11.505 -8.979  1.00 37.72  ? 205 LEU A C   1 
ATOM   1180 O O   . LEU A 1 149 ? -16.070 -12.604 -9.377  1.00 34.08  ? 205 LEU A O   1 
ATOM   1181 C CB  . LEU A 1 149 ? -13.422 -11.570 -7.955  1.00 39.28  ? 205 LEU A CB  1 
ATOM   1182 C CG  . LEU A 1 149 ? -12.349 -10.746 -7.236  1.00 36.61  ? 205 LEU A CG  1 
ATOM   1183 C CD1 . LEU A 1 149 ? -12.173 -11.141 -5.772  1.00 33.32  ? 205 LEU A CD1 1 
ATOM   1184 C CD2 . LEU A 1 149 ? -11.042 -10.899 -7.979  1.00 27.64  ? 205 LEU A CD2 1 
ATOM   1185 N N   . SER A 1 150 ? -15.964 -10.392 -9.656  1.00 39.95  ? 206 SER A N   1 
ATOM   1186 C CA  . SER A 1 150 ? -16.721 -10.421 -10.904 1.00 40.66  ? 206 SER A CA  1 
ATOM   1187 C C   . SER A 1 150 ? -15.816 -10.448 -12.130 1.00 39.90  ? 206 SER A C   1 
ATOM   1188 O O   . SER A 1 150 ? -15.743 -11.455 -12.833 1.00 41.39  ? 206 SER A O   1 
ATOM   1189 C CB  . SER A 1 150 ? -17.689 -9.233  -10.989 1.00 45.96  ? 206 SER A CB  1 
ATOM   1190 O OG  . SER A 1 150 ? -16.999 -7.994  -11.100 1.00 43.64  ? 206 SER A OG  1 
ATOM   1191 N N   . LYS A 1 151 ? -15.132 -9.333  -12.377 1.00 42.78  ? 207 LYS A N   1 
ATOM   1192 C CA  . LYS A 1 151 ? -14.345 -9.165  -13.596 1.00 41.83  ? 207 LYS A CA  1 
ATOM   1193 C C   . LYS A 1 151 ? -13.105 -10.055 -13.615 1.00 36.82  ? 207 LYS A C   1 
ATOM   1194 O O   . LYS A 1 151 ? -12.953 -10.952 -12.781 1.00 28.78  ? 207 LYS A O   1 
ATOM   1195 C CB  . LYS A 1 151 ? -13.971 -7.691  -13.814 1.00 38.56  ? 207 LYS A CB  1 
ATOM   1196 C CG  . LYS A 1 151 ? -15.172 -6.763  -14.061 1.00 36.63  ? 207 LYS A CG  1 
ATOM   1197 C CD  . LYS A 1 151 ? -14.816 -5.668  -15.073 1.00 43.10  ? 207 LYS A CD  1 
ATOM   1198 C CE  . LYS A 1 151 ? -15.882 -4.576  -15.178 1.00 39.99  ? 207 LYS A CE  1 
ATOM   1199 N NZ  . LYS A 1 151 ? -15.462 -3.503  -16.137 1.00 33.37  ? 207 LYS A NZ  1 
ATOM   1200 N N   . LYS A 1 152 ? -12.226 -9.792  -14.577 1.00 41.68  ? 208 LYS A N   1 
ATOM   1201 C CA  . LYS A 1 152 ? -11.041 -10.618 -14.805 1.00 42.88  ? 208 LYS A CA  1 
ATOM   1202 C C   . LYS A 1 152 ? -9.815  -10.056 -14.090 1.00 42.76  ? 208 LYS A C   1 
ATOM   1203 O O   . LYS A 1 152 ? -8.709  -10.590 -14.207 1.00 40.53  ? 208 LYS A O   1 
ATOM   1204 C CB  . LYS A 1 152 ? -10.775 -10.734 -16.307 1.00 44.86  ? 208 LYS A CB  1 
ATOM   1205 C CG  . LYS A 1 152 ? -11.784 -11.621 -17.028 1.00 55.06  ? 208 LYS A CG  1 
ATOM   1206 C CD  . LYS A 1 152 ? -11.970 -11.227 -18.489 1.00 62.63  ? 208 LYS A CD  1 
ATOM   1207 C CE  . LYS A 1 152 ? -13.165 -11.965 -19.099 1.00 66.79  ? 208 LYS A CE  1 
ATOM   1208 N NZ  . LYS A 1 152 ? -13.404 -11.615 -20.531 1.00 73.29  ? 208 LYS A NZ  1 
ATOM   1209 N N   . GLY A 1 153 ? -10.027 -8.979  -13.343 1.00 44.91  ? 209 GLY A N   1 
ATOM   1210 C CA  . GLY A 1 153 ? -8.956  -8.320  -12.619 1.00 39.96  ? 209 GLY A CA  1 
ATOM   1211 C C   . GLY A 1 153 ? -9.459  -7.265  -11.654 1.00 34.57  ? 209 GLY A C   1 
ATOM   1212 O O   . GLY A 1 153 ? -10.659 -6.975  -11.586 1.00 35.94  ? 209 GLY A O   1 
ATOM   1213 N N   . PHE A 1 154 ? -8.534  -6.694  -10.896 1.00 30.01  ? 210 PHE A N   1 
ATOM   1214 C CA  . PHE A 1 154 ? -8.869  -5.649  -9.941  1.00 32.08  ? 210 PHE A CA  1 
ATOM   1215 C C   . PHE A 1 154 ? -7.706  -4.689  -9.760  1.00 29.40  ? 210 PHE A C   1 
ATOM   1216 O O   . PHE A 1 154 ? -6.582  -4.961  -10.175 1.00 29.82  ? 210 PHE A O   1 
ATOM   1217 C CB  . PHE A 1 154 ? -9.263  -6.253  -8.594  1.00 23.66  ? 210 PHE A CB  1 
ATOM   1218 C CG  . PHE A 1 154 ? -8.287  -7.268  -8.081  1.00 25.09  ? 210 PHE A CG  1 
ATOM   1219 C CD1 . PHE A 1 154 ? -7.344  -6.925  -7.129  1.00 27.92  ? 210 PHE A CD1 1 
ATOM   1220 C CD2 . PHE A 1 154 ? -8.307  -8.570  -8.556  1.00 27.37  ? 210 PHE A CD2 1 
ATOM   1221 C CE1 . PHE A 1 154 ? -6.440  -7.858  -6.657  1.00 30.36  ? 210 PHE A CE1 1 
ATOM   1222 C CE2 . PHE A 1 154 ? -7.407  -9.509  -8.087  1.00 27.09  ? 210 PHE A CE2 1 
ATOM   1223 C CZ  . PHE A 1 154 ? -6.475  -9.154  -7.137  1.00 30.80  ? 210 PHE A CZ  1 
ATOM   1224 N N   . TYR A 1 155 ? -7.989  -3.550  -9.151  1.00 25.74  ? 211 TYR A N   1 
ATOM   1225 C CA  . TYR A 1 155 ? -6.940  -2.645  -8.743  1.00 26.66  ? 211 TYR A CA  1 
ATOM   1226 C C   . TYR A 1 155 ? -7.049  -2.526  -7.247  1.00 24.30  ? 211 TYR A C   1 
ATOM   1227 O O   . TYR A 1 155 ? -8.147  -2.653  -6.698  1.00 23.63  ? 211 TYR A O   1 
ATOM   1228 C CB  . TYR A 1 155 ? -7.131  -1.269  -9.369  1.00 31.85  ? 211 TYR A CB  1 
ATOM   1229 C CG  . TYR A 1 155 ? -7.102  -1.250  -10.880 1.00 36.28  ? 211 TYR A CG  1 
ATOM   1230 C CD1 . TYR A 1 155 ? -6.205  -0.445  -11.565 1.00 35.44  ? 211 TYR A CD1 1 
ATOM   1231 C CD2 . TYR A 1 155 ? -7.982  -2.027  -11.622 1.00 42.12  ? 211 TYR A CD2 1 
ATOM   1232 C CE1 . TYR A 1 155 ? -6.183  -0.413  -12.942 1.00 45.56  ? 211 TYR A CE1 1 
ATOM   1233 C CE2 . TYR A 1 155 ? -7.966  -2.006  -13.003 1.00 44.36  ? 211 TYR A CE2 1 
ATOM   1234 C CZ  . TYR A 1 155 ? -7.065  -1.197  -13.657 1.00 46.61  ? 211 TYR A CZ  1 
ATOM   1235 O OH  . TYR A 1 155 ? -7.050  -1.170  -15.030 1.00 51.22  ? 211 TYR A OH  1 
ATOM   1236 N N   . LEU A 1 156 ? -5.914  -2.310  -6.589  1.00 19.85  ? 212 LEU A N   1 
ATOM   1237 C CA  . LEU A 1 156 ? -5.906  -1.951  -5.177  1.00 16.17  ? 212 LEU A CA  1 
ATOM   1238 C C   . LEU A 1 156 ? -5.551  -0.470  -5.038  1.00 22.03  ? 212 LEU A C   1 
ATOM   1239 O O   . LEU A 1 156 ? -4.720  0.068   -5.787  1.00 15.55  ? 212 LEU A O   1 
ATOM   1240 C CB  . LEU A 1 156 ? -4.913  -2.812  -4.393  1.00 16.58  ? 212 LEU A CB  1 
ATOM   1241 C CG  . LEU A 1 156 ? -5.252  -4.283  -4.127  1.00 19.38  ? 212 LEU A CG  1 
ATOM   1242 C CD1 . LEU A 1 156 ? -4.031  -5.040  -3.619  1.00 14.15  ? 212 LEU A CD1 1 
ATOM   1243 C CD2 . LEU A 1 156 ? -6.398  -4.388  -3.134  1.00 19.49  ? 212 LEU A CD2 1 
ATOM   1244 N N   . ALA A 1 157 ? -6.190  0.194   -4.083  1.00 20.75  ? 213 ALA A N   1 
ATOM   1245 C CA  . ALA A 1 157 ? -5.921  1.601   -3.850  1.00 14.65  ? 213 ALA A CA  1 
ATOM   1246 C C   . ALA A 1 157 ? -5.699  1.878   -2.376  1.00 16.60  ? 213 ALA A C   1 
ATOM   1247 O O   . ALA A 1 157 ? -6.512  1.510   -1.520  1.00 14.18  ? 213 ALA A O   1 
ATOM   1248 C CB  . ALA A 1 157 ? -7.046  2.472   -4.398  1.00 14.53  ? 213 ALA A CB  1 
ATOM   1249 N N   . PHE A 1 158 ? -4.586  2.540   -2.090  1.00 15.33  ? 214 PHE A N   1 
ATOM   1250 C CA  . PHE A 1 158 ? -4.294  2.972   -0.743  1.00 13.82  ? 214 PHE A CA  1 
ATOM   1251 C C   . PHE A 1 158 ? -4.503  4.478   -0.620  1.00 16.88  ? 214 PHE A C   1 
ATOM   1252 O O   . PHE A 1 158 ? -3.971  5.253   -1.416  1.00 16.66  ? 214 PHE A O   1 
ATOM   1253 C CB  . PHE A 1 158 ? -2.872  2.571   -0.380  1.00 13.34  ? 214 PHE A CB  1 
ATOM   1254 C CG  . PHE A 1 158 ? -2.577  1.139   -0.671  1.00 14.14  ? 214 PHE A CG  1 
ATOM   1255 C CD1 . PHE A 1 158 ? -3.036  0.141   0.176   1.00 13.67  ? 214 PHE A CD1 1 
ATOM   1256 C CD2 . PHE A 1 158 ? -1.874  0.780   -1.816  1.00 12.66  ? 214 PHE A CD2 1 
ATOM   1257 C CE1 . PHE A 1 158 ? -2.778  -1.197  -0.104  1.00 16.64  ? 214 PHE A CE1 1 
ATOM   1258 C CE2 . PHE A 1 158 ? -1.610  -0.547  -2.103  1.00 13.96  ? 214 PHE A CE2 1 
ATOM   1259 C CZ  . PHE A 1 158 ? -2.066  -1.542  -1.248  1.00 15.33  ? 214 PHE A CZ  1 
ATOM   1260 N N   . GLN A 1 159 ? -5.302  4.883   0.364   1.00 14.18  ? 215 GLN A N   1 
ATOM   1261 C CA  . GLN A 1 159 ? -5.475  6.295   0.661   1.00 15.07  ? 215 GLN A CA  1 
ATOM   1262 C C   . GLN A 1 159 ? -4.844  6.689   1.998   1.00 15.73  ? 215 GLN A C   1 
ATOM   1263 O O   . GLN A 1 159 ? -5.239  6.188   3.049   1.00 13.33  ? 215 GLN A O   1 
ATOM   1264 C CB  . GLN A 1 159 ? -6.952  6.664   0.656   1.00 15.79  ? 215 GLN A CB  1 
ATOM   1265 C CG  . GLN A 1 159 ? -7.235  8.020   1.254   1.00 17.35  ? 215 GLN A CG  1 
ATOM   1266 C CD  . GLN A 1 159 ? -8.648  8.134   1.789   1.00 19.17  ? 215 GLN A CD  1 
ATOM   1267 O OE1 . GLN A 1 159 ? -9.278  7.134   2.120   1.00 18.11  ? 215 GLN A OE1 1 
ATOM   1268 N NE2 . GLN A 1 159 ? -9.145  9.359   1.891   1.00 22.50  ? 215 GLN A NE2 1 
ATOM   1269 N N   . ASP A 1 160 ? -3.850  7.577   1.943   1.00 17.71  ? 216 ASP A N   1 
ATOM   1270 C CA  . ASP A 1 160 ? -3.284  8.194   3.147   1.00 16.44  ? 216 ASP A CA  1 
ATOM   1271 C C   . ASP A 1 160 ? -3.989  9.505   3.487   1.00 17.51  ? 216 ASP A C   1 
ATOM   1272 O O   . ASP A 1 160 ? -4.160  10.386  2.636   1.00 16.16  ? 216 ASP A O   1 
ATOM   1273 C CB  . ASP A 1 160 ? -1.785  8.474   2.975   1.00 19.19  ? 216 ASP A CB  1 
ATOM   1274 C CG  . ASP A 1 160 ? -1.266  9.516   3.965   1.00 19.32  ? 216 ASP A CG  1 
ATOM   1275 O OD1 . ASP A 1 160 ? -1.074  9.172   5.151   1.00 19.50  ? 216 ASP A OD1 1 
ATOM   1276 O OD2 . ASP A 1 160 ? -1.051  10.676  3.556   1.00 16.94  ? 216 ASP A OD2 1 
ATOM   1277 N N   . VAL A 1 161 ? -4.386  9.634   4.745   1.00 20.65  ? 217 VAL A N   1 
ATOM   1278 C CA  . VAL A 1 161 ? -5.016  10.857  5.228   1.00 18.35  ? 217 VAL A CA  1 
ATOM   1279 C C   . VAL A 1 161 ? -4.157  11.562  6.274   1.00 20.20  ? 217 VAL A C   1 
ATOM   1280 O O   . VAL A 1 161 ? -4.680  12.258  7.137   1.00 26.81  ? 217 VAL A O   1 
ATOM   1281 C CB  . VAL A 1 161 ? -6.393  10.571  5.850   1.00 20.88  ? 217 VAL A CB  1 
ATOM   1282 C CG1 . VAL A 1 161 ? -7.413  10.197  4.761   1.00 14.59  ? 217 VAL A CG1 1 
ATOM   1283 C CG2 . VAL A 1 161 ? -6.278  9.492   6.936   1.00 15.40  ? 217 VAL A CG2 1 
ATOM   1284 N N   . GLY A 1 162 ? -2.844  11.380  6.208   1.00 15.45  ? 218 GLY A N   1 
ATOM   1285 C CA  . GLY A 1 162 ? -1.955  12.126  7.076   1.00 19.31  ? 218 GLY A CA  1 
ATOM   1286 C C   . GLY A 1 162 ? -1.148  11.275  8.031   1.00 20.20  ? 218 GLY A C   1 
ATOM   1287 O O   . GLY A 1 162 ? -0.811  11.707  9.126   1.00 19.67  ? 218 GLY A O   1 
ATOM   1288 N N   . ALA A 1 163 ? -0.836  10.056  7.610   1.00 25.52  ? 219 ALA A N   1 
ATOM   1289 C CA  . ALA A 1 163 ? 0.000   9.159   8.397   1.00 23.40  ? 219 ALA A CA  1 
ATOM   1290 C C   . ALA A 1 163 ? 1.428   9.150   7.856   1.00 20.66  ? 219 ALA A C   1 
ATOM   1291 O O   . ALA A 1 163 ? 1.674   9.585   6.734   1.00 17.24  ? 219 ALA A O   1 
ATOM   1292 C CB  . ALA A 1 163 ? -0.586  7.743   8.390   1.00 21.64  ? 219 ALA A CB  1 
ATOM   1293 N N   . CYS A 1 164 ? 2.358   8.649   8.665   1.00 21.10  ? 220 CYS A N   1 
ATOM   1294 C CA  . CYS A 1 164 ? 3.755   8.540   8.268   1.00 17.34  ? 220 CYS A CA  1 
ATOM   1295 C C   . CYS A 1 164 ? 4.110   7.073   8.039   1.00 22.47  ? 220 CYS A C   1 
ATOM   1296 O O   . CYS A 1 164 ? 4.625   6.398   8.934   1.00 24.30  ? 220 CYS A O   1 
ATOM   1297 C CB  . CYS A 1 164 ? 4.650   9.141   9.346   1.00 17.87  ? 220 CYS A CB  1 
ATOM   1298 S SG  . CYS A 1 164 ? 6.352   9.432   8.825   1.00 23.89  ? 220 CYS A SG  1 
ATOM   1299 N N   . ILE A 1 165 ? 3.830   6.574   6.839   1.00 19.97  ? 221 ILE A N   1 
ATOM   1300 C CA  . ILE A 1 165 ? 3.928   5.143   6.592   1.00 18.39  ? 221 ILE A CA  1 
ATOM   1301 C C   . ILE A 1 165 ? 4.899   4.745   5.483   1.00 19.24  ? 221 ILE A C   1 
ATOM   1302 O O   . ILE A 1 165 ? 5.105   5.476   4.504   1.00 15.12  ? 221 ILE A O   1 
ATOM   1303 C CB  . ILE A 1 165 ? 2.545   4.537   6.248   1.00 22.46  ? 221 ILE A CB  1 
ATOM   1304 C CG1 . ILE A 1 165 ? 1.697   5.552   5.487   1.00 21.96  ? 221 ILE A CG1 1 
ATOM   1305 C CG2 . ILE A 1 165 ? 1.807   4.090   7.500   1.00 22.45  ? 221 ILE A CG2 1 
ATOM   1306 C CD1 . ILE A 1 165 ? 0.414   4.948   4.941   1.00 24.66  ? 221 ILE A CD1 1 
ATOM   1307 N N   . ALA A 1 166 ? 5.490   3.568   5.651   1.00 16.62  ? 222 ALA A N   1 
ATOM   1308 C CA  . ALA A 1 166 ? 6.200   2.924   4.567   1.00 16.40  ? 222 ALA A CA  1 
ATOM   1309 C C   . ALA A 1 166 ? 5.513   1.594   4.265   1.00 19.74  ? 222 ALA A C   1 
ATOM   1310 O O   . ALA A 1 166 ? 5.478   0.694   5.114   1.00 18.46  ? 222 ALA A O   1 
ATOM   1311 C CB  . ALA A 1 166 ? 7.660   2.718   4.929   1.00 13.64  ? 222 ALA A CB  1 
ATOM   1312 N N   . LEU A 1 167 ? 4.930   1.490   3.070   1.00 18.44  ? 223 LEU A N   1 
ATOM   1313 C CA  . LEU A 1 167 ? 4.405   0.216   2.569   1.00 19.14  ? 223 LEU A CA  1 
ATOM   1314 C C   . LEU A 1 167 ? 5.553   -0.620  2.053   1.00 16.34  ? 223 LEU A C   1 
ATOM   1315 O O   . LEU A 1 167 ? 6.018   -0.421  0.936   1.00 15.00  ? 223 LEU A O   1 
ATOM   1316 C CB  . LEU A 1 167 ? 3.427   0.441   1.428   1.00 17.48  ? 223 LEU A CB  1 
ATOM   1317 C CG  . LEU A 1 167 ? 1.975   0.071   1.666   1.00 24.36  ? 223 LEU A CG  1 
ATOM   1318 C CD1 . LEU A 1 167 ? 1.174   0.342   0.395   1.00 18.09  ? 223 LEU A CD1 1 
ATOM   1319 C CD2 . LEU A 1 167 ? 1.877   -1.393  2.083   1.00 14.60  ? 223 LEU A CD2 1 
ATOM   1320 N N   . VAL A 1 168 ? 6.013   -1.553  2.868   1.00 15.66  ? 224 VAL A N   1 
ATOM   1321 C CA  . VAL A 1 168 ? 7.222   -2.299  2.557   1.00 17.01  ? 224 VAL A CA  1 
ATOM   1322 C C   . VAL A 1 168 ? 6.933   -3.593  1.756   1.00 15.56  ? 224 VAL A C   1 
ATOM   1323 O O   . VAL A 1 168 ? 7.786   -4.087  1.016   1.00 14.70  ? 224 VAL A O   1 
ATOM   1324 C CB  . VAL A 1 168 ? 8.039   -2.529  3.851   1.00 14.88  ? 224 VAL A CB  1 
ATOM   1325 C CG1 . VAL A 1 168 ? 9.195   -3.469  3.625   1.00 16.69  ? 224 VAL A CG1 1 
ATOM   1326 C CG2 . VAL A 1 168 ? 8.545   -1.197  4.350   1.00 16.04  ? 224 VAL A CG2 1 
ATOM   1327 N N   . SER A 1 169 ? 5.717   -4.117  1.884   1.00 14.71  ? 225 SER A N   1 
ATOM   1328 C CA  . SER A 1 169 ? 5.277   -5.246  1.074   1.00 15.68  ? 225 SER A CA  1 
ATOM   1329 C C   . SER A 1 169 ? 3.766   -5.274  0.938   1.00 14.73  ? 225 SER A C   1 
ATOM   1330 O O   . SER A 1 169 ? 3.051   -5.095  1.917   1.00 14.05  ? 225 SER A O   1 
ATOM   1331 C CB  . SER A 1 169 ? 5.766   -6.587  1.644   1.00 17.21  ? 225 SER A CB  1 
ATOM   1332 O OG  . SER A 1 169 ? 5.293   -7.679  0.851   1.00 13.92  ? 225 SER A OG  1 
ATOM   1333 N N   . VAL A 1 170 ? 3.304   -5.495  -0.288  1.00 14.01  ? 226 VAL A N   1 
ATOM   1334 C CA  . VAL A 1 170 ? 1.901   -5.710  -0.585  1.00 13.67  ? 226 VAL A CA  1 
ATOM   1335 C C   . VAL A 1 170 ? 1.812   -7.003  -1.360  1.00 17.17  ? 226 VAL A C   1 
ATOM   1336 O O   . VAL A 1 170 ? 2.394   -7.116  -2.436  1.00 19.30  ? 226 VAL A O   1 
ATOM   1337 C CB  . VAL A 1 170 ? 1.320   -4.630  -1.501  1.00 15.74  ? 226 VAL A CB  1 
ATOM   1338 C CG1 . VAL A 1 170 ? -0.106  -5.013  -1.921  1.00 15.63  ? 226 VAL A CG1 1 
ATOM   1339 C CG2 . VAL A 1 170 ? 1.357   -3.269  -0.835  1.00 12.43  ? 226 VAL A CG2 1 
ATOM   1340 N N   . ARG A 1 171 ? 1.074   -7.972  -0.832  1.00 17.83  ? 227 ARG A N   1 
ATOM   1341 C CA  . ARG A 1 171 ? 0.956   -9.274  -1.487  1.00 21.96  ? 227 ARG A CA  1 
ATOM   1342 C C   . ARG A 1 171 ? -0.492  -9.727  -1.692  1.00 19.46  ? 227 ARG A C   1 
ATOM   1343 O O   . ARG A 1 171 ? -1.283  -9.758  -0.751  1.00 21.28  ? 227 ARG A O   1 
ATOM   1344 C CB  . ARG A 1 171 ? 1.723   -10.320 -0.687  1.00 22.61  ? 227 ARG A CB  1 
ATOM   1345 C CG  . ARG A 1 171 ? 1.714   -11.694 -1.281  1.00 18.75  ? 227 ARG A CG  1 
ATOM   1346 C CD  . ARG A 1 171 ? 2.624   -12.592 -0.483  1.00 17.08  ? 227 ARG A CD  1 
ATOM   1347 N NE  . ARG A 1 171 ? 2.258   -13.985 -0.674  1.00 26.11  ? 227 ARG A NE  1 
ATOM   1348 C CZ  . ARG A 1 171 ? 1.722   -14.759 0.260   1.00 26.55  ? 227 ARG A CZ  1 
ATOM   1349 N NH1 . ARG A 1 171 ? 1.511   -14.297 1.481   1.00 20.40  ? 227 ARG A NH1 1 
ATOM   1350 N NH2 . ARG A 1 171 ? 1.415   -16.013 -0.028  1.00 40.07  ? 227 ARG A NH2 1 
ATOM   1351 N N   . VAL A 1 172 ? -0.844  -10.062 -2.925  1.00 17.85  ? 228 VAL A N   1 
ATOM   1352 C CA  . VAL A 1 172 ? -2.160  -10.631 -3.186  1.00 23.70  ? 228 VAL A CA  1 
ATOM   1353 C C   . VAL A 1 172 ? -2.044  -12.095 -3.619  1.00 26.25  ? 228 VAL A C   1 
ATOM   1354 O O   . VAL A 1 172 ? -1.150  -12.468 -4.380  1.00 19.41  ? 228 VAL A O   1 
ATOM   1355 C CB  . VAL A 1 172 ? -2.938  -9.832  -4.234  1.00 20.68  ? 228 VAL A CB  1 
ATOM   1356 C CG1 . VAL A 1 172 ? -4.411  -10.228 -4.210  1.00 22.53  ? 228 VAL A CG1 1 
ATOM   1357 C CG2 . VAL A 1 172 ? -2.792  -8.374  -3.968  1.00 18.22  ? 228 VAL A CG2 1 
ATOM   1358 N N   . TYR A 1 173 ? -2.952  -12.925 -3.121  1.00 29.25  ? 229 TYR A N   1 
ATOM   1359 C CA  . TYR A 1 173 ? -2.895  -14.347 -3.419  1.00 29.41  ? 229 TYR A CA  1 
ATOM   1360 C C   . TYR A 1 173 ? -4.204  -15.058 -3.124  1.00 32.24  ? 229 TYR A C   1 
ATOM   1361 O O   . TYR A 1 173 ? -4.877  -14.752 -2.135  1.00 30.67  ? 229 TYR A O   1 
ATOM   1362 C CB  . TYR A 1 173 ? -1.785  -15.003 -2.609  1.00 26.67  ? 229 TYR A CB  1 
ATOM   1363 C CG  . TYR A 1 173 ? -2.023  -14.968 -1.122  1.00 31.13  ? 229 TYR A CG  1 
ATOM   1364 C CD1 . TYR A 1 173 ? -2.806  -15.932 -0.495  1.00 28.37  ? 229 TYR A CD1 1 
ATOM   1365 C CD2 . TYR A 1 173 ? -1.463  -13.964 -0.337  1.00 31.60  ? 229 TYR A CD2 1 
ATOM   1366 C CE1 . TYR A 1 173 ? -3.017  -15.900 0.868   1.00 26.56  ? 229 TYR A CE1 1 
ATOM   1367 C CE2 . TYR A 1 173 ? -1.676  -13.927 1.026   1.00 29.33  ? 229 TYR A CE2 1 
ATOM   1368 C CZ  . TYR A 1 173 ? -2.447  -14.896 1.623   1.00 24.85  ? 229 TYR A CZ  1 
ATOM   1369 O OH  . TYR A 1 173 ? -2.629  -14.836 2.977   1.00 17.62  ? 229 TYR A OH  1 
ATOM   1370 N N   . TYR A 1 174 ? -4.546  -16.033 -3.968  1.00 39.30  ? 230 TYR A N   1 
ATOM   1371 C CA  . TYR A 1 174 ? -5.685  -16.917 -3.700  1.00 38.13  ? 230 TYR A CA  1 
ATOM   1372 C C   . TYR A 1 174 ? -5.216  -18.268 -3.133  1.00 39.74  ? 230 TYR A C   1 
ATOM   1373 O O   . TYR A 1 174 ? -4.059  -18.649 -3.316  1.00 37.29  ? 230 TYR A O   1 
ATOM   1374 C CB  . TYR A 1 174 ? -6.547  -17.090 -4.946  1.00 36.26  ? 230 TYR A CB  1 
ATOM   1375 C CG  . TYR A 1 174 ? -5.961  -17.978 -6.015  1.00 38.82  ? 230 TYR A CG  1 
ATOM   1376 C CD1 . TYR A 1 174 ? -5.421  -17.439 -7.174  1.00 37.71  ? 230 TYR A CD1 1 
ATOM   1377 C CD2 . TYR A 1 174 ? -5.971  -19.363 -5.876  1.00 43.47  ? 230 TYR A CD2 1 
ATOM   1378 C CE1 . TYR A 1 174 ? -4.895  -18.258 -8.162  1.00 41.63  ? 230 TYR A CE1 1 
ATOM   1379 C CE2 . TYR A 1 174 ? -5.451  -20.188 -6.853  1.00 40.95  ? 230 TYR A CE2 1 
ATOM   1380 C CZ  . TYR A 1 174 ? -4.915  -19.632 -7.992  1.00 42.73  ? 230 TYR A CZ  1 
ATOM   1381 O OH  . TYR A 1 174 ? -4.398  -20.457 -8.963  1.00 52.56  ? 230 TYR A OH  1 
ATOM   1382 N N   . LYS A 1 175 ? -6.115  -18.984 -2.455  1.00 40.71  ? 231 LYS A N   1 
ATOM   1383 C CA  . LYS A 1 175 ? -5.725  -20.110 -1.597  1.00 42.71  ? 231 LYS A CA  1 
ATOM   1384 C C   . LYS A 1 175 ? -6.030  -21.521 -2.109  1.00 48.93  ? 231 LYS A C   1 
ATOM   1385 O O   . LYS A 1 175 ? -5.776  -22.490 -1.395  1.00 55.24  ? 231 LYS A O   1 
ATOM   1386 C CB  . LYS A 1 175 ? -6.365  -19.962 -0.211  1.00 42.10  ? 231 LYS A CB  1 
ATOM   1387 C CG  . LYS A 1 175 ? -5.616  -19.068 0.773   1.00 44.10  ? 231 LYS A CG  1 
ATOM   1388 C CD  . LYS A 1 175 ? -6.400  -18.959 2.079   1.00 39.12  ? 231 LYS A CD  1 
ATOM   1389 C CE  . LYS A 1 175 ? -5.558  -18.427 3.238   1.00 43.53  ? 231 LYS A CE  1 
ATOM   1390 N NZ  . LYS A 1 175 ? -6.274  -18.556 4.549   1.00 26.89  ? 231 LYS A NZ  1 
ATOM   1391 N N   . GLU A 1 176 ? -6.558  -21.635 -3.325  1.00 53.01  ? 232 GLU A N   1 
ATOM   1392 C CA  . GLU A 1 176 ? -7.062  -22.912 -3.863  1.00 60.94  ? 232 GLU A CA  1 
ATOM   1393 C C   . GLU A 1 176 ? -7.070  -24.090 -2.879  1.00 65.11  ? 232 GLU A C   1 
ATOM   1394 O O   . GLU A 1 176 ? -6.034  -24.690 -2.589  1.00 66.81  ? 232 GLU A O   1 
ATOM   1395 C CB  . GLU A 1 176 ? -6.349  -23.301 -5.165  1.00 58.01  ? 232 GLU A CB  1 
ATOM   1396 C CG  . GLU A 1 176 ? -4.909  -23.771 -5.018  1.00 61.78  ? 232 GLU A CG  1 
ATOM   1397 C CD  . GLU A 1 176 ? -4.267  -24.087 -6.364  1.00 62.29  ? 232 GLU A CD  1 
ATOM   1398 O OE1 . GLU A 1 176 ? -3.099  -24.538 -6.389  1.00 60.26  ? 232 GLU A OE1 1 
ATOM   1399 O OE2 . GLU A 1 176 ? -4.938  -23.884 -7.401  1.00 64.73  ? 232 GLU A OE2 1 
HETATM 1400 O O   . HOH B 2 .   ? 3.205   -8.840  1.959   1.00 19.47  ? 301 HOH A O   1 
HETATM 1401 O O   . HOH B 2 .   ? 8.286   8.681   -6.104  1.00 15.24  ? 302 HOH A O   1 
HETATM 1402 O O   . HOH B 2 .   ? 10.316  -4.593  -5.927  1.00 21.88  ? 303 HOH A O   1 
HETATM 1403 O O   . HOH B 2 .   ? -3.263  7.841   6.534   1.00 20.96  ? 304 HOH A O   1 
HETATM 1404 O O   . HOH B 2 .   ? -11.673 -8.956  -10.255 1.00 27.30  ? 305 HOH A O   1 
HETATM 1405 O O   . HOH B 2 .   ? 5.571   12.263  -4.632  1.00 20.44  ? 306 HOH A O   1 
HETATM 1406 O O   . HOH B 2 .   ? 1.192   11.715  5.247   1.00 16.18  ? 307 HOH A O   1 
HETATM 1407 O O   . HOH B 2 .   ? 1.850   7.971   11.570  1.00 19.39  ? 308 HOH A O   1 
HETATM 1408 O O   . HOH B 2 .   ? 5.888   -8.384  10.332  1.00 24.27  ? 309 HOH A O   1 
HETATM 1409 O O   . HOH B 2 .   ? -3.126  2.770   14.744  1.00 21.47  ? 310 HOH A O   1 
HETATM 1410 O O   . HOH B 2 .   ? 12.482  0.188   -1.102  1.00 17.72  ? 311 HOH A O   1 
HETATM 1411 O O   . HOH B 2 .   ? -15.054 -18.324 0.170   1.00 24.12  ? 312 HOH A O   1 
HETATM 1412 O O   . HOH B 2 .   ? 6.133   12.446  1.801   1.00 16.85  ? 313 HOH A O   1 
HETATM 1413 O O   . HOH B 2 .   ? 16.236  -0.221  17.859  1.00 44.04  ? 314 HOH A O   1 
HETATM 1414 O O   . HOH B 2 .   ? 7.412   -3.541  -1.811  1.00 12.93  ? 315 HOH A O   1 
HETATM 1415 O O   . HOH B 2 .   ? -4.050  -9.527  9.557   1.00 23.52  ? 316 HOH A O   1 
HETATM 1416 O O   . HOH B 2 .   ? -13.288 0.474   8.235   1.00 22.16  ? 317 HOH A O   1 
HETATM 1417 O O   . HOH B 2 .   ? 0.887   15.536  -1.135  1.00 32.11  ? 318 HOH A O   1 
HETATM 1418 O O   . HOH B 2 .   ? -5.612  -3.020  11.545  1.00 22.63  ? 319 HOH A O   1 
HETATM 1419 O O   . HOH B 2 .   ? -0.928  -4.529  12.629  1.00 24.83  ? 320 HOH A O   1 
HETATM 1420 O O   . HOH B 2 .   ? 4.402   22.239  21.943  1.00 24.92  ? 321 HOH A O   1 
HETATM 1421 O O   . HOH B 2 .   ? 5.127   19.423  21.501  1.00 27.70  ? 322 HOH A O   1 
HETATM 1422 O O   . HOH B 2 .   ? 6.199   0.385   12.298  1.00 25.21  ? 323 HOH A O   1 
HETATM 1423 O O   . HOH B 2 .   ? -2.075  -11.384 -11.691 1.00 20.34  ? 324 HOH A O   1 
HETATM 1424 O O   . HOH B 2 .   ? -0.320  11.140  -11.117 1.00 24.57  ? 325 HOH A O   1 
HETATM 1425 O O   . HOH B 2 .   ? -3.857  15.444  -0.853  1.00 14.51  ? 326 HOH A O   1 
HETATM 1426 O O   . HOH B 2 .   ? 7.413   7.024   5.472   1.00 13.76  ? 327 HOH A O   1 
HETATM 1427 O O   . HOH B 2 .   ? -7.156  6.059   8.467   1.00 19.79  ? 328 HOH A O   1 
HETATM 1428 O O   . HOH B 2 .   ? 2.371   -7.232  12.981  1.00 23.53  ? 329 HOH A O   1 
HETATM 1429 O O   . HOH B 2 .   ? -6.255  -23.708 1.226   1.00 38.62  ? 330 HOH A O   1 
HETATM 1430 O O   . HOH B 2 .   ? 5.890   22.392  19.513  1.00 24.41  ? 331 HOH A O   1 
HETATM 1431 O O   . HOH B 2 .   ? 30.352  -4.078  -10.629 1.00 19.69  ? 332 HOH A O   1 
HETATM 1432 O O   . HOH B 2 .   ? -0.060  10.410  -3.911  1.00 13.57  ? 333 HOH A O   1 
HETATM 1433 O O   . HOH B 2 .   ? -14.832 -17.600 -10.841 1.00 25.35  ? 334 HOH A O   1 
HETATM 1434 O O   . HOH B 2 .   ? 0.721   -3.939  -10.251 1.00 24.65  ? 335 HOH A O   1 
HETATM 1435 O O   . HOH B 2 .   ? -0.731  -14.139 4.374   1.00 22.66  ? 336 HOH A O   1 
# 
